data_1W8Q
#
_entry.id   1W8Q
#
_cell.length_a   104.560
_cell.length_b   94.370
_cell.length_c   106.960
_cell.angle_alpha   90.00
_cell.angle_beta   94.05
_cell.angle_gamma   90.00
#
_symmetry.space_group_name_H-M   'P 1 21 1'
#
loop_
_entity.id
_entity.type
_entity.pdbx_description
1 polymer 'D-ALANYL-D-ALANINE CARBOXYPEPTIDASE'
2 non-polymer 'SULFATE ION'
3 non-polymer 'COBALT (II) ION'
4 water water
#
_entity_poly.entity_id   1
_entity_poly.type   'polypeptide(L)'
_entity_poly.pdbx_seq_one_letter_code
;RLTELREDIDAILEDPALEGAVSGVVVVDTATGEELYSRDGGEQLLPASNMKLFTAAAALEVLGADHSFGTEVAAESAPG
RRGEVQDLYLVGRGDPTLSAEDLDAMAAEVAASGVRTVRGDLYADDTWFDSERLVDDWWPEDEPYAYSAQISALTVAHGE
RFDTGVTEVSVTPAAEGEPADVDLGAAEGYAELDNRAVTGAAGSANTLVIDRPVGTNTIAVTGSLPADAAPVTALRTVDE
PAALAGHLFEEALESNGVTVKGDVGLGGVPADWQDAEVLADHTSAELSEILVPFMKFSNNGHAEMLVKSIGQETAGAGTW
DAGLVGVEEALSGLGVDTAGLVLNDGSGLSRGNLVTADTVVDLLGQAGSAPWAQTWSASLPVAGESDPFVGGTLANRMRG
TAAEGVVEAKTGTMSGVSALSGYVPGPEGELAFSIVNNGHSGPAPLAVQDAIAVRLAEYAGHQAPEGARMMRGPVQGSGE
LECSWVQAC
;
_entity_poly.pdbx_strand_id   A,B,C,D
#
# COMPACT_ATOMS: atom_id res chain seq x y z
N ARG A 1 -52.87 3.12 -79.04
CA ARG A 1 -51.94 3.84 -78.12
C ARG A 1 -51.05 2.88 -77.33
N LEU A 2 -51.66 1.86 -76.74
CA LEU A 2 -50.93 0.89 -75.93
C LEU A 2 -49.70 0.33 -76.67
N THR A 3 -49.91 -0.17 -77.88
CA THR A 3 -48.85 -0.73 -78.69
C THR A 3 -47.69 0.24 -78.86
N GLU A 4 -48.02 1.50 -79.10
CA GLU A 4 -47.01 2.53 -79.28
C GLU A 4 -46.19 2.66 -78.01
N LEU A 5 -46.87 2.74 -76.87
CA LEU A 5 -46.18 2.86 -75.58
C LEU A 5 -45.14 1.77 -75.40
N ARG A 6 -45.54 0.53 -75.65
CA ARG A 6 -44.64 -0.61 -75.51
C ARG A 6 -43.40 -0.48 -76.38
N GLU A 7 -43.60 -0.17 -77.66
CA GLU A 7 -42.48 0.00 -78.59
C GLU A 7 -41.57 1.12 -78.10
N ASP A 8 -42.17 2.21 -77.64
CA ASP A 8 -41.39 3.35 -77.16
C ASP A 8 -40.51 2.98 -75.98
N ILE A 9 -41.03 2.19 -75.03
CA ILE A 9 -40.24 1.79 -73.90
C ILE A 9 -39.13 0.84 -74.36
N ASP A 10 -39.47 -0.09 -75.24
CA ASP A 10 -38.50 -1.04 -75.79
C ASP A 10 -37.33 -0.29 -76.40
N ALA A 11 -37.65 0.78 -77.11
CA ALA A 11 -36.65 1.62 -77.76
C ALA A 11 -35.80 2.29 -76.69
N ILE A 12 -36.43 2.97 -75.75
CA ILE A 12 -35.72 3.63 -74.67
C ILE A 12 -34.78 2.66 -73.98
N LEU A 13 -35.26 1.44 -73.76
CA LEU A 13 -34.44 0.43 -73.10
C LEU A 13 -33.25 0.01 -73.97
N GLU A 14 -33.27 0.39 -75.24
CA GLU A 14 -32.18 0.06 -76.15
C GLU A 14 -30.97 0.96 -75.94
N ASP A 15 -31.06 1.88 -74.99
CA ASP A 15 -29.97 2.80 -74.69
C ASP A 15 -28.66 2.08 -74.39
N PRO A 16 -27.54 2.55 -74.97
CA PRO A 16 -26.24 1.93 -74.73
C PRO A 16 -25.77 2.09 -73.27
N ALA A 17 -26.43 2.99 -72.53
CA ALA A 17 -26.08 3.20 -71.13
C ALA A 17 -26.51 2.02 -70.28
N LEU A 18 -27.28 1.12 -70.88
CA LEU A 18 -27.76 -0.06 -70.18
C LEU A 18 -27.09 -1.34 -70.67
N GLU A 19 -25.91 -1.21 -71.27
CA GLU A 19 -25.23 -2.41 -71.76
C GLU A 19 -24.71 -3.25 -70.61
N GLY A 20 -24.91 -4.56 -70.73
CA GLY A 20 -24.46 -5.47 -69.70
C GLY A 20 -25.23 -5.30 -68.40
N ALA A 21 -26.37 -4.62 -68.49
CA ALA A 21 -27.18 -4.38 -67.31
C ALA A 21 -28.56 -5.02 -67.39
N VAL A 22 -28.90 -5.83 -66.39
CA VAL A 22 -30.21 -6.46 -66.34
C VAL A 22 -31.16 -5.40 -65.77
N SER A 23 -32.28 -5.17 -66.45
CA SER A 23 -33.23 -4.16 -65.99
C SER A 23 -34.63 -4.69 -65.83
N GLY A 24 -35.17 -4.57 -64.62
CA GLY A 24 -36.52 -5.02 -64.36
C GLY A 24 -37.42 -3.84 -64.58
N VAL A 25 -38.35 -3.97 -65.51
CA VAL A 25 -39.28 -2.88 -65.81
C VAL A 25 -40.73 -3.37 -65.83
N VAL A 26 -41.55 -2.78 -64.97
CA VAL A 26 -42.95 -3.15 -64.87
C VAL A 26 -43.86 -1.92 -64.78
N VAL A 27 -44.93 -1.93 -65.54
CA VAL A 27 -45.87 -0.82 -65.49
C VAL A 27 -47.27 -1.39 -65.45
N VAL A 28 -48.06 -0.91 -64.51
CA VAL A 28 -49.41 -1.39 -64.36
C VAL A 28 -50.37 -0.25 -64.09
N ASP A 29 -51.58 -0.37 -64.65
CA ASP A 29 -52.61 0.64 -64.48
C ASP A 29 -53.37 0.32 -63.20
N THR A 30 -53.07 1.09 -62.14
CA THR A 30 -53.68 0.90 -60.81
C THR A 30 -55.18 0.76 -60.88
N ALA A 31 -55.82 1.62 -61.64
CA ALA A 31 -57.26 1.56 -61.79
C ALA A 31 -57.66 0.19 -62.35
N THR A 32 -57.62 0.04 -63.68
CA THR A 32 -57.99 -1.20 -64.34
C THR A 32 -57.24 -2.46 -63.87
N GLY A 33 -56.00 -2.30 -63.40
CA GLY A 33 -55.22 -3.45 -62.95
C GLY A 33 -54.51 -4.11 -64.11
N GLU A 34 -54.65 -3.48 -65.27
CA GLU A 34 -54.04 -3.94 -66.52
C GLU A 34 -52.52 -3.85 -66.47
N GLU A 35 -51.84 -4.79 -67.12
CA GLU A 35 -50.38 -4.80 -67.15
C GLU A 35 -49.87 -4.15 -68.43
N LEU A 36 -49.62 -2.85 -68.37
CA LEU A 36 -49.15 -2.09 -69.52
C LEU A 36 -47.80 -2.50 -70.06
N TYR A 37 -46.91 -2.98 -69.20
CA TYR A 37 -45.58 -3.37 -69.65
C TYR A 37 -44.89 -4.20 -68.58
N SER A 38 -43.99 -5.08 -69.00
CA SER A 38 -43.24 -5.92 -68.08
C SER A 38 -42.05 -6.54 -68.79
N ARG A 39 -40.90 -6.53 -68.12
CA ARG A 39 -39.67 -7.08 -68.66
C ARG A 39 -38.80 -7.51 -67.49
N ASP A 40 -38.61 -8.81 -67.35
CA ASP A 40 -37.82 -9.34 -66.24
C ASP A 40 -38.44 -8.90 -64.92
N GLY A 41 -39.76 -8.79 -64.90
CA GLY A 41 -40.45 -8.39 -63.68
C GLY A 41 -40.20 -9.32 -62.51
N GLY A 42 -39.79 -10.55 -62.79
CA GLY A 42 -39.55 -11.49 -61.71
C GLY A 42 -38.06 -11.65 -61.40
N GLU A 43 -37.24 -10.86 -62.07
CA GLU A 43 -35.79 -10.89 -61.90
C GLU A 43 -35.39 -10.26 -60.57
N GLN A 44 -34.64 -11.01 -59.75
CA GLN A 44 -34.20 -10.49 -58.46
C GLN A 44 -33.03 -9.52 -58.64
N LEU A 45 -33.24 -8.29 -58.21
CA LEU A 45 -32.22 -7.26 -58.34
C LEU A 45 -32.07 -6.43 -57.08
N LEU A 46 -30.91 -5.79 -56.93
CA LEU A 46 -30.66 -4.92 -55.79
C LEU A 46 -31.52 -3.68 -56.02
N PRO A 47 -32.30 -3.28 -55.01
CA PRO A 47 -33.16 -2.10 -55.14
C PRO A 47 -32.58 -0.76 -54.70
N ALA A 48 -31.43 -0.79 -54.03
CA ALA A 48 -30.82 0.43 -53.52
C ALA A 48 -31.83 1.07 -52.56
N SER A 49 -32.00 2.38 -52.62
CA SER A 49 -32.93 3.05 -51.73
C SER A 49 -34.40 2.70 -51.92
N ASN A 50 -34.74 2.13 -53.08
CA ASN A 50 -36.12 1.74 -53.35
C ASN A 50 -36.62 0.79 -52.27
N MET A 51 -35.66 0.18 -51.57
CA MET A 51 -35.94 -0.73 -50.48
C MET A 51 -36.71 0.02 -49.39
N LYS A 52 -36.50 1.32 -49.29
CA LYS A 52 -37.16 2.15 -48.28
C LYS A 52 -38.67 2.10 -48.46
N LEU A 53 -39.10 1.82 -49.68
CA LEU A 53 -40.53 1.73 -49.96
C LEU A 53 -41.16 0.66 -49.07
N PHE A 54 -40.55 -0.52 -49.06
CA PHE A 54 -41.03 -1.63 -48.26
C PHE A 54 -40.94 -1.33 -46.76
N THR A 55 -39.89 -0.62 -46.36
CA THR A 55 -39.73 -0.26 -44.96
C THR A 55 -40.77 0.78 -44.54
N ALA A 56 -41.00 1.75 -45.42
CA ALA A 56 -41.96 2.81 -45.15
C ALA A 56 -43.37 2.26 -45.00
N ALA A 57 -43.76 1.37 -45.91
CA ALA A 57 -45.08 0.76 -45.84
C ALA A 57 -45.18 -0.04 -44.55
N ALA A 58 -44.18 -0.88 -44.28
CA ALA A 58 -44.19 -1.67 -43.05
C ALA A 58 -44.34 -0.78 -41.83
N ALA A 59 -43.67 0.37 -41.84
CA ALA A 59 -43.74 1.30 -40.73
C ALA A 59 -45.16 1.82 -40.49
N LEU A 60 -45.88 2.15 -41.57
CA LEU A 60 -47.25 2.65 -41.45
C LEU A 60 -48.18 1.57 -40.93
N GLU A 61 -47.95 0.34 -41.36
CA GLU A 61 -48.75 -0.80 -40.93
C GLU A 61 -48.55 -1.13 -39.46
N VAL A 62 -47.29 -1.26 -39.05
CA VAL A 62 -46.95 -1.63 -37.69
C VAL A 62 -46.97 -0.49 -36.68
N LEU A 63 -46.47 0.69 -37.06
CA LEU A 63 -46.48 1.83 -36.15
C LEU A 63 -47.68 2.73 -36.42
N GLY A 64 -47.94 3.01 -37.69
CA GLY A 64 -49.07 3.86 -38.04
C GLY A 64 -48.74 5.34 -38.09
N ALA A 65 -49.40 6.05 -39.00
CA ALA A 65 -49.20 7.48 -39.18
C ALA A 65 -49.22 8.22 -37.85
N ASP A 66 -50.09 7.76 -36.96
CA ASP A 66 -50.26 8.34 -35.62
C ASP A 66 -49.02 8.24 -34.74
N HIS A 67 -48.32 7.12 -34.82
CA HIS A 67 -47.13 6.86 -34.01
C HIS A 67 -46.18 8.04 -33.89
N SER A 68 -45.52 8.14 -32.75
CA SER A 68 -44.54 9.19 -32.49
C SER A 68 -43.49 8.61 -31.55
N PHE A 69 -42.36 9.29 -31.42
CA PHE A 69 -41.28 8.78 -30.59
C PHE A 69 -40.99 9.69 -29.40
N GLY A 70 -40.51 9.09 -28.30
CA GLY A 70 -40.24 9.88 -27.12
C GLY A 70 -38.83 9.77 -26.58
N THR A 71 -38.43 10.81 -25.83
CA THR A 71 -37.10 10.88 -25.22
C THR A 71 -37.30 11.34 -23.79
N GLU A 72 -36.62 10.71 -22.84
CA GLU A 72 -36.79 11.11 -21.45
C GLU A 72 -35.49 11.33 -20.70
N VAL A 73 -35.62 11.98 -19.56
CA VAL A 73 -34.51 12.26 -18.68
C VAL A 73 -34.99 11.69 -17.36
N ALA A 74 -34.15 10.94 -16.66
CA ALA A 74 -34.59 10.38 -15.40
C ALA A 74 -33.54 10.34 -14.30
N ALA A 75 -34.03 10.48 -13.07
CA ALA A 75 -33.20 10.44 -11.88
C ALA A 75 -33.86 9.37 -11.03
N GLU A 76 -33.15 8.88 -10.02
CA GLU A 76 -33.73 7.86 -9.17
C GLU A 76 -34.94 8.45 -8.47
N SER A 77 -34.75 9.64 -7.91
CA SER A 77 -35.82 10.35 -7.24
C SER A 77 -35.63 11.84 -7.52
N ALA A 78 -36.75 12.57 -7.55
CA ALA A 78 -36.72 14.01 -7.82
C ALA A 78 -35.73 14.71 -6.91
N PRO A 79 -35.32 15.93 -7.28
CA PRO A 79 -34.36 16.67 -6.46
C PRO A 79 -35.09 17.19 -5.22
N GLY A 80 -34.35 17.77 -4.29
CA GLY A 80 -35.00 18.27 -3.09
C GLY A 80 -34.47 19.59 -2.57
N ARG A 81 -34.08 19.57 -1.30
CA ARG A 81 -33.54 20.72 -0.60
C ARG A 81 -32.57 21.54 -1.46
N ARG A 82 -31.34 21.05 -1.60
CA ARG A 82 -30.34 21.74 -2.38
C ARG A 82 -30.49 21.45 -3.87
N GLY A 83 -31.65 20.91 -4.25
CA GLY A 83 -31.92 20.60 -5.64
C GLY A 83 -30.86 19.73 -6.29
N GLU A 84 -30.29 18.80 -5.53
CA GLU A 84 -29.25 17.92 -6.06
C GLU A 84 -29.77 16.54 -6.47
N VAL A 85 -29.00 15.88 -7.32
CA VAL A 85 -29.30 14.54 -7.80
C VAL A 85 -27.99 13.82 -8.07
N GLN A 86 -28.02 12.49 -8.08
CA GLN A 86 -26.82 11.70 -8.34
C GLN A 86 -26.64 11.46 -9.83
N ASP A 87 -27.01 10.28 -10.30
CA ASP A 87 -26.89 9.96 -11.71
C ASP A 87 -28.10 10.48 -12.46
N LEU A 88 -27.86 10.93 -13.68
CA LEU A 88 -28.92 11.43 -14.54
C LEU A 88 -28.85 10.61 -15.81
N TYR A 89 -30.00 10.14 -16.29
CA TYR A 89 -30.03 9.33 -17.49
C TYR A 89 -30.83 9.97 -18.59
N LEU A 90 -30.25 10.03 -19.79
CA LEU A 90 -30.94 10.57 -20.95
C LEU A 90 -31.33 9.31 -21.72
N VAL A 91 -32.64 9.06 -21.78
CA VAL A 91 -33.17 7.87 -22.41
C VAL A 91 -33.83 8.09 -23.76
N GLY A 92 -33.22 7.55 -24.81
CA GLY A 92 -33.78 7.69 -26.13
C GLY A 92 -34.52 6.45 -26.58
N ARG A 93 -35.65 6.62 -27.22
CA ARG A 93 -36.42 5.50 -27.70
C ARG A 93 -36.74 5.60 -29.19
N GLY A 94 -35.70 5.89 -29.98
CA GLY A 94 -35.88 5.94 -31.41
C GLY A 94 -36.36 7.18 -32.13
N ASP A 95 -36.31 8.33 -31.48
CA ASP A 95 -36.74 9.55 -32.16
C ASP A 95 -35.63 9.89 -33.16
N PRO A 96 -35.97 9.90 -34.45
CA PRO A 96 -34.97 10.21 -35.48
C PRO A 96 -34.88 11.71 -35.80
N THR A 97 -35.63 12.52 -35.06
CA THR A 97 -35.66 13.96 -35.30
C THR A 97 -35.25 14.79 -34.08
N LEU A 98 -34.64 14.13 -33.10
CA LEU A 98 -34.20 14.80 -31.88
C LEU A 98 -33.14 15.87 -32.21
N SER A 99 -33.53 17.13 -32.13
CA SER A 99 -32.59 18.21 -32.42
C SER A 99 -31.85 18.68 -31.16
N ALA A 100 -30.86 19.54 -31.37
CA ALA A 100 -30.11 20.05 -30.24
C ALA A 100 -31.04 21.02 -29.53
N GLU A 101 -31.97 21.58 -30.29
CA GLU A 101 -32.92 22.51 -29.70
C GLU A 101 -33.72 21.71 -28.68
N ASP A 102 -34.25 20.57 -29.11
CA ASP A 102 -35.04 19.70 -28.25
C ASP A 102 -34.27 19.40 -26.97
N LEU A 103 -32.99 19.06 -27.11
CA LEU A 103 -32.15 18.78 -25.95
C LEU A 103 -32.04 19.99 -25.02
N ASP A 104 -31.94 21.17 -25.60
CA ASP A 104 -31.84 22.40 -24.82
C ASP A 104 -33.16 22.64 -24.10
N ALA A 105 -34.25 22.38 -24.79
CA ALA A 105 -35.57 22.54 -24.21
C ALA A 105 -35.70 21.64 -22.98
N MET A 106 -35.12 20.44 -23.07
CA MET A 106 -35.16 19.48 -21.98
C MET A 106 -34.19 19.85 -20.88
N ALA A 107 -33.05 20.40 -21.26
CA ALA A 107 -32.06 20.81 -20.28
C ALA A 107 -32.73 21.86 -19.40
N ALA A 108 -33.65 22.60 -19.99
CA ALA A 108 -34.39 23.64 -19.30
C ALA A 108 -35.34 23.00 -18.31
N GLU A 109 -36.11 22.01 -18.78
CA GLU A 109 -37.06 21.33 -17.91
C GLU A 109 -36.38 20.80 -16.67
N VAL A 110 -35.27 20.10 -16.86
CA VAL A 110 -34.54 19.56 -15.74
C VAL A 110 -34.25 20.68 -14.74
N ALA A 111 -33.91 21.86 -15.24
CA ALA A 111 -33.62 22.99 -14.37
C ALA A 111 -34.91 23.46 -13.68
N ALA A 112 -35.97 23.66 -14.46
CA ALA A 112 -37.26 24.08 -13.92
C ALA A 112 -37.81 23.02 -12.97
N SER A 113 -37.27 21.81 -13.08
CA SER A 113 -37.68 20.69 -12.25
C SER A 113 -37.06 20.84 -10.86
N GLY A 114 -36.20 21.83 -10.72
CA GLY A 114 -35.57 22.08 -9.44
C GLY A 114 -34.14 21.58 -9.33
N VAL A 115 -33.63 20.98 -10.41
CA VAL A 115 -32.26 20.45 -10.39
C VAL A 115 -31.25 21.56 -10.64
N ARG A 116 -30.21 21.59 -9.83
CA ARG A 116 -29.16 22.59 -9.96
C ARG A 116 -27.81 21.89 -10.05
N THR A 117 -27.75 20.67 -9.53
CA THR A 117 -26.51 19.90 -9.54
C THR A 117 -26.73 18.42 -9.78
N VAL A 118 -25.88 17.85 -10.62
CA VAL A 118 -25.92 16.42 -10.94
C VAL A 118 -24.63 15.88 -10.33
N ARG A 119 -24.66 15.66 -9.02
CA ARG A 119 -23.50 15.16 -8.29
C ARG A 119 -22.90 13.91 -8.95
N GLY A 120 -23.73 13.09 -9.57
CA GLY A 120 -23.24 11.89 -10.20
C GLY A 120 -22.80 12.03 -11.64
N ASP A 121 -22.80 10.91 -12.36
CA ASP A 121 -22.40 10.89 -13.76
C ASP A 121 -23.65 11.05 -14.61
N LEU A 122 -23.46 11.52 -15.84
CA LEU A 122 -24.56 11.71 -16.78
C LEU A 122 -24.52 10.57 -17.79
N TYR A 123 -25.54 9.72 -17.81
CA TYR A 123 -25.56 8.59 -18.73
C TYR A 123 -26.55 8.72 -19.88
N ALA A 124 -26.13 8.25 -21.04
CA ALA A 124 -26.96 8.23 -22.24
C ALA A 124 -27.45 6.78 -22.40
N ASP A 125 -28.76 6.60 -22.30
CA ASP A 125 -29.34 5.27 -22.42
C ASP A 125 -30.01 5.10 -23.79
N ASP A 126 -29.44 4.20 -24.58
CA ASP A 126 -29.95 3.91 -25.92
C ASP A 126 -30.27 2.42 -26.03
N THR A 127 -30.36 1.76 -24.88
CA THR A 127 -30.64 0.33 -24.81
C THR A 127 -31.98 -0.11 -25.40
N TRP A 128 -32.77 0.85 -25.89
CA TRP A 128 -34.06 0.54 -26.47
C TRP A 128 -33.83 -0.27 -27.74
N PHE A 129 -32.64 -0.15 -28.29
CA PHE A 129 -32.23 -0.86 -29.50
C PHE A 129 -30.99 -1.64 -29.09
N ASP A 130 -30.58 -2.62 -29.88
CA ASP A 130 -29.36 -3.34 -29.55
C ASP A 130 -28.20 -2.36 -29.84
N SER A 131 -26.96 -2.81 -29.70
CA SER A 131 -25.86 -1.91 -29.97
C SER A 131 -25.24 -2.17 -31.32
N GLU A 132 -25.90 -2.99 -32.14
CA GLU A 132 -25.38 -3.28 -33.47
C GLU A 132 -25.56 -1.99 -34.25
N ARG A 133 -24.46 -1.23 -34.35
CA ARG A 133 -24.44 0.06 -35.03
C ARG A 133 -24.51 0.05 -36.56
N LEU A 134 -23.86 -0.92 -37.19
CA LEU A 134 -23.87 -0.99 -38.65
C LEU A 134 -24.30 -2.36 -39.14
N VAL A 135 -24.93 -2.38 -40.30
CA VAL A 135 -25.36 -3.65 -40.88
C VAL A 135 -24.11 -4.47 -41.25
N ASP A 136 -24.18 -5.77 -41.00
CA ASP A 136 -23.09 -6.70 -41.31
C ASP A 136 -22.34 -6.46 -42.63
N ASP A 137 -23.05 -6.27 -43.73
CA ASP A 137 -22.37 -6.08 -45.01
C ASP A 137 -22.23 -4.65 -45.56
N TRP A 138 -22.21 -3.65 -44.69
CA TRP A 138 -22.03 -2.29 -45.15
C TRP A 138 -20.53 -2.10 -45.33
N TRP A 139 -20.09 -1.45 -46.39
CA TRP A 139 -18.66 -1.26 -46.59
C TRP A 139 -18.07 -0.27 -45.58
N PRO A 140 -17.05 -0.68 -44.83
CA PRO A 140 -16.46 0.24 -43.85
C PRO A 140 -15.92 1.54 -44.44
N GLU A 141 -15.70 1.56 -45.75
CA GLU A 141 -15.18 2.77 -46.40
C GLU A 141 -16.26 3.84 -46.53
N ASP A 142 -17.52 3.46 -46.38
CA ASP A 142 -18.63 4.40 -46.45
C ASP A 142 -18.94 4.97 -45.07
N GLU A 143 -18.31 4.42 -44.05
CA GLU A 143 -18.56 4.84 -42.68
C GLU A 143 -18.41 6.30 -42.30
N PRO A 144 -17.49 7.03 -42.95
CA PRO A 144 -17.34 8.44 -42.57
C PRO A 144 -18.49 9.33 -43.02
N TYR A 145 -19.38 8.81 -43.85
CA TYR A 145 -20.47 9.60 -44.39
C TYR A 145 -21.86 9.37 -43.84
N ALA A 146 -22.63 10.45 -43.80
CA ALA A 146 -23.99 10.46 -43.27
C ALA A 146 -24.88 9.27 -43.62
N TYR A 147 -24.89 8.85 -44.87
CA TYR A 147 -25.74 7.74 -45.26
C TYR A 147 -25.33 6.43 -44.59
N SER A 148 -24.15 6.41 -43.98
CA SER A 148 -23.67 5.21 -43.32
C SER A 148 -23.52 5.42 -41.80
N ALA A 149 -24.19 6.44 -41.28
CA ALA A 149 -24.14 6.77 -39.86
C ALA A 149 -24.57 5.60 -38.98
N GLN A 150 -23.91 5.45 -37.83
CA GLN A 150 -24.21 4.38 -36.88
C GLN A 150 -25.65 4.55 -36.42
N ILE A 151 -26.31 3.42 -36.19
CA ILE A 151 -27.72 3.41 -35.76
C ILE A 151 -27.77 3.29 -34.24
N SER A 152 -28.58 4.13 -33.60
CA SER A 152 -28.72 4.13 -32.14
C SER A 152 -30.10 4.63 -31.73
N ALA A 153 -30.56 4.27 -30.54
CA ALA A 153 -31.86 4.70 -30.07
C ALA A 153 -31.80 6.18 -29.68
N LEU A 154 -30.68 6.58 -29.08
CA LEU A 154 -30.49 7.97 -28.67
C LEU A 154 -29.51 8.56 -29.67
N THR A 155 -29.99 9.48 -30.49
CA THR A 155 -29.14 10.11 -31.48
C THR A 155 -29.69 11.49 -31.82
N VAL A 156 -28.79 12.44 -32.03
CA VAL A 156 -29.20 13.80 -32.37
C VAL A 156 -29.26 13.95 -33.88
N ALA A 157 -30.27 14.65 -34.37
CA ALA A 157 -30.44 14.87 -35.80
C ALA A 157 -30.02 16.28 -36.19
N HIS A 158 -29.24 16.38 -37.26
CA HIS A 158 -28.78 17.67 -37.74
C HIS A 158 -29.74 18.22 -38.80
N GLY A 159 -29.83 19.54 -38.86
CA GLY A 159 -30.68 20.21 -39.83
C GLY A 159 -32.14 19.84 -39.90
N GLU A 160 -32.83 20.45 -40.86
CA GLU A 160 -34.26 20.24 -41.08
C GLU A 160 -34.53 18.95 -41.84
N ARG A 161 -33.46 18.28 -42.28
CA ARG A 161 -33.61 17.02 -42.99
C ARG A 161 -33.38 15.87 -42.02
N PHE A 162 -33.01 16.24 -40.81
CA PHE A 162 -32.75 15.29 -39.75
C PHE A 162 -31.75 14.21 -40.12
N ASP A 163 -30.49 14.61 -40.25
CA ASP A 163 -29.44 13.67 -40.54
C ASP A 163 -28.91 13.28 -39.16
N THR A 164 -29.01 11.99 -38.85
CA THR A 164 -28.58 11.49 -37.56
C THR A 164 -27.12 11.07 -37.46
N GLY A 165 -26.67 10.84 -36.23
CA GLY A 165 -25.31 10.40 -35.95
C GLY A 165 -24.17 11.15 -36.62
N VAL A 166 -24.45 12.34 -37.12
CA VAL A 166 -23.43 13.12 -37.80
C VAL A 166 -23.23 14.48 -37.15
N THR A 167 -22.09 15.08 -37.48
CA THR A 167 -21.75 16.39 -36.96
C THR A 167 -21.38 17.19 -38.20
N GLU A 168 -21.48 18.51 -38.12
CA GLU A 168 -21.13 19.33 -39.26
C GLU A 168 -19.72 19.88 -39.13
N VAL A 169 -18.87 19.49 -40.06
CA VAL A 169 -17.48 19.93 -40.04
C VAL A 169 -17.29 21.07 -41.01
N SER A 170 -16.67 22.14 -40.52
CA SER A 170 -16.42 23.32 -41.34
C SER A 170 -14.94 23.56 -41.44
N VAL A 171 -14.51 24.08 -42.58
CA VAL A 171 -13.10 24.39 -42.81
C VAL A 171 -13.03 25.78 -43.44
N THR A 172 -12.52 26.74 -42.67
CA THR A 172 -12.41 28.12 -43.14
C THR A 172 -10.96 28.49 -43.46
N PRO A 173 -10.74 29.08 -44.63
CA PRO A 173 -9.40 29.47 -45.04
C PRO A 173 -8.82 30.61 -44.21
N ALA A 174 -7.51 30.57 -44.00
CA ALA A 174 -6.82 31.63 -43.28
C ALA A 174 -5.96 32.35 -44.32
N ALA A 175 -4.77 32.77 -43.92
CA ALA A 175 -3.85 33.44 -44.83
C ALA A 175 -3.00 32.36 -45.49
N GLU A 176 -2.59 32.60 -46.73
CA GLU A 176 -1.77 31.63 -47.43
C GLU A 176 -0.58 31.17 -46.58
N GLY A 177 -0.47 29.85 -46.39
CA GLY A 177 0.63 29.33 -45.60
C GLY A 177 0.23 28.92 -44.21
N GLU A 178 -0.75 29.61 -43.66
CA GLU A 178 -1.25 29.32 -42.31
C GLU A 178 -2.19 28.11 -42.32
N PRO A 179 -2.31 27.42 -41.18
CA PRO A 179 -3.20 26.27 -41.09
C PRO A 179 -4.64 26.70 -41.33
N ALA A 180 -5.44 25.82 -41.92
CA ALA A 180 -6.84 26.13 -42.16
C ALA A 180 -7.60 26.08 -40.84
N ASP A 181 -8.70 26.80 -40.71
CA ASP A 181 -9.45 26.76 -39.46
C ASP A 181 -10.56 25.73 -39.53
N VAL A 182 -10.49 24.74 -38.65
CA VAL A 182 -11.46 23.66 -38.62
C VAL A 182 -12.38 23.71 -37.41
N ASP A 183 -13.68 23.60 -37.66
CA ASP A 183 -14.70 23.58 -36.62
C ASP A 183 -15.37 22.22 -36.74
N LEU A 184 -15.59 21.54 -35.62
CA LEU A 184 -16.20 20.22 -35.68
C LEU A 184 -17.70 20.21 -35.41
N GLY A 185 -18.29 21.39 -35.27
CA GLY A 185 -19.71 21.46 -35.01
C GLY A 185 -20.05 20.84 -33.67
N ALA A 186 -21.12 20.05 -33.64
CA ALA A 186 -21.57 19.42 -32.40
C ALA A 186 -20.51 18.55 -31.74
N ALA A 187 -19.74 17.83 -32.56
CA ALA A 187 -18.70 16.93 -32.04
C ALA A 187 -17.55 17.65 -31.33
N GLU A 188 -17.61 18.97 -31.24
CA GLU A 188 -16.58 19.75 -30.55
C GLU A 188 -16.48 19.27 -29.12
N GLY A 189 -15.28 18.92 -28.67
CA GLY A 189 -15.12 18.47 -27.31
C GLY A 189 -15.45 17.00 -27.14
N TYR A 190 -16.02 16.42 -28.18
CA TYR A 190 -16.39 15.03 -28.19
C TYR A 190 -15.37 14.23 -29.03
N ALA A 191 -15.32 14.52 -30.32
CA ALA A 191 -14.39 13.85 -31.23
C ALA A 191 -13.06 14.54 -31.23
N GLU A 192 -12.03 13.80 -31.61
CA GLU A 192 -10.67 14.32 -31.69
C GLU A 192 -10.45 14.86 -33.10
N LEU A 193 -9.65 15.90 -33.21
CA LEU A 193 -9.38 16.49 -34.51
C LEU A 193 -7.89 16.41 -34.85
N ASP A 194 -7.60 16.07 -36.10
CA ASP A 194 -6.24 16.00 -36.58
C ASP A 194 -6.20 16.88 -37.83
N ASN A 195 -6.01 18.17 -37.59
CA ASN A 195 -5.99 19.14 -38.67
C ASN A 195 -4.63 19.34 -39.31
N ARG A 196 -4.44 18.73 -40.47
CA ARG A 196 -3.19 18.84 -41.22
C ARG A 196 -3.41 19.72 -42.45
N ALA A 197 -4.60 20.31 -42.54
CA ALA A 197 -4.96 21.16 -43.67
C ALA A 197 -4.27 22.50 -43.63
N VAL A 198 -3.95 23.03 -44.81
CA VAL A 198 -3.29 24.33 -44.90
C VAL A 198 -3.91 25.24 -45.97
N THR A 199 -3.89 26.55 -45.72
CA THR A 199 -4.43 27.53 -46.66
C THR A 199 -3.47 27.66 -47.83
N GLY A 200 -3.95 27.35 -49.02
CA GLY A 200 -3.10 27.46 -50.18
C GLY A 200 -3.16 28.88 -50.69
N ALA A 201 -2.36 29.17 -51.70
CA ALA A 201 -2.37 30.51 -52.27
C ALA A 201 -3.76 30.71 -52.87
N ALA A 202 -4.12 31.98 -53.11
CA ALA A 202 -5.40 32.29 -53.71
C ALA A 202 -5.35 31.87 -55.18
N GLY A 203 -6.37 31.14 -55.63
CA GLY A 203 -6.39 30.70 -57.01
C GLY A 203 -5.77 29.32 -57.16
N SER A 204 -5.31 28.75 -56.05
CA SER A 204 -4.71 27.42 -56.07
C SER A 204 -5.79 26.33 -56.10
N ALA A 205 -5.39 25.12 -56.43
CA ALA A 205 -6.32 23.99 -56.50
C ALA A 205 -6.81 23.59 -55.12
N ASN A 206 -8.09 23.31 -55.02
CA ASN A 206 -8.69 22.88 -53.78
C ASN A 206 -8.50 21.37 -53.67
N THR A 207 -7.62 20.94 -52.77
CA THR A 207 -7.33 19.52 -52.57
C THR A 207 -7.68 19.07 -51.15
N LEU A 208 -8.52 19.86 -50.48
CA LEU A 208 -8.92 19.54 -49.12
C LEU A 208 -9.70 18.24 -49.06
N VAL A 209 -9.56 17.56 -47.93
CA VAL A 209 -10.23 16.28 -47.67
C VAL A 209 -10.57 16.15 -46.19
N ILE A 210 -11.85 15.89 -45.89
CA ILE A 210 -12.29 15.72 -44.51
C ILE A 210 -12.65 14.24 -44.39
N ASP A 211 -12.13 13.59 -43.36
CA ASP A 211 -12.40 12.18 -43.20
C ASP A 211 -12.30 11.71 -41.76
N ARG A 212 -12.95 10.58 -41.48
CA ARG A 212 -12.91 9.98 -40.16
C ARG A 212 -12.30 8.60 -40.37
N PRO A 213 -11.00 8.45 -40.06
CA PRO A 213 -10.33 7.16 -40.22
C PRO A 213 -11.11 6.02 -39.58
N VAL A 214 -11.35 4.97 -40.35
CA VAL A 214 -12.10 3.82 -39.87
C VAL A 214 -11.63 3.38 -38.49
N GLY A 215 -12.58 3.06 -37.63
CA GLY A 215 -12.22 2.61 -36.29
C GLY A 215 -11.83 3.68 -35.30
N THR A 216 -11.92 4.95 -35.69
CA THR A 216 -11.56 6.03 -34.78
C THR A 216 -12.67 7.06 -34.67
N ASN A 217 -12.58 7.90 -33.65
CA ASN A 217 -13.56 8.96 -33.45
C ASN A 217 -12.81 10.26 -33.66
N THR A 218 -11.96 10.25 -34.68
CA THR A 218 -11.15 11.40 -35.03
C THR A 218 -11.56 11.95 -36.38
N ILE A 219 -11.63 13.28 -36.47
CA ILE A 219 -11.94 13.91 -37.74
C ILE A 219 -10.59 14.38 -38.25
N ALA A 220 -10.10 13.72 -39.30
CA ALA A 220 -8.83 14.08 -39.87
C ALA A 220 -9.04 14.93 -41.11
N VAL A 221 -8.39 16.09 -41.13
CA VAL A 221 -8.50 17.00 -42.26
C VAL A 221 -7.10 17.17 -42.83
N THR A 222 -6.98 16.95 -44.14
CA THR A 222 -5.70 17.09 -44.83
C THR A 222 -5.98 17.79 -46.12
N GLY A 223 -4.94 18.08 -46.88
CA GLY A 223 -5.14 18.75 -48.15
C GLY A 223 -4.94 20.23 -48.02
N SER A 224 -5.24 20.96 -49.07
CA SER A 224 -5.06 22.39 -49.09
C SER A 224 -6.29 23.12 -49.62
N LEU A 225 -6.73 24.14 -48.91
CA LEU A 225 -7.89 24.95 -49.31
C LEU A 225 -7.38 26.33 -49.69
N PRO A 226 -7.60 26.75 -50.96
CA PRO A 226 -7.13 28.07 -51.36
C PRO A 226 -7.68 29.20 -50.50
N ALA A 227 -6.88 30.25 -50.31
CA ALA A 227 -7.26 31.39 -49.48
C ALA A 227 -8.51 32.11 -49.98
N ASP A 228 -8.62 32.27 -51.29
CA ASP A 228 -9.76 32.96 -51.90
C ASP A 228 -10.96 32.02 -51.98
N ALA A 229 -10.80 30.80 -51.46
CA ALA A 229 -11.86 29.81 -51.50
C ALA A 229 -12.92 30.04 -50.43
N ALA A 230 -14.17 29.78 -50.78
CA ALA A 230 -15.29 29.94 -49.87
C ALA A 230 -15.27 28.85 -48.80
N PRO A 231 -15.43 29.23 -47.52
CA PRO A 231 -15.42 28.24 -46.45
C PRO A 231 -16.23 27.00 -46.82
N VAL A 232 -15.68 25.83 -46.48
CA VAL A 232 -16.29 24.54 -46.78
C VAL A 232 -16.98 23.89 -45.57
N THR A 233 -18.07 23.18 -45.85
CA THR A 233 -18.81 22.48 -44.81
C THR A 233 -19.05 21.04 -45.26
N ALA A 234 -19.19 20.14 -44.30
CA ALA A 234 -19.43 18.75 -44.65
C ALA A 234 -20.02 18.01 -43.47
N LEU A 235 -20.68 16.90 -43.74
CA LEU A 235 -21.24 16.09 -42.66
C LEU A 235 -20.39 14.83 -42.54
N ARG A 236 -19.93 14.57 -41.33
CA ARG A 236 -19.13 13.40 -41.07
C ARG A 236 -19.75 12.68 -39.89
N THR A 237 -19.80 11.36 -39.94
CA THR A 237 -20.38 10.59 -38.86
C THR A 237 -19.43 10.59 -37.69
N VAL A 238 -19.91 10.13 -36.54
CA VAL A 238 -19.11 10.03 -35.33
C VAL A 238 -19.34 8.64 -34.76
N ASP A 239 -18.48 8.22 -33.84
CA ASP A 239 -18.67 6.91 -33.24
C ASP A 239 -19.57 7.07 -32.01
N GLU A 240 -20.53 6.17 -31.88
CA GLU A 240 -21.48 6.18 -30.76
C GLU A 240 -22.32 7.45 -30.71
N PRO A 241 -23.35 7.52 -31.55
CA PRO A 241 -24.26 8.67 -31.65
C PRO A 241 -24.85 9.05 -30.29
N ALA A 242 -24.94 8.07 -29.41
CA ALA A 242 -25.49 8.29 -28.09
C ALA A 242 -24.52 9.09 -27.22
N ALA A 243 -23.26 8.68 -27.23
CA ALA A 243 -22.23 9.37 -26.46
C ALA A 243 -22.19 10.84 -26.86
N LEU A 244 -22.62 11.13 -28.09
CA LEU A 244 -22.64 12.51 -28.57
C LEU A 244 -23.89 13.20 -28.07
N ALA A 245 -25.01 12.48 -28.04
CA ALA A 245 -26.25 13.08 -27.55
C ALA A 245 -26.01 13.44 -26.09
N GLY A 246 -25.29 12.58 -25.40
CA GLY A 246 -24.96 12.80 -24.00
C GLY A 246 -24.06 14.01 -23.81
N HIS A 247 -23.11 14.16 -24.73
CA HIS A 247 -22.18 15.29 -24.69
C HIS A 247 -22.92 16.60 -24.89
N LEU A 248 -23.83 16.63 -25.87
CA LEU A 248 -24.59 17.84 -26.15
C LEU A 248 -25.59 18.17 -25.04
N PHE A 249 -26.10 17.14 -24.37
CA PHE A 249 -27.06 17.35 -23.30
C PHE A 249 -26.29 17.86 -22.10
N GLU A 250 -25.04 17.41 -22.01
CA GLU A 250 -24.11 17.81 -20.96
C GLU A 250 -23.94 19.32 -21.08
N GLU A 251 -23.68 19.79 -22.29
CA GLU A 251 -23.52 21.21 -22.57
C GLU A 251 -24.83 21.96 -22.46
N ALA A 252 -25.93 21.29 -22.78
CA ALA A 252 -27.26 21.91 -22.69
C ALA A 252 -27.60 22.20 -21.23
N LEU A 253 -27.31 21.22 -20.36
CA LEU A 253 -27.60 21.37 -18.93
C LEU A 253 -26.81 22.54 -18.37
N GLU A 254 -25.50 22.52 -18.59
CA GLU A 254 -24.61 23.57 -18.10
C GLU A 254 -25.12 24.93 -18.55
N SER A 255 -25.66 24.98 -19.76
CA SER A 255 -26.16 26.23 -20.30
C SER A 255 -27.43 26.64 -19.55
N ASN A 256 -28.17 25.66 -19.04
CA ASN A 256 -29.40 25.94 -18.30
C ASN A 256 -29.21 26.05 -16.79
N GLY A 257 -28.00 26.39 -16.37
CA GLY A 257 -27.72 26.53 -14.95
C GLY A 257 -27.69 25.26 -14.12
N VAL A 258 -27.38 24.13 -14.74
CA VAL A 258 -27.32 22.86 -14.04
C VAL A 258 -25.89 22.32 -14.12
N THR A 259 -25.23 22.19 -12.98
CA THR A 259 -23.86 21.69 -12.95
C THR A 259 -23.87 20.16 -12.97
N VAL A 260 -22.83 19.60 -13.58
CA VAL A 260 -22.70 18.15 -13.67
C VAL A 260 -21.28 17.82 -13.20
N LYS A 261 -21.17 17.20 -12.04
CA LYS A 261 -19.88 16.85 -11.46
C LYS A 261 -19.30 15.55 -11.99
N GLY A 262 -20.15 14.73 -12.59
CA GLY A 262 -19.68 13.44 -13.08
C GLY A 262 -19.07 13.46 -14.46
N ASP A 263 -19.25 12.35 -15.18
CA ASP A 263 -18.72 12.22 -16.54
C ASP A 263 -19.84 11.72 -17.43
N VAL A 264 -19.75 12.03 -18.71
CA VAL A 264 -20.74 11.62 -19.70
C VAL A 264 -20.37 10.22 -20.17
N GLY A 265 -21.36 9.33 -20.19
CA GLY A 265 -21.09 7.96 -20.62
C GLY A 265 -22.34 7.19 -20.99
N LEU A 266 -22.13 6.01 -21.59
CA LEU A 266 -23.23 5.15 -22.00
C LEU A 266 -23.66 4.32 -20.79
N GLY A 267 -24.93 3.94 -20.75
CA GLY A 267 -25.41 3.13 -19.63
C GLY A 267 -26.90 3.21 -19.48
N GLY A 268 -27.54 2.07 -19.21
CA GLY A 268 -28.99 2.07 -19.06
C GLY A 268 -29.49 2.24 -17.64
N VAL A 269 -30.72 2.75 -17.49
CA VAL A 269 -31.31 2.95 -16.16
C VAL A 269 -31.41 1.62 -15.42
N PRO A 270 -30.67 1.50 -14.30
CA PRO A 270 -30.57 0.35 -13.40
C PRO A 270 -31.69 -0.69 -13.34
N ALA A 271 -32.93 -0.29 -13.59
CA ALA A 271 -34.06 -1.22 -13.52
C ALA A 271 -34.28 -1.52 -12.03
N ASP A 272 -33.22 -1.32 -11.26
CA ASP A 272 -33.21 -1.50 -9.82
C ASP A 272 -34.15 -0.42 -9.27
N TRP A 273 -34.28 0.66 -10.03
CA TRP A 273 -35.14 1.78 -9.67
C TRP A 273 -36.58 1.43 -9.99
N GLN A 274 -37.42 1.36 -8.97
CA GLN A 274 -38.82 1.02 -9.15
C GLN A 274 -39.62 2.26 -9.57
N ASP A 275 -39.17 3.43 -9.15
CA ASP A 275 -39.85 4.67 -9.50
C ASP A 275 -38.90 5.82 -9.80
N ALA A 276 -38.22 5.73 -10.93
CA ALA A 276 -37.30 6.78 -11.34
C ALA A 276 -38.12 8.03 -11.64
N GLU A 277 -37.53 9.20 -11.38
CA GLU A 277 -38.22 10.44 -11.62
C GLU A 277 -37.97 10.91 -13.05
N VAL A 278 -39.03 11.22 -13.77
CA VAL A 278 -38.90 11.70 -15.13
C VAL A 278 -38.88 13.22 -15.10
N LEU A 279 -37.67 13.77 -14.92
CA LEU A 279 -37.47 15.21 -14.84
C LEU A 279 -37.86 15.94 -16.11
N ALA A 280 -37.68 15.29 -17.25
CA ALA A 280 -38.02 15.90 -18.53
C ALA A 280 -38.30 14.86 -19.60
N ASP A 281 -38.89 15.31 -20.70
CA ASP A 281 -39.20 14.44 -21.82
C ASP A 281 -39.64 15.25 -23.04
N HIS A 282 -39.41 14.66 -24.21
CA HIS A 282 -39.77 15.25 -25.49
C HIS A 282 -40.53 14.20 -26.31
N THR A 283 -41.43 14.65 -27.18
CA THR A 283 -42.22 13.78 -28.04
C THR A 283 -42.06 14.36 -29.42
N SER A 284 -41.72 13.52 -30.38
CA SER A 284 -41.53 13.98 -31.75
C SER A 284 -42.86 14.10 -32.50
N ALA A 285 -42.77 14.49 -33.76
CA ALA A 285 -43.93 14.64 -34.62
C ALA A 285 -44.41 13.21 -34.87
N GLU A 286 -45.59 13.06 -35.46
CA GLU A 286 -46.09 11.74 -35.75
C GLU A 286 -45.37 11.15 -36.96
N LEU A 287 -45.45 9.84 -37.13
CA LEU A 287 -44.79 9.18 -38.23
C LEU A 287 -45.12 9.82 -39.58
N SER A 288 -46.38 10.12 -39.83
CA SER A 288 -46.78 10.72 -41.09
C SER A 288 -45.97 11.98 -41.45
N GLU A 289 -45.54 12.71 -40.43
CA GLU A 289 -44.76 13.93 -40.65
C GLU A 289 -43.31 13.55 -40.87
N ILE A 290 -42.79 12.68 -40.02
CA ILE A 290 -41.41 12.26 -40.14
C ILE A 290 -41.16 11.52 -41.46
N LEU A 291 -42.22 10.98 -42.07
CA LEU A 291 -42.08 10.25 -43.33
C LEU A 291 -41.53 11.14 -44.45
N VAL A 292 -42.03 12.36 -44.51
CA VAL A 292 -41.61 13.31 -45.52
C VAL A 292 -40.09 13.44 -45.63
N PRO A 293 -39.42 13.97 -44.59
CA PRO A 293 -37.96 14.10 -44.73
C PRO A 293 -37.25 12.78 -45.00
N PHE A 294 -37.78 11.70 -44.45
CA PHE A 294 -37.21 10.37 -44.65
C PHE A 294 -37.23 9.95 -46.12
N MET A 295 -38.41 9.99 -46.74
CA MET A 295 -38.57 9.60 -48.14
C MET A 295 -38.09 10.64 -49.14
N LYS A 296 -38.36 11.92 -48.88
CA LYS A 296 -37.93 12.96 -49.79
C LYS A 296 -36.44 12.88 -50.05
N PHE A 297 -35.66 12.84 -48.98
CA PHE A 297 -34.20 12.80 -49.11
C PHE A 297 -33.57 11.42 -48.91
N SER A 298 -34.39 10.40 -48.77
CA SER A 298 -33.88 9.05 -48.62
C SER A 298 -32.87 8.93 -47.45
N ASN A 299 -33.35 9.12 -46.23
CA ASN A 299 -32.50 9.05 -45.03
C ASN A 299 -32.32 7.62 -44.50
N ASN A 300 -31.12 7.06 -44.69
CA ASN A 300 -30.80 5.71 -44.24
C ASN A 300 -30.94 5.53 -42.73
N GLY A 301 -30.50 6.53 -41.99
CA GLY A 301 -30.59 6.48 -40.54
C GLY A 301 -32.02 6.25 -40.11
N HIS A 302 -32.95 6.95 -40.74
CA HIS A 302 -34.37 6.82 -40.47
C HIS A 302 -34.92 5.46 -40.80
N ALA A 303 -34.50 4.93 -41.95
CA ALA A 303 -34.98 3.62 -42.38
C ALA A 303 -34.57 2.58 -41.37
N GLU A 304 -33.29 2.56 -41.02
CA GLU A 304 -32.78 1.58 -40.07
C GLU A 304 -33.46 1.76 -38.72
N MET A 305 -33.57 3.00 -38.26
CA MET A 305 -34.21 3.26 -36.97
C MET A 305 -35.66 2.77 -36.97
N LEU A 306 -36.32 2.84 -38.13
CA LEU A 306 -37.70 2.40 -38.27
C LEU A 306 -37.77 0.90 -38.13
N VAL A 307 -36.91 0.19 -38.85
CA VAL A 307 -36.89 -1.26 -38.76
C VAL A 307 -36.84 -1.70 -37.29
N LYS A 308 -35.86 -1.21 -36.55
CA LYS A 308 -35.72 -1.57 -35.14
C LYS A 308 -36.91 -1.17 -34.27
N SER A 309 -37.60 -0.09 -34.64
CA SER A 309 -38.79 0.33 -33.92
C SER A 309 -39.85 -0.74 -34.18
N ILE A 310 -39.95 -1.18 -35.43
CA ILE A 310 -40.89 -2.24 -35.80
C ILE A 310 -40.54 -3.52 -35.03
N GLY A 311 -39.24 -3.73 -34.83
CA GLY A 311 -38.75 -4.87 -34.10
C GLY A 311 -39.16 -4.78 -32.64
N GLN A 312 -39.29 -3.54 -32.17
CA GLN A 312 -39.69 -3.29 -30.78
C GLN A 312 -41.18 -3.51 -30.61
N GLU A 313 -41.96 -3.02 -31.57
CA GLU A 313 -43.40 -3.13 -31.53
C GLU A 313 -43.90 -4.56 -31.67
N THR A 314 -43.36 -5.29 -32.64
CA THR A 314 -43.78 -6.66 -32.93
C THR A 314 -43.15 -7.74 -32.06
N ALA A 315 -41.99 -7.46 -31.47
CA ALA A 315 -41.31 -8.45 -30.65
C ALA A 315 -40.59 -7.90 -29.42
N GLY A 316 -40.69 -6.61 -29.16
CA GLY A 316 -40.01 -6.08 -28.01
C GLY A 316 -38.50 -6.24 -28.17
N ALA A 317 -38.01 -5.89 -29.34
CA ALA A 317 -36.59 -6.01 -29.62
C ALA A 317 -36.13 -5.09 -30.75
N GLY A 318 -35.37 -4.05 -30.38
CA GLY A 318 -34.87 -3.13 -31.38
C GLY A 318 -33.70 -3.80 -32.08
N THR A 319 -34.04 -4.74 -32.97
CA THR A 319 -33.04 -5.49 -33.71
C THR A 319 -33.40 -5.59 -35.17
N TRP A 320 -32.39 -5.70 -36.02
CA TRP A 320 -32.64 -5.84 -37.46
C TRP A 320 -33.33 -7.17 -37.71
N ASP A 321 -32.89 -8.21 -37.03
CA ASP A 321 -33.49 -9.50 -37.22
C ASP A 321 -35.00 -9.42 -36.94
N ALA A 322 -35.35 -8.90 -35.78
CA ALA A 322 -36.75 -8.78 -35.39
C ALA A 322 -37.52 -7.83 -36.32
N GLY A 323 -37.00 -6.62 -36.47
CA GLY A 323 -37.66 -5.65 -37.31
C GLY A 323 -37.84 -6.11 -38.74
N LEU A 324 -36.81 -6.73 -39.30
CA LEU A 324 -36.88 -7.22 -40.67
C LEU A 324 -37.99 -8.24 -40.82
N VAL A 325 -38.04 -9.21 -39.92
CA VAL A 325 -39.09 -10.21 -39.97
C VAL A 325 -40.42 -9.49 -39.88
N GLY A 326 -40.48 -8.49 -39.00
CA GLY A 326 -41.69 -7.72 -38.82
C GLY A 326 -42.10 -6.98 -40.07
N VAL A 327 -41.12 -6.53 -40.85
CA VAL A 327 -41.40 -5.83 -42.10
C VAL A 327 -41.98 -6.80 -43.11
N GLU A 328 -41.35 -7.96 -43.24
CA GLU A 328 -41.77 -9.00 -44.17
C GLU A 328 -43.19 -9.46 -43.83
N GLU A 329 -43.46 -9.59 -42.53
CA GLU A 329 -44.77 -10.01 -42.03
C GLU A 329 -45.81 -8.97 -42.41
N ALA A 330 -45.55 -7.73 -42.03
CA ALA A 330 -46.43 -6.60 -42.30
C ALA A 330 -46.78 -6.47 -43.79
N LEU A 331 -45.77 -6.67 -44.64
CA LEU A 331 -46.00 -6.59 -46.08
C LEU A 331 -46.98 -7.66 -46.53
N SER A 332 -46.92 -8.81 -45.87
CA SER A 332 -47.83 -9.90 -46.20
C SER A 332 -49.25 -9.52 -45.76
N GLY A 333 -49.37 -9.00 -44.56
CA GLY A 333 -50.67 -8.60 -44.08
C GLY A 333 -51.30 -7.55 -44.98
N LEU A 334 -50.44 -6.90 -45.77
CA LEU A 334 -50.89 -5.86 -46.69
C LEU A 334 -51.33 -6.51 -47.99
N GLY A 335 -51.03 -7.79 -48.13
CA GLY A 335 -51.39 -8.52 -49.33
C GLY A 335 -50.28 -8.59 -50.34
N VAL A 336 -49.05 -8.31 -49.94
CA VAL A 336 -47.93 -8.33 -50.86
C VAL A 336 -47.24 -9.69 -50.83
N ASP A 337 -46.89 -10.19 -52.00
CA ASP A 337 -46.20 -11.47 -52.08
C ASP A 337 -44.69 -11.25 -51.90
N THR A 338 -44.19 -11.67 -50.75
CA THR A 338 -42.79 -11.50 -50.43
C THR A 338 -41.94 -12.66 -50.90
N ALA A 339 -42.42 -13.39 -51.90
CA ALA A 339 -41.68 -14.53 -52.43
C ALA A 339 -40.24 -14.16 -52.80
N GLY A 340 -40.06 -13.46 -53.93
CA GLY A 340 -38.73 -13.10 -54.35
C GLY A 340 -38.11 -11.89 -53.69
N LEU A 341 -38.42 -11.68 -52.41
CA LEU A 341 -37.90 -10.55 -51.66
C LEU A 341 -36.83 -11.01 -50.67
N VAL A 342 -35.77 -10.24 -50.51
CA VAL A 342 -34.71 -10.58 -49.56
C VAL A 342 -34.33 -9.32 -48.79
N LEU A 343 -34.64 -9.31 -47.50
CA LEU A 343 -34.38 -8.16 -46.65
C LEU A 343 -33.15 -8.26 -45.76
N ASN A 344 -32.16 -7.41 -46.00
CA ASN A 344 -30.96 -7.42 -45.19
C ASN A 344 -30.86 -6.16 -44.33
N ASP A 345 -31.56 -5.11 -44.74
CA ASP A 345 -31.56 -3.85 -44.01
C ASP A 345 -32.75 -3.02 -44.47
N GLY A 346 -33.05 -1.93 -43.76
CA GLY A 346 -34.18 -1.10 -44.09
C GLY A 346 -33.95 0.04 -45.08
N SER A 347 -32.71 0.53 -45.15
CA SER A 347 -32.38 1.63 -46.05
C SER A 347 -32.15 1.25 -47.52
N GLY A 348 -31.65 0.05 -47.76
CA GLY A 348 -31.38 -0.35 -49.12
C GLY A 348 -29.90 -0.19 -49.44
N LEU A 349 -29.14 0.30 -48.46
CA LEU A 349 -27.71 0.49 -48.64
C LEU A 349 -27.03 -0.86 -48.78
N SER A 350 -27.56 -1.86 -48.09
CA SER A 350 -26.98 -3.20 -48.14
C SER A 350 -27.07 -3.90 -49.49
N ARG A 351 -25.95 -4.47 -49.91
CA ARG A 351 -25.86 -5.22 -51.15
C ARG A 351 -26.59 -6.55 -50.95
N GLY A 352 -26.96 -6.84 -49.71
CA GLY A 352 -27.66 -8.09 -49.43
C GLY A 352 -29.14 -8.08 -49.77
N ASN A 353 -29.69 -6.92 -50.07
CA ASN A 353 -31.11 -6.82 -50.40
C ASN A 353 -31.39 -7.32 -51.81
N LEU A 354 -32.62 -7.79 -52.02
CA LEU A 354 -33.06 -8.26 -53.32
C LEU A 354 -34.56 -8.09 -53.42
N VAL A 355 -35.03 -7.69 -54.59
CA VAL A 355 -36.44 -7.49 -54.84
C VAL A 355 -36.64 -7.79 -56.32
N THR A 356 -37.89 -7.76 -56.76
CA THR A 356 -38.18 -7.95 -58.17
C THR A 356 -39.13 -6.82 -58.55
N ALA A 357 -38.96 -6.28 -59.75
CA ALA A 357 -39.82 -5.18 -60.20
C ALA A 357 -41.30 -5.49 -59.97
N ASP A 358 -41.69 -6.76 -60.09
CA ASP A 358 -43.09 -7.13 -59.86
C ASP A 358 -43.50 -6.89 -58.41
N THR A 359 -42.64 -7.25 -57.47
CA THR A 359 -42.92 -7.08 -56.05
C THR A 359 -43.12 -5.61 -55.69
N VAL A 360 -42.33 -4.75 -56.33
CA VAL A 360 -42.42 -3.32 -56.08
C VAL A 360 -43.78 -2.79 -56.53
N VAL A 361 -44.14 -3.08 -57.77
CA VAL A 361 -45.42 -2.62 -58.31
C VAL A 361 -46.52 -3.17 -57.42
N ASP A 362 -46.34 -4.41 -57.00
CA ASP A 362 -47.29 -5.09 -56.13
C ASP A 362 -47.46 -4.21 -54.88
N LEU A 363 -46.35 -3.86 -54.24
CA LEU A 363 -46.39 -3.02 -53.06
C LEU A 363 -46.99 -1.64 -53.35
N LEU A 364 -46.90 -1.21 -54.60
CA LEU A 364 -47.45 0.10 -54.95
C LEU A 364 -48.97 0.04 -55.03
N GLY A 365 -49.49 -1.01 -55.66
CA GLY A 365 -50.93 -1.14 -55.77
C GLY A 365 -51.58 -1.22 -54.41
N GLN A 366 -51.10 -2.14 -53.58
CA GLN A 366 -51.63 -2.33 -52.24
C GLN A 366 -51.56 -1.05 -51.43
N ALA A 367 -50.35 -0.51 -51.31
CA ALA A 367 -50.16 0.72 -50.56
C ALA A 367 -51.10 1.80 -51.06
N GLY A 368 -51.36 1.78 -52.36
CA GLY A 368 -52.26 2.77 -52.95
C GLY A 368 -53.67 2.73 -52.41
N SER A 369 -54.11 1.56 -51.93
CA SER A 369 -55.46 1.41 -51.41
C SER A 369 -55.55 1.25 -49.89
N ALA A 370 -54.41 1.33 -49.22
CA ALA A 370 -54.39 1.21 -47.76
C ALA A 370 -54.88 2.51 -47.15
N PRO A 371 -55.43 2.46 -45.93
CA PRO A 371 -55.93 3.66 -45.25
C PRO A 371 -54.97 4.85 -45.24
N TRP A 372 -53.68 4.57 -45.21
CA TRP A 372 -52.68 5.62 -45.18
C TRP A 372 -52.12 5.98 -46.56
N ALA A 373 -52.87 5.64 -47.60
CA ALA A 373 -52.45 5.92 -48.98
C ALA A 373 -51.98 7.36 -49.18
N GLN A 374 -52.71 8.32 -48.62
CA GLN A 374 -52.34 9.72 -48.76
C GLN A 374 -50.99 10.07 -48.14
N THR A 375 -50.89 10.01 -46.81
CA THR A 375 -49.63 10.35 -46.16
C THR A 375 -48.46 9.62 -46.83
N TRP A 376 -48.73 8.43 -47.37
CA TRP A 376 -47.73 7.62 -48.03
C TRP A 376 -47.25 8.26 -49.34
N SER A 377 -48.17 8.46 -50.27
CA SER A 377 -47.81 9.04 -51.55
C SER A 377 -47.26 10.47 -51.43
N ALA A 378 -47.66 11.16 -50.37
CA ALA A 378 -47.23 12.52 -50.15
C ALA A 378 -45.77 12.61 -49.71
N SER A 379 -45.17 11.49 -49.33
CA SER A 379 -43.79 11.49 -48.88
C SER A 379 -42.86 11.27 -50.07
N LEU A 380 -43.37 10.61 -51.10
CA LEU A 380 -42.61 10.33 -52.31
C LEU A 380 -42.17 11.63 -52.95
N PRO A 381 -40.95 11.65 -53.51
CA PRO A 381 -40.42 12.84 -54.16
C PRO A 381 -41.17 13.10 -55.46
N VAL A 382 -41.38 14.38 -55.77
CA VAL A 382 -42.09 14.74 -56.98
C VAL A 382 -41.12 15.25 -58.05
N ALA A 383 -41.31 14.78 -59.27
CA ALA A 383 -40.45 15.13 -60.39
C ALA A 383 -40.37 16.61 -60.73
N GLY A 384 -39.14 17.11 -60.78
CA GLY A 384 -38.89 18.51 -61.12
C GLY A 384 -39.52 19.59 -60.27
N GLU A 385 -39.39 19.49 -58.96
CA GLU A 385 -39.95 20.48 -58.03
C GLU A 385 -38.83 21.11 -57.23
N SER A 386 -38.56 22.39 -57.48
CA SER A 386 -37.51 23.12 -56.80
C SER A 386 -37.49 22.96 -55.28
N ASP A 387 -38.61 23.25 -54.63
CA ASP A 387 -38.66 23.13 -53.17
C ASP A 387 -38.18 21.75 -52.74
N PRO A 388 -37.00 21.69 -52.10
CA PRO A 388 -36.41 20.44 -51.64
C PRO A 388 -37.41 19.53 -50.93
N PHE A 389 -38.22 20.07 -50.03
CA PHE A 389 -39.17 19.24 -49.31
C PHE A 389 -40.34 18.75 -50.13
N VAL A 390 -40.33 19.02 -51.42
CA VAL A 390 -41.40 18.52 -52.28
C VAL A 390 -40.75 17.73 -53.40
N GLY A 391 -39.68 18.29 -53.96
CA GLY A 391 -38.99 17.61 -55.04
C GLY A 391 -38.17 16.44 -54.54
N GLY A 392 -37.56 16.62 -53.37
CA GLY A 392 -36.73 15.58 -52.79
C GLY A 392 -35.56 15.28 -53.73
N THR A 393 -35.23 14.01 -53.89
CA THR A 393 -34.13 13.63 -54.75
C THR A 393 -34.52 13.63 -56.23
N LEU A 394 -35.63 14.31 -56.55
CA LEU A 394 -36.12 14.39 -57.93
C LEU A 394 -36.31 15.83 -58.38
N ALA A 395 -35.95 16.76 -57.49
CA ALA A 395 -36.09 18.18 -57.76
C ALA A 395 -35.41 18.60 -59.05
N ASN A 396 -34.25 18.01 -59.32
CA ASN A 396 -33.49 18.37 -60.52
C ASN A 396 -33.61 17.34 -61.63
N ARG A 397 -34.81 16.82 -61.81
CA ARG A 397 -35.03 15.83 -62.85
C ARG A 397 -36.39 15.95 -63.49
N MET A 398 -36.41 15.74 -64.80
CA MET A 398 -37.64 15.78 -65.57
C MET A 398 -38.33 17.13 -65.54
N ARG A 399 -37.58 18.18 -65.21
CA ARG A 399 -38.17 19.52 -65.20
C ARG A 399 -38.59 19.89 -66.60
N GLY A 400 -39.65 20.67 -66.71
CA GLY A 400 -40.14 21.08 -68.02
C GLY A 400 -40.60 19.93 -68.89
N THR A 401 -41.10 18.87 -68.29
CA THR A 401 -41.57 17.73 -69.07
C THR A 401 -42.96 17.33 -68.57
N ALA A 402 -43.55 16.34 -69.20
CA ALA A 402 -44.88 15.88 -68.81
C ALA A 402 -44.88 15.31 -67.39
N ALA A 403 -43.70 14.95 -66.89
CA ALA A 403 -43.59 14.37 -65.55
C ALA A 403 -43.46 15.43 -64.46
N GLU A 404 -43.07 16.63 -64.85
CA GLU A 404 -42.91 17.72 -63.88
C GLU A 404 -44.11 17.82 -62.96
N GLY A 405 -43.87 17.68 -61.65
CA GLY A 405 -44.95 17.78 -60.68
C GLY A 405 -46.04 16.74 -60.85
N VAL A 406 -45.74 15.67 -61.57
CA VAL A 406 -46.71 14.61 -61.82
C VAL A 406 -46.24 13.24 -61.33
N VAL A 407 -45.00 12.90 -61.66
CA VAL A 407 -44.45 11.62 -61.25
C VAL A 407 -44.06 11.64 -59.78
N GLU A 408 -44.55 10.66 -59.04
CA GLU A 408 -44.25 10.51 -57.61
C GLU A 408 -43.48 9.20 -57.55
N ALA A 409 -42.20 9.26 -57.19
CA ALA A 409 -41.42 8.03 -57.16
C ALA A 409 -40.19 8.09 -56.27
N LYS A 410 -39.79 6.93 -55.78
CA LYS A 410 -38.62 6.80 -54.92
C LYS A 410 -37.42 6.43 -55.78
N THR A 411 -36.33 7.17 -55.61
CA THR A 411 -35.09 6.93 -56.35
C THR A 411 -34.20 5.96 -55.56
N GLY A 412 -33.01 5.70 -56.07
CA GLY A 412 -32.09 4.79 -55.39
C GLY A 412 -30.91 4.44 -56.29
N THR A 413 -29.73 4.90 -55.90
CA THR A 413 -28.55 4.65 -56.70
C THR A 413 -27.26 4.31 -55.94
N MET A 414 -26.58 3.30 -56.44
CA MET A 414 -25.30 2.85 -55.90
C MET A 414 -24.54 2.46 -57.15
N SER A 415 -23.29 2.06 -56.97
CA SER A 415 -22.49 1.64 -58.09
C SER A 415 -23.16 0.45 -58.76
N GLY A 416 -23.45 0.58 -60.05
CA GLY A 416 -24.05 -0.52 -60.77
C GLY A 416 -25.49 -0.81 -60.41
N VAL A 417 -26.07 0.03 -59.56
CA VAL A 417 -27.47 -0.13 -59.18
C VAL A 417 -28.19 1.19 -59.26
N SER A 418 -29.38 1.16 -59.83
CA SER A 418 -30.20 2.36 -59.94
C SER A 418 -31.66 1.91 -60.07
N ALA A 419 -32.57 2.70 -59.49
CA ALA A 419 -33.97 2.35 -59.55
C ALA A 419 -34.86 3.57 -59.42
N LEU A 420 -36.02 3.48 -60.07
CA LEU A 420 -37.04 4.52 -60.06
C LEU A 420 -38.38 3.81 -60.07
N SER A 421 -39.10 3.87 -58.95
CA SER A 421 -40.41 3.21 -58.85
C SER A 421 -41.43 4.16 -58.25
N GLY A 422 -42.62 4.21 -58.83
CA GLY A 422 -43.62 5.11 -58.28
C GLY A 422 -44.95 5.14 -58.99
N TYR A 423 -45.60 6.30 -58.92
CA TYR A 423 -46.90 6.48 -59.52
C TYR A 423 -46.88 7.57 -60.55
N VAL A 424 -47.79 7.47 -61.51
CA VAL A 424 -47.94 8.48 -62.54
C VAL A 424 -49.42 8.78 -62.66
N PRO A 425 -49.95 9.64 -61.78
CA PRO A 425 -51.36 10.03 -61.75
C PRO A 425 -51.77 10.78 -63.01
N GLY A 426 -52.89 10.39 -63.60
CA GLY A 426 -53.32 11.07 -64.81
C GLY A 426 -54.75 10.74 -65.21
N PRO A 427 -55.36 11.57 -66.07
CA PRO A 427 -56.74 11.34 -66.52
C PRO A 427 -56.85 10.09 -67.38
N GLU A 428 -55.77 9.73 -68.06
CA GLU A 428 -55.77 8.55 -68.90
C GLU A 428 -55.46 7.31 -68.10
N GLY A 429 -55.58 7.40 -66.78
CA GLY A 429 -55.31 6.25 -65.94
C GLY A 429 -54.24 6.45 -64.90
N GLU A 430 -54.48 5.89 -63.73
CA GLU A 430 -53.56 5.96 -62.59
C GLU A 430 -52.51 4.86 -62.80
N LEU A 431 -51.26 5.26 -62.97
CA LEU A 431 -50.18 4.32 -63.21
C LEU A 431 -49.20 4.09 -62.07
N ALA A 432 -48.74 2.85 -61.95
CA ALA A 432 -47.74 2.45 -60.97
C ALA A 432 -46.64 1.83 -61.81
N PHE A 433 -45.39 2.14 -61.51
CA PHE A 433 -44.30 1.60 -62.32
C PHE A 433 -43.09 1.28 -61.46
N SER A 434 -42.16 0.52 -62.03
CA SER A 434 -40.95 0.13 -61.35
C SER A 434 -39.84 -0.12 -62.38
N ILE A 435 -38.68 0.48 -62.13
CA ILE A 435 -37.54 0.36 -63.02
C ILE A 435 -36.34 0.09 -62.14
N VAL A 436 -35.74 -1.08 -62.28
CA VAL A 436 -34.57 -1.43 -61.49
C VAL A 436 -33.44 -1.85 -62.42
N ASN A 437 -32.33 -1.13 -62.37
CA ASN A 437 -31.20 -1.44 -63.23
C ASN A 437 -30.00 -1.92 -62.44
N ASN A 438 -29.45 -3.05 -62.88
CA ASN A 438 -28.28 -3.64 -62.26
C ASN A 438 -27.33 -4.07 -63.36
N GLY A 439 -26.04 -3.79 -63.19
CA GLY A 439 -25.07 -4.22 -64.18
C GLY A 439 -24.38 -3.17 -65.02
N HIS A 440 -25.06 -2.06 -65.29
CA HIS A 440 -24.47 -0.99 -66.09
C HIS A 440 -23.12 -0.65 -65.46
N SER A 441 -22.16 -0.21 -66.27
CA SER A 441 -20.84 0.09 -65.74
C SER A 441 -20.51 1.59 -65.62
N GLY A 442 -21.19 2.42 -66.39
CA GLY A 442 -20.91 3.84 -66.30
C GLY A 442 -21.73 4.47 -65.20
N PRO A 443 -22.21 5.71 -65.39
CA PRO A 443 -23.02 6.35 -64.35
C PRO A 443 -24.40 5.68 -64.28
N ALA A 444 -25.21 6.08 -63.32
CA ALA A 444 -26.54 5.52 -63.21
C ALA A 444 -27.32 5.99 -64.44
N PRO A 445 -28.14 5.10 -65.03
CA PRO A 445 -28.94 5.41 -66.22
C PRO A 445 -30.18 6.24 -65.88
N LEU A 446 -29.96 7.36 -65.21
CA LEU A 446 -31.04 8.25 -64.80
C LEU A 446 -31.83 8.84 -65.96
N ALA A 447 -31.16 9.14 -67.06
CA ALA A 447 -31.84 9.71 -68.23
C ALA A 447 -32.77 8.66 -68.82
N VAL A 448 -32.38 7.39 -68.72
CA VAL A 448 -33.22 6.32 -69.24
C VAL A 448 -34.46 6.21 -68.37
N GLN A 449 -34.26 6.31 -67.06
CA GLN A 449 -35.37 6.21 -66.12
C GLN A 449 -36.34 7.38 -66.34
N ASP A 450 -35.78 8.57 -66.54
CA ASP A 450 -36.58 9.76 -66.76
C ASP A 450 -37.36 9.58 -68.06
N ALA A 451 -36.64 9.24 -69.12
CA ALA A 451 -37.25 9.05 -70.42
C ALA A 451 -38.50 8.19 -70.31
N ILE A 452 -38.42 7.14 -69.51
CA ILE A 452 -39.56 6.25 -69.36
C ILE A 452 -40.65 6.91 -68.54
N ALA A 453 -40.25 7.57 -67.46
CA ALA A 453 -41.23 8.24 -66.61
C ALA A 453 -41.96 9.32 -67.37
N VAL A 454 -41.23 10.07 -68.21
CA VAL A 454 -41.84 11.13 -69.00
C VAL A 454 -42.79 10.59 -70.06
N ARG A 455 -42.49 9.44 -70.64
CA ARG A 455 -43.36 8.85 -71.65
C ARG A 455 -44.62 8.33 -70.99
N LEU A 456 -44.48 7.85 -69.76
CA LEU A 456 -45.62 7.35 -69.00
C LEU A 456 -46.53 8.50 -68.61
N ALA A 457 -45.95 9.63 -68.24
CA ALA A 457 -46.74 10.78 -67.86
C ALA A 457 -47.56 11.24 -69.06
N GLU A 458 -47.00 11.08 -70.25
CA GLU A 458 -47.69 11.49 -71.46
C GLU A 458 -48.82 10.51 -71.71
N TYR A 459 -48.51 9.23 -71.56
CA TYR A 459 -49.48 8.18 -71.76
C TYR A 459 -50.66 8.35 -70.81
N ALA A 460 -50.39 8.93 -69.64
CA ALA A 460 -51.41 9.14 -68.63
C ALA A 460 -52.19 10.43 -68.93
N GLY A 461 -51.77 11.16 -69.95
CA GLY A 461 -52.45 12.38 -70.34
C GLY A 461 -51.87 13.69 -69.85
N HIS A 462 -50.56 13.85 -69.93
CA HIS A 462 -49.91 15.07 -69.48
C HIS A 462 -49.07 15.62 -70.60
N GLN A 463 -48.97 16.95 -70.68
CA GLN A 463 -48.16 17.57 -71.72
C GLN A 463 -47.07 18.38 -71.07
N ALA A 464 -45.95 18.51 -71.78
CA ALA A 464 -44.82 19.28 -71.28
C ALA A 464 -45.24 20.75 -71.19
N PRO A 465 -44.72 21.47 -70.18
CA PRO A 465 -45.13 22.87 -70.14
C PRO A 465 -44.42 23.62 -71.27
N GLU A 466 -44.98 24.76 -71.66
CA GLU A 466 -44.41 25.58 -72.73
C GLU A 466 -44.22 27.00 -72.23
N GLY A 467 -45.10 27.50 -71.48
N ARG B 1 -2.17 -6.56 25.12
CA ARG B 1 -1.94 -7.80 24.33
C ARG B 1 -3.23 -8.42 23.80
N LEU B 2 -3.52 -8.13 22.53
CA LEU B 2 -4.71 -8.64 21.88
C LEU B 2 -4.69 -10.16 21.72
N THR B 3 -3.50 -10.69 21.46
CA THR B 3 -3.35 -12.14 21.28
C THR B 3 -3.87 -12.89 22.50
N GLU B 4 -4.26 -12.13 23.52
CA GLU B 4 -4.78 -12.72 24.74
C GLU B 4 -6.29 -12.53 24.76
N LEU B 5 -6.74 -11.39 24.23
CA LEU B 5 -8.15 -11.06 24.15
C LEU B 5 -8.82 -11.84 23.01
N ARG B 6 -8.24 -11.74 21.82
CA ARG B 6 -8.76 -12.41 20.64
C ARG B 6 -9.10 -13.88 20.81
N GLU B 7 -8.25 -14.62 21.52
CA GLU B 7 -8.53 -16.03 21.70
C GLU B 7 -9.69 -16.24 22.67
N ASP B 8 -9.95 -15.22 23.48
CA ASP B 8 -11.07 -15.27 24.43
C ASP B 8 -12.37 -15.20 23.66
N ILE B 9 -12.49 -14.15 22.84
CA ILE B 9 -13.67 -13.93 22.02
C ILE B 9 -13.93 -15.19 21.20
N ASP B 10 -12.86 -15.75 20.61
CA ASP B 10 -12.96 -16.97 19.81
C ASP B 10 -13.63 -18.09 20.59
N ALA B 11 -13.26 -18.21 21.85
CA ALA B 11 -13.83 -19.23 22.72
C ALA B 11 -15.29 -18.89 22.97
N ILE B 12 -15.56 -17.62 23.26
CA ILE B 12 -16.92 -17.21 23.51
C ILE B 12 -17.74 -17.48 22.27
N LEU B 13 -17.16 -17.24 21.10
CA LEU B 13 -17.88 -17.47 19.86
C LEU B 13 -18.06 -18.95 19.55
N GLU B 14 -17.41 -19.80 20.32
CA GLU B 14 -17.55 -21.23 20.10
C GLU B 14 -18.76 -21.76 20.87
N ASP B 15 -19.53 -20.86 21.44
CA ASP B 15 -20.72 -21.25 22.21
C ASP B 15 -21.61 -22.16 21.36
N PRO B 16 -22.30 -23.13 22.01
CA PRO B 16 -23.16 -24.02 21.22
C PRO B 16 -24.36 -23.28 20.62
N ALA B 17 -24.82 -22.23 21.29
CA ALA B 17 -25.96 -21.45 20.79
C ALA B 17 -25.64 -20.81 19.45
N LEU B 18 -24.36 -20.79 19.10
CA LEU B 18 -23.89 -20.19 17.87
C LEU B 18 -23.54 -21.23 16.79
N GLU B 19 -23.81 -22.51 17.10
CA GLU B 19 -23.53 -23.61 16.17
C GLU B 19 -24.16 -23.44 14.79
N GLY B 20 -23.33 -23.49 13.75
CA GLY B 20 -23.82 -23.38 12.39
C GLY B 20 -24.33 -22.02 11.96
N ALA B 21 -23.97 -20.98 12.71
CA ALA B 21 -24.40 -19.63 12.40
C ALA B 21 -23.27 -18.85 11.74
N VAL B 22 -23.48 -17.55 11.54
CA VAL B 22 -22.49 -16.67 10.92
C VAL B 22 -22.43 -15.37 11.71
N SER B 23 -21.51 -15.28 12.66
CA SER B 23 -21.37 -14.09 13.47
C SER B 23 -20.32 -13.14 12.92
N GLY B 24 -20.72 -11.89 12.71
CA GLY B 24 -19.80 -10.89 12.22
C GLY B 24 -19.46 -10.01 13.41
N VAL B 25 -18.27 -10.21 13.96
CA VAL B 25 -17.85 -9.43 15.13
C VAL B 25 -16.70 -8.51 14.75
N VAL B 26 -16.79 -7.24 15.13
CA VAL B 26 -15.73 -6.29 14.83
C VAL B 26 -15.53 -5.30 15.98
N VAL B 27 -14.35 -5.31 16.57
CA VAL B 27 -14.03 -4.41 17.66
C VAL B 27 -12.94 -3.44 17.24
N VAL B 28 -13.15 -2.16 17.53
CA VAL B 28 -12.19 -1.13 17.17
C VAL B 28 -11.97 -0.15 18.31
N ASP B 29 -10.75 0.36 18.40
CA ASP B 29 -10.40 1.33 19.42
C ASP B 29 -10.55 2.69 18.78
N THR B 30 -11.55 3.46 19.21
CA THR B 30 -11.81 4.78 18.67
C THR B 30 -10.58 5.68 18.67
N ALA B 31 -9.96 5.82 19.84
CA ALA B 31 -8.77 6.66 20.00
C ALA B 31 -7.67 6.39 18.97
N THR B 32 -7.10 5.19 19.03
CA THR B 32 -6.03 4.81 18.11
C THR B 32 -6.56 4.52 16.72
N GLY B 33 -7.62 3.71 16.64
CA GLY B 33 -8.19 3.34 15.35
C GLY B 33 -7.89 1.88 15.10
N GLU B 34 -7.12 1.32 16.02
CA GLU B 34 -6.72 -0.08 15.94
C GLU B 34 -7.88 -1.05 15.95
N GLU B 35 -7.78 -2.08 15.10
CA GLU B 35 -8.79 -3.11 14.98
C GLU B 35 -8.51 -4.21 16.01
N LEU B 36 -9.04 -4.04 17.23
CA LEU B 36 -8.83 -5.01 18.29
C LEU B 36 -9.26 -6.44 17.97
N TYR B 37 -10.31 -6.59 17.16
CA TYR B 37 -10.77 -7.92 16.77
C TYR B 37 -11.63 -7.80 15.51
N SER B 38 -11.60 -8.83 14.67
CA SER B 38 -12.40 -8.79 13.44
C SER B 38 -12.67 -10.16 12.81
N ARG B 39 -13.94 -10.47 12.62
CA ARG B 39 -14.33 -11.75 12.03
C ARG B 39 -15.55 -11.59 11.14
N ASP B 40 -15.42 -11.96 9.87
CA ASP B 40 -16.52 -11.86 8.92
C ASP B 40 -17.10 -10.45 8.89
N GLY B 41 -16.25 -9.48 9.19
CA GLY B 41 -16.67 -8.08 9.22
C GLY B 41 -17.25 -7.57 7.91
N GLY B 42 -16.97 -8.30 6.83
CA GLY B 42 -17.47 -7.89 5.53
C GLY B 42 -18.73 -8.61 5.12
N GLU B 43 -19.08 -9.68 5.83
CA GLU B 43 -20.28 -10.45 5.50
C GLU B 43 -21.56 -9.63 5.72
N GLN B 44 -22.42 -9.60 4.70
CA GLN B 44 -23.66 -8.87 4.84
C GLN B 44 -24.62 -9.74 5.64
N LEU B 45 -25.22 -9.16 6.68
CA LEU B 45 -26.13 -9.87 7.54
C LEU B 45 -27.30 -8.98 7.92
N LEU B 46 -28.43 -9.59 8.29
CA LEU B 46 -29.59 -8.83 8.72
C LEU B 46 -29.20 -8.26 10.08
N PRO B 47 -29.40 -6.95 10.26
CA PRO B 47 -29.07 -6.26 11.51
C PRO B 47 -30.21 -6.17 12.51
N ALA B 48 -31.43 -6.41 12.06
CA ALA B 48 -32.59 -6.30 12.94
C ALA B 48 -32.65 -4.84 13.39
N SER B 49 -33.00 -4.59 14.65
CA SER B 49 -33.10 -3.21 15.13
C SER B 49 -31.80 -2.41 15.11
N ASN B 50 -30.69 -3.10 14.88
CA ASN B 50 -29.39 -2.42 14.81
C ASN B 50 -29.46 -1.41 13.67
N MET B 51 -30.36 -1.67 12.72
CA MET B 51 -30.58 -0.82 11.58
C MET B 51 -31.00 0.58 12.03
N LYS B 52 -31.61 0.67 13.20
CA LYS B 52 -32.06 1.96 13.75
C LYS B 52 -30.89 2.92 13.93
N LEU B 53 -29.69 2.39 14.13
CA LEU B 53 -28.53 3.24 14.32
C LEU B 53 -28.27 4.07 13.08
N PHE B 54 -28.50 3.47 11.91
CA PHE B 54 -28.29 4.18 10.65
C PHE B 54 -29.40 5.21 10.48
N THR B 55 -30.59 4.86 10.96
CA THR B 55 -31.73 5.76 10.85
C THR B 55 -31.51 6.95 11.78
N ALA B 56 -31.12 6.68 13.01
CA ALA B 56 -30.90 7.74 13.98
C ALA B 56 -29.81 8.68 13.47
N ALA B 57 -28.68 8.10 13.07
CA ALA B 57 -27.58 8.90 12.54
C ALA B 57 -28.09 9.82 11.45
N ALA B 58 -28.63 9.23 10.38
CA ALA B 58 -29.14 10.02 9.27
C ALA B 58 -30.20 11.02 9.73
N ALA B 59 -30.93 10.69 10.78
CA ALA B 59 -31.95 11.57 11.30
C ALA B 59 -31.31 12.81 11.89
N LEU B 60 -30.42 12.61 12.85
CA LEU B 60 -29.71 13.72 13.50
C LEU B 60 -29.01 14.59 12.48
N GLU B 61 -28.53 13.96 11.40
CA GLU B 61 -27.82 14.71 10.36
C GLU B 61 -28.82 15.58 9.61
N VAL B 62 -29.57 14.96 8.71
CA VAL B 62 -30.58 15.62 7.88
C VAL B 62 -31.54 16.57 8.61
N LEU B 63 -31.99 16.20 9.80
CA LEU B 63 -32.94 17.01 10.55
C LEU B 63 -32.33 17.78 11.73
N GLY B 64 -31.31 17.22 12.36
CA GLY B 64 -30.69 17.89 13.48
C GLY B 64 -31.40 17.66 14.80
N ALA B 65 -30.63 17.71 15.88
CA ALA B 65 -31.16 17.46 17.22
C ALA B 65 -32.09 18.56 17.71
N ASP B 66 -32.16 19.65 16.95
CA ASP B 66 -33.01 20.76 17.33
C ASP B 66 -34.35 20.70 16.61
N HIS B 67 -34.40 19.96 15.51
CA HIS B 67 -35.61 19.80 14.72
C HIS B 67 -36.73 19.30 15.63
N SER B 68 -37.96 19.65 15.29
CA SER B 68 -39.12 19.22 16.07
C SER B 68 -40.27 19.05 15.10
N PHE B 69 -41.32 18.36 15.55
CA PHE B 69 -42.48 18.12 14.70
C PHE B 69 -43.73 18.78 15.28
N GLY B 70 -44.62 19.20 14.40
CA GLY B 70 -45.83 19.85 14.86
C GLY B 70 -47.10 19.34 14.21
N THR B 71 -48.21 19.57 14.91
CA THR B 71 -49.51 19.16 14.42
C THR B 71 -50.38 20.41 14.41
N GLU B 72 -51.27 20.53 13.43
CA GLU B 72 -52.13 21.70 13.35
C GLU B 72 -53.60 21.43 13.04
N VAL B 73 -54.47 22.29 13.55
CA VAL B 73 -55.90 22.21 13.29
C VAL B 73 -56.11 23.41 12.38
N ALA B 74 -56.96 23.26 11.37
CA ALA B 74 -57.17 24.38 10.46
C ALA B 74 -58.52 24.37 9.76
N ALA B 75 -59.02 25.58 9.50
CA ALA B 75 -60.29 25.77 8.81
C ALA B 75 -60.06 26.76 7.70
N GLU B 76 -60.98 26.82 6.74
CA GLU B 76 -60.84 27.75 5.63
C GLU B 76 -60.71 29.18 6.11
N SER B 77 -61.38 29.50 7.22
CA SER B 77 -61.35 30.83 7.82
C SER B 77 -61.60 30.72 9.31
N ALA B 78 -61.54 31.84 10.00
CA ALA B 78 -61.78 31.86 11.44
C ALA B 78 -63.28 31.65 11.68
N PRO B 79 -63.67 31.30 12.91
CA PRO B 79 -65.10 31.09 13.20
C PRO B 79 -65.98 32.31 12.94
N GLY B 80 -67.12 32.08 12.26
CA GLY B 80 -68.05 33.15 11.94
C GLY B 80 -68.75 33.77 13.14
N ARG B 81 -69.81 34.53 12.84
CA ARG B 81 -70.61 35.22 13.86
C ARG B 81 -71.07 34.25 14.94
N ARG B 82 -71.80 33.23 14.53
CA ARG B 82 -72.30 32.23 15.47
C ARG B 82 -71.17 31.37 16.01
N GLY B 83 -69.94 31.69 15.60
CA GLY B 83 -68.80 30.92 16.04
C GLY B 83 -68.80 29.57 15.35
N GLU B 84 -69.11 29.56 14.06
CA GLU B 84 -69.16 28.32 13.29
C GLU B 84 -68.16 28.28 12.13
N VAL B 85 -67.51 27.13 11.97
CA VAL B 85 -66.56 26.91 10.90
C VAL B 85 -67.17 25.80 10.05
N GLN B 86 -66.91 25.81 8.76
CA GLN B 86 -67.48 24.78 7.90
C GLN B 86 -66.80 23.44 8.16
N ASP B 87 -65.66 23.20 7.51
CA ASP B 87 -64.91 21.96 7.70
C ASP B 87 -63.70 22.20 8.58
N LEU B 88 -63.26 21.17 9.27
CA LEU B 88 -62.09 21.28 10.13
C LEU B 88 -61.08 20.21 9.76
N TYR B 89 -59.80 20.59 9.72
CA TYR B 89 -58.75 19.66 9.37
C TYR B 89 -57.72 19.50 10.47
N LEU B 90 -57.47 18.24 10.85
CA LEU B 90 -56.44 17.93 11.84
C LEU B 90 -55.27 17.39 11.02
N VAL B 91 -54.32 18.28 10.76
CA VAL B 91 -53.15 17.96 9.96
C VAL B 91 -51.96 17.52 10.78
N GLY B 92 -51.41 16.37 10.40
CA GLY B 92 -50.26 15.83 11.10
C GLY B 92 -49.03 15.94 10.22
N ARG B 93 -47.89 16.24 10.82
CA ARG B 93 -46.66 16.35 10.06
C ARG B 93 -45.51 15.58 10.69
N GLY B 94 -45.79 14.34 11.09
CA GLY B 94 -44.76 13.47 11.65
C GLY B 94 -44.43 13.45 13.13
N ASP B 95 -45.32 13.94 13.99
CA ASP B 95 -45.03 13.93 15.42
C ASP B 95 -45.18 12.48 15.94
N PRO B 96 -44.07 11.86 16.37
CA PRO B 96 -44.12 10.49 16.88
C PRO B 96 -44.49 10.47 18.36
N THR B 97 -44.88 11.62 18.89
CA THR B 97 -45.23 11.69 20.30
C THR B 97 -46.57 12.36 20.55
N LEU B 98 -47.36 12.55 19.50
CA LEU B 98 -48.66 13.19 19.62
C LEU B 98 -49.57 12.33 20.50
N SER B 99 -49.71 12.72 21.76
CA SER B 99 -50.54 11.98 22.70
C SER B 99 -52.00 12.44 22.66
N ALA B 100 -52.84 11.76 23.43
CA ALA B 100 -54.25 12.10 23.50
C ALA B 100 -54.37 13.36 24.36
N GLU B 101 -53.36 13.55 25.21
CA GLU B 101 -53.29 14.69 26.09
C GLU B 101 -53.08 15.93 25.24
N ASP B 102 -52.24 15.82 24.22
CA ASP B 102 -52.00 16.94 23.33
C ASP B 102 -53.23 17.17 22.46
N LEU B 103 -53.83 16.09 21.97
CA LEU B 103 -55.03 16.19 21.15
C LEU B 103 -56.09 16.99 21.89
N ASP B 104 -56.16 16.80 23.20
CA ASP B 104 -57.15 17.52 23.99
C ASP B 104 -56.77 19.00 24.11
N ALA B 105 -55.49 19.25 24.39
CA ALA B 105 -55.01 20.62 24.52
C ALA B 105 -55.39 21.43 23.29
N MET B 106 -55.31 20.81 22.12
CA MET B 106 -55.66 21.51 20.91
C MET B 106 -57.17 21.66 20.84
N ALA B 107 -57.89 20.67 21.35
CA ALA B 107 -59.34 20.72 21.34
C ALA B 107 -59.78 21.95 22.11
N ALA B 108 -59.05 22.26 23.18
CA ALA B 108 -59.33 23.42 24.01
C ALA B 108 -59.05 24.70 23.21
N GLU B 109 -57.85 24.80 22.64
CA GLU B 109 -57.49 25.97 21.85
C GLU B 109 -58.48 26.22 20.72
N VAL B 110 -59.11 25.16 20.21
CA VAL B 110 -60.07 25.32 19.12
C VAL B 110 -61.33 25.99 19.66
N ALA B 111 -61.72 25.61 20.86
CA ALA B 111 -62.89 26.18 21.51
C ALA B 111 -62.60 27.65 21.82
N ALA B 112 -61.40 27.89 22.35
CA ALA B 112 -60.96 29.23 22.71
C ALA B 112 -60.79 30.12 21.48
N SER B 113 -60.48 29.51 20.34
CA SER B 113 -60.29 30.25 19.10
C SER B 113 -61.60 30.87 18.64
N GLY B 114 -62.68 30.56 19.34
CA GLY B 114 -63.96 31.11 18.96
C GLY B 114 -64.83 30.14 18.20
N VAL B 115 -64.43 28.86 18.19
CA VAL B 115 -65.22 27.85 17.49
C VAL B 115 -66.12 27.14 18.49
N ARG B 116 -67.41 27.11 18.19
CA ARG B 116 -68.38 26.44 19.04
C ARG B 116 -69.05 25.33 18.27
N THR B 117 -69.00 25.41 16.95
CA THR B 117 -69.63 24.41 16.11
C THR B 117 -68.95 24.24 14.77
N VAL B 118 -68.92 23.00 14.30
CA VAL B 118 -68.36 22.65 13.00
C VAL B 118 -69.55 22.07 12.26
N ARG B 119 -70.17 22.89 11.40
CA ARG B 119 -71.33 22.46 10.64
C ARG B 119 -70.94 21.37 9.64
N GLY B 120 -69.66 21.32 9.29
CA GLY B 120 -69.21 20.33 8.33
C GLY B 120 -68.56 19.10 8.93
N ASP B 121 -67.71 18.46 8.14
CA ASP B 121 -67.00 17.25 8.55
C ASP B 121 -65.66 17.59 9.19
N LEU B 122 -65.11 16.62 9.90
CA LEU B 122 -63.81 16.77 10.53
C LEU B 122 -62.87 15.81 9.80
N TYR B 123 -61.86 16.35 9.15
CA TYR B 123 -60.91 15.54 8.40
C TYR B 123 -59.59 15.32 9.09
N ALA B 124 -59.05 14.12 8.92
CA ALA B 124 -57.76 13.76 9.48
C ALA B 124 -56.83 13.86 8.29
N ASP B 125 -55.90 14.81 8.34
CA ASP B 125 -54.97 15.01 7.24
C ASP B 125 -53.59 14.49 7.57
N ASP B 126 -53.13 13.52 6.78
CA ASP B 126 -51.81 12.94 6.99
C ASP B 126 -51.09 12.87 5.65
N THR B 127 -51.48 13.72 4.72
CA THR B 127 -50.89 13.72 3.40
C THR B 127 -49.42 14.14 3.39
N TRP B 128 -48.89 14.47 4.56
CA TRP B 128 -47.49 14.85 4.70
C TRP B 128 -46.64 13.67 4.23
N PHE B 129 -47.14 12.46 4.51
CA PHE B 129 -46.49 11.23 4.11
C PHE B 129 -47.42 10.54 3.11
N ASP B 130 -46.90 9.63 2.31
CA ASP B 130 -47.76 8.91 1.39
C ASP B 130 -48.56 7.93 2.24
N SER B 131 -49.64 7.40 1.67
CA SER B 131 -50.50 6.48 2.42
C SER B 131 -50.03 5.03 2.44
N GLU B 132 -48.74 4.79 2.20
CA GLU B 132 -48.22 3.43 2.24
C GLU B 132 -48.00 3.14 3.72
N ARG B 133 -48.87 2.32 4.30
CA ARG B 133 -48.81 2.00 5.72
C ARG B 133 -47.75 1.02 6.17
N LEU B 134 -47.42 0.06 5.31
CA LEU B 134 -46.44 -0.92 5.72
C LEU B 134 -45.40 -1.18 4.66
N VAL B 135 -44.22 -1.58 5.10
CA VAL B 135 -43.14 -1.91 4.19
C VAL B 135 -43.63 -3.18 3.51
N ASP B 136 -43.33 -3.33 2.22
CA ASP B 136 -43.78 -4.49 1.46
C ASP B 136 -43.44 -5.86 1.99
N ASP B 137 -42.17 -6.10 2.31
CA ASP B 137 -41.75 -7.41 2.78
C ASP B 137 -42.05 -7.75 4.24
N TRP B 138 -42.75 -6.86 4.94
CA TRP B 138 -43.12 -7.14 6.31
C TRP B 138 -44.14 -8.26 6.26
N TRP B 139 -44.25 -9.04 7.32
CA TRP B 139 -45.20 -10.13 7.32
C TRP B 139 -46.56 -9.73 7.85
N PRO B 140 -47.63 -10.03 7.10
CA PRO B 140 -48.99 -9.69 7.53
C PRO B 140 -49.30 -10.27 8.91
N GLU B 141 -48.59 -11.33 9.26
CA GLU B 141 -48.78 -11.97 10.55
C GLU B 141 -48.42 -11.06 11.72
N ASP B 142 -47.48 -10.16 11.53
CA ASP B 142 -47.06 -9.26 12.61
C ASP B 142 -47.93 -8.02 12.74
N GLU B 143 -48.71 -7.72 11.69
CA GLU B 143 -49.56 -6.54 11.67
C GLU B 143 -50.40 -6.18 12.90
N PRO B 144 -50.78 -7.16 13.73
CA PRO B 144 -51.59 -6.80 14.90
C PRO B 144 -50.78 -6.21 16.06
N TYR B 145 -49.46 -6.38 16.01
CA TYR B 145 -48.60 -5.91 17.09
C TYR B 145 -48.00 -4.54 16.94
N ALA B 146 -47.80 -3.92 18.10
CA ALA B 146 -47.25 -2.58 18.19
C ALA B 146 -46.00 -2.39 17.34
N TYR B 147 -45.17 -3.41 17.22
CA TYR B 147 -43.95 -3.26 16.42
C TYR B 147 -44.20 -3.23 14.93
N SER B 148 -45.44 -3.48 14.52
CA SER B 148 -45.78 -3.49 13.10
C SER B 148 -46.94 -2.53 12.78
N ALA B 149 -47.15 -1.55 13.65
CA ALA B 149 -48.22 -0.59 13.47
C ALA B 149 -48.08 0.16 12.16
N GLN B 150 -49.19 0.48 11.52
CA GLN B 150 -49.19 1.20 10.26
C GLN B 150 -48.52 2.56 10.43
N ILE B 151 -47.80 2.99 9.40
CA ILE B 151 -47.11 4.28 9.44
C ILE B 151 -47.97 5.39 8.85
N SER B 152 -47.88 6.57 9.45
CA SER B 152 -48.70 7.69 9.01
C SER B 152 -48.22 9.01 9.60
N ALA B 153 -48.40 10.11 8.86
CA ALA B 153 -47.98 11.42 9.34
C ALA B 153 -48.80 11.85 10.56
N LEU B 154 -50.08 11.45 10.59
CA LEU B 154 -50.97 11.78 11.69
C LEU B 154 -51.27 10.50 12.49
N THR B 155 -50.70 10.40 13.69
CA THR B 155 -50.90 9.22 14.52
C THR B 155 -50.82 9.61 15.99
N VAL B 156 -51.45 8.82 16.85
CA VAL B 156 -51.46 9.10 18.27
C VAL B 156 -50.58 8.11 19.03
N ALA B 157 -49.52 8.60 19.67
CA ALA B 157 -48.62 7.76 20.43
C ALA B 157 -49.22 7.43 21.79
N HIS B 158 -48.98 6.21 22.26
CA HIS B 158 -49.50 5.76 23.54
C HIS B 158 -48.40 5.58 24.60
N GLY B 159 -48.66 6.06 25.80
CA GLY B 159 -47.71 5.94 26.88
C GLY B 159 -46.44 6.78 26.76
N GLU B 160 -45.63 6.73 27.81
CA GLU B 160 -44.38 7.48 27.86
C GLU B 160 -43.36 6.93 26.86
N ARG B 161 -43.59 5.69 26.43
CA ARG B 161 -42.69 5.07 25.46
C ARG B 161 -43.09 5.49 24.06
N PHE B 162 -44.28 6.09 23.97
CA PHE B 162 -44.80 6.58 22.70
C PHE B 162 -44.96 5.53 21.62
N ASP B 163 -45.89 4.60 21.83
CA ASP B 163 -46.15 3.58 20.83
C ASP B 163 -47.26 4.13 19.97
N THR B 164 -47.00 4.25 18.67
CA THR B 164 -47.97 4.81 17.74
C THR B 164 -48.88 3.82 17.01
N GLY B 165 -50.00 4.35 16.50
CA GLY B 165 -50.96 3.56 15.75
C GLY B 165 -51.63 2.40 16.46
N VAL B 166 -51.44 2.32 17.78
CA VAL B 166 -52.02 1.23 18.57
C VAL B 166 -53.07 1.68 19.58
N THR B 167 -53.86 0.71 20.04
CA THR B 167 -54.88 0.96 21.03
C THR B 167 -54.61 -0.04 22.15
N GLU B 168 -54.97 0.33 23.36
CA GLU B 168 -54.76 -0.55 24.49
C GLU B 168 -56.02 -1.33 24.79
N VAL B 169 -55.98 -2.63 24.50
CA VAL B 169 -57.11 -3.49 24.77
C VAL B 169 -56.92 -4.15 26.12
N SER B 170 -57.99 -4.22 26.88
CA SER B 170 -57.92 -4.86 28.17
C SER B 170 -59.09 -5.82 28.25
N VAL B 171 -58.88 -6.93 28.94
CA VAL B 171 -59.90 -7.94 29.10
C VAL B 171 -59.92 -8.35 30.54
N THR B 172 -61.08 -8.25 31.18
CA THR B 172 -61.18 -8.62 32.58
C THR B 172 -62.13 -9.80 32.69
N PRO B 173 -61.84 -10.73 33.59
CA PRO B 173 -62.73 -11.88 33.71
C PRO B 173 -64.08 -11.47 34.28
N ALA B 174 -65.11 -12.22 33.92
CA ALA B 174 -66.46 -11.97 34.42
C ALA B 174 -66.79 -13.17 35.32
N ALA B 175 -67.89 -13.85 35.02
CA ALA B 175 -68.28 -15.02 35.80
C ALA B 175 -67.87 -16.26 34.99
N GLU B 176 -67.50 -17.33 35.70
CA GLU B 176 -67.12 -18.56 35.03
C GLU B 176 -68.22 -18.95 34.05
N GLY B 177 -67.85 -19.22 32.80
CA GLY B 177 -68.81 -19.60 31.79
C GLY B 177 -69.30 -18.45 30.93
N GLU B 178 -69.31 -17.24 31.49
CA GLU B 178 -69.78 -16.04 30.78
C GLU B 178 -68.66 -15.40 29.97
N PRO B 179 -69.02 -14.69 28.90
CA PRO B 179 -68.01 -14.03 28.06
C PRO B 179 -67.16 -13.07 28.89
N ALA B 180 -65.95 -12.81 28.41
CA ALA B 180 -65.03 -11.91 29.10
C ALA B 180 -65.37 -10.48 28.73
N ASP B 181 -65.04 -9.54 29.61
CA ASP B 181 -65.31 -8.12 29.37
C ASP B 181 -64.13 -7.53 28.62
N VAL B 182 -64.39 -6.85 27.51
CA VAL B 182 -63.33 -6.27 26.69
C VAL B 182 -63.44 -4.76 26.50
N ASP B 183 -62.40 -4.04 26.87
CA ASP B 183 -62.37 -2.58 26.70
C ASP B 183 -61.34 -2.32 25.61
N LEU B 184 -61.80 -1.86 24.46
CA LEU B 184 -60.90 -1.60 23.34
C LEU B 184 -60.06 -0.35 23.52
N GLY B 185 -60.14 0.27 24.69
CA GLY B 185 -59.35 1.46 24.96
C GLY B 185 -59.77 2.66 24.12
N ALA B 186 -58.78 3.38 23.60
CA ALA B 186 -59.05 4.55 22.79
C ALA B 186 -59.73 4.21 21.48
N ALA B 187 -59.67 2.94 21.07
CA ALA B 187 -60.30 2.54 19.81
C ALA B 187 -61.80 2.29 19.99
N GLU B 188 -62.30 2.55 21.20
CA GLU B 188 -63.71 2.36 21.50
C GLU B 188 -64.56 3.22 20.59
N GLY B 189 -65.45 2.58 19.84
CA GLY B 189 -66.30 3.32 18.96
C GLY B 189 -65.63 3.54 17.62
N TYR B 190 -64.39 3.09 17.51
CA TYR B 190 -63.67 3.24 16.25
C TYR B 190 -63.56 1.88 15.59
N ALA B 191 -62.87 0.97 16.28
CA ALA B 191 -62.68 -0.39 15.76
C ALA B 191 -63.80 -1.30 16.23
N GLU B 192 -64.05 -2.36 15.46
CA GLU B 192 -65.08 -3.31 15.82
C GLU B 192 -64.57 -4.25 16.90
N LEU B 193 -65.47 -5.07 17.44
CA LEU B 193 -65.10 -6.01 18.48
C LEU B 193 -65.76 -7.35 18.26
N ASP B 194 -64.95 -8.39 18.06
CA ASP B 194 -65.44 -9.75 17.89
C ASP B 194 -65.01 -10.52 19.13
N ASN B 195 -65.84 -10.45 20.17
CA ASN B 195 -65.52 -11.11 21.42
C ASN B 195 -66.07 -12.54 21.55
N ARG B 196 -65.17 -13.50 21.41
CA ARG B 196 -65.50 -14.90 21.52
C ARG B 196 -64.75 -15.57 22.68
N ALA B 197 -64.23 -14.76 23.60
CA ALA B 197 -63.48 -15.26 24.75
C ALA B 197 -64.38 -15.70 25.91
N VAL B 198 -63.85 -16.53 26.81
CA VAL B 198 -64.64 -17.00 27.95
C VAL B 198 -63.94 -16.79 29.27
N THR B 199 -64.72 -16.76 30.33
CA THR B 199 -64.16 -16.61 31.67
C THR B 199 -64.04 -18.05 32.15
N GLY B 200 -62.81 -18.50 32.37
CA GLY B 200 -62.62 -19.86 32.82
C GLY B 200 -62.77 -19.98 34.33
N ALA B 201 -62.77 -21.21 34.82
CA ALA B 201 -62.90 -21.43 36.25
C ALA B 201 -61.69 -20.82 36.93
N ALA B 202 -61.86 -20.40 38.17
CA ALA B 202 -60.76 -19.82 38.91
C ALA B 202 -59.66 -20.86 39.00
N GLY B 203 -58.41 -20.42 38.77
CA GLY B 203 -57.30 -21.34 38.86
C GLY B 203 -56.96 -22.07 37.58
N SER B 204 -57.79 -21.88 36.54
CA SER B 204 -57.53 -22.54 35.26
C SER B 204 -56.47 -21.77 34.47
N ALA B 205 -55.93 -22.42 33.44
CA ALA B 205 -54.90 -21.83 32.60
C ALA B 205 -55.45 -20.63 31.79
N ASN B 206 -54.61 -19.64 31.58
CA ASN B 206 -55.01 -18.46 30.83
C ASN B 206 -54.64 -18.68 29.36
N THR B 207 -55.62 -19.00 28.52
CA THR B 207 -55.35 -19.23 27.11
C THR B 207 -55.90 -18.11 26.24
N LEU B 208 -56.01 -16.92 26.83
CA LEU B 208 -56.56 -15.77 26.11
C LEU B 208 -55.73 -15.34 24.89
N VAL B 209 -56.41 -14.85 23.87
CA VAL B 209 -55.73 -14.38 22.67
C VAL B 209 -56.44 -13.13 22.13
N ILE B 210 -55.66 -12.07 21.91
CA ILE B 210 -56.18 -10.81 21.40
C ILE B 210 -55.47 -10.57 20.09
N ASP B 211 -56.24 -10.51 19.01
CA ASP B 211 -55.65 -10.34 17.71
C ASP B 211 -56.50 -9.41 16.85
N ARG B 212 -55.98 -9.05 15.69
CA ARG B 212 -56.69 -8.22 14.74
C ARG B 212 -56.59 -8.92 13.40
N PRO B 213 -57.67 -9.59 12.98
CA PRO B 213 -57.65 -10.31 11.70
C PRO B 213 -57.09 -9.42 10.60
N VAL B 214 -56.18 -9.96 9.81
CA VAL B 214 -55.54 -9.23 8.73
C VAL B 214 -56.56 -8.54 7.83
N GLY B 215 -56.21 -7.34 7.40
CA GLY B 215 -57.07 -6.58 6.51
C GLY B 215 -58.32 -6.00 7.14
N THR B 216 -58.56 -6.27 8.42
CA THR B 216 -59.74 -5.76 9.10
C THR B 216 -59.39 -4.75 10.18
N ASN B 217 -60.42 -4.09 10.70
CA ASN B 217 -60.24 -3.13 11.79
C ASN B 217 -61.05 -3.71 12.95
N THR B 218 -60.97 -5.03 13.07
CA THR B 218 -61.69 -5.76 14.10
C THR B 218 -60.75 -6.43 15.11
N ILE B 219 -60.89 -6.07 16.37
CA ILE B 219 -60.10 -6.67 17.43
C ILE B 219 -60.89 -7.90 17.85
N ALA B 220 -60.35 -9.10 17.59
CA ALA B 220 -61.00 -10.34 17.98
C ALA B 220 -60.36 -10.84 19.26
N VAL B 221 -61.18 -11.28 20.21
CA VAL B 221 -60.69 -11.79 21.48
C VAL B 221 -61.24 -13.20 21.62
N THR B 222 -60.33 -14.17 21.75
CA THR B 222 -60.71 -15.57 21.88
C THR B 222 -59.88 -16.18 22.99
N GLY B 223 -60.25 -17.39 23.41
CA GLY B 223 -59.51 -18.04 24.47
C GLY B 223 -60.21 -17.98 25.80
N SER B 224 -59.51 -18.39 26.86
CA SER B 224 -60.09 -18.39 28.18
C SER B 224 -59.28 -17.60 29.18
N LEU B 225 -59.97 -16.80 29.98
CA LEU B 225 -59.34 -15.97 31.01
C LEU B 225 -59.87 -16.49 32.34
N PRO B 226 -58.96 -16.92 33.24
CA PRO B 226 -59.40 -17.43 34.55
C PRO B 226 -60.25 -16.39 35.28
N ALA B 227 -61.28 -16.86 35.98
CA ALA B 227 -62.17 -15.96 36.70
C ALA B 227 -61.38 -15.21 37.76
N ASP B 228 -60.37 -15.87 38.31
CA ASP B 228 -59.55 -15.30 39.35
C ASP B 228 -58.33 -14.58 38.81
N ALA B 229 -58.27 -14.39 37.49
CA ALA B 229 -57.14 -13.74 36.87
C ALA B 229 -57.24 -12.23 36.91
N ALA B 230 -56.09 -11.56 36.91
CA ALA B 230 -56.07 -10.10 36.91
C ALA B 230 -56.41 -9.66 35.49
N PRO B 231 -56.74 -8.38 35.30
CA PRO B 231 -57.06 -7.94 33.93
C PRO B 231 -55.90 -8.18 32.98
N VAL B 232 -56.19 -8.33 31.70
CA VAL B 232 -55.16 -8.52 30.69
C VAL B 232 -55.07 -7.21 29.91
N THR B 233 -53.86 -6.69 29.72
CA THR B 233 -53.72 -5.44 29.00
C THR B 233 -52.71 -5.57 27.88
N ALA B 234 -53.19 -5.49 26.65
CA ALA B 234 -52.31 -5.62 25.49
C ALA B 234 -52.44 -4.47 24.51
N LEU B 235 -51.31 -4.13 23.87
CA LEU B 235 -51.31 -3.06 22.88
C LEU B 235 -51.48 -3.72 21.51
N ARG B 236 -52.52 -3.30 20.79
CA ARG B 236 -52.81 -3.85 19.48
C ARG B 236 -52.91 -2.70 18.48
N THR B 237 -52.53 -2.95 17.23
CA THR B 237 -52.58 -1.90 16.22
C THR B 237 -53.98 -1.76 15.63
N VAL B 238 -54.29 -0.57 15.14
CA VAL B 238 -55.59 -0.35 14.52
C VAL B 238 -55.31 -0.03 13.05
N ASP B 239 -56.38 0.03 12.27
CA ASP B 239 -56.24 0.34 10.87
C ASP B 239 -56.44 1.83 10.66
N GLU B 240 -55.52 2.46 9.95
CA GLU B 240 -55.58 3.88 9.66
C GLU B 240 -55.42 4.75 10.91
N PRO B 241 -54.19 4.80 11.44
CA PRO B 241 -53.86 5.58 12.65
C PRO B 241 -54.47 6.98 12.65
N ALA B 242 -54.53 7.61 11.48
CA ALA B 242 -55.08 8.95 11.37
C ALA B 242 -56.57 9.00 11.70
N ALA B 243 -57.33 8.06 11.17
CA ALA B 243 -58.76 7.99 11.43
C ALA B 243 -59.03 7.80 12.92
N LEU B 244 -58.11 7.13 13.61
CA LEU B 244 -58.27 6.94 15.05
C LEU B 244 -57.98 8.28 15.71
N ALA B 245 -57.02 9.01 15.14
CA ALA B 245 -56.66 10.33 15.66
C ALA B 245 -57.84 11.27 15.45
N GLY B 246 -58.46 11.20 14.28
CA GLY B 246 -59.61 12.04 14.01
C GLY B 246 -60.69 11.73 15.02
N HIS B 247 -60.89 10.44 15.25
CA HIS B 247 -61.90 9.96 16.19
C HIS B 247 -61.62 10.56 17.56
N LEU B 248 -60.41 10.34 18.07
CA LEU B 248 -60.01 10.85 19.38
C LEU B 248 -60.11 12.36 19.49
N PHE B 249 -59.94 13.04 18.36
CA PHE B 249 -60.00 14.49 18.35
C PHE B 249 -61.45 14.96 18.31
N GLU B 250 -62.27 14.25 17.53
CA GLU B 250 -63.67 14.59 17.41
C GLU B 250 -64.37 14.44 18.76
N GLU B 251 -63.77 13.66 19.64
CA GLU B 251 -64.33 13.45 20.96
C GLU B 251 -63.77 14.53 21.86
N ALA B 252 -62.49 14.82 21.72
CA ALA B 252 -61.84 15.86 22.51
C ALA B 252 -62.61 17.16 22.31
N LEU B 253 -63.00 17.44 21.08
CA LEU B 253 -63.75 18.65 20.76
C LEU B 253 -65.07 18.71 21.55
N GLU B 254 -65.82 17.62 21.55
CA GLU B 254 -67.08 17.58 22.29
C GLU B 254 -66.81 17.90 23.74
N SER B 255 -65.76 17.27 24.28
CA SER B 255 -65.37 17.49 25.67
C SER B 255 -65.03 18.95 25.94
N ASN B 256 -64.92 19.75 24.88
CA ASN B 256 -64.60 21.16 25.04
C ASN B 256 -65.69 22.07 24.47
N GLY B 257 -66.93 21.59 24.54
CA GLY B 257 -68.05 22.38 24.05
C GLY B 257 -68.14 22.65 22.57
N VAL B 258 -67.42 21.88 21.76
CA VAL B 258 -67.45 22.07 20.31
C VAL B 258 -68.24 20.94 19.66
N THR B 259 -69.36 21.28 19.05
CA THR B 259 -70.22 20.29 18.40
C THR B 259 -69.76 20.04 16.97
N VAL B 260 -69.49 18.78 16.65
CA VAL B 260 -69.08 18.42 15.30
C VAL B 260 -70.29 17.76 14.65
N LYS B 261 -71.03 18.55 13.87
CA LYS B 261 -72.21 18.07 13.19
C LYS B 261 -71.95 16.92 12.22
N GLY B 262 -71.05 17.14 11.27
CA GLY B 262 -70.74 16.14 10.27
C GLY B 262 -69.85 14.97 10.67
N ASP B 263 -69.43 14.20 9.67
CA ASP B 263 -68.59 13.02 9.84
C ASP B 263 -67.09 13.24 9.97
N VAL B 264 -66.40 12.16 10.36
CA VAL B 264 -64.95 12.16 10.53
C VAL B 264 -64.32 11.26 9.48
N GLY B 265 -63.39 11.82 8.71
CA GLY B 265 -62.75 11.04 7.67
C GLY B 265 -61.34 11.48 7.34
N LEU B 266 -60.82 10.95 6.24
CA LEU B 266 -59.47 11.27 5.79
C LEU B 266 -59.52 12.21 4.60
N GLY B 267 -58.65 13.21 4.61
CA GLY B 267 -58.61 14.16 3.51
C GLY B 267 -57.59 15.23 3.75
N GLY B 268 -56.86 15.59 2.69
CA GLY B 268 -55.86 16.63 2.83
C GLY B 268 -56.49 18.00 2.67
N VAL B 269 -55.84 19.04 3.20
CA VAL B 269 -56.41 20.37 3.07
C VAL B 269 -56.71 20.63 1.60
N PRO B 270 -57.88 21.23 1.31
CA PRO B 270 -58.36 21.55 -0.04
C PRO B 270 -57.39 22.18 -1.03
N ALA B 271 -56.29 22.75 -0.54
CA ALA B 271 -55.30 23.36 -1.43
C ALA B 271 -55.86 24.60 -2.10
N ASP B 272 -57.10 24.51 -2.58
CA ASP B 272 -57.77 25.64 -3.23
C ASP B 272 -58.03 26.69 -2.16
N TRP B 273 -57.55 26.41 -0.95
CA TRP B 273 -57.69 27.30 0.20
C TRP B 273 -56.57 28.34 0.15
N GLN B 274 -56.85 29.48 -0.48
CA GLN B 274 -55.89 30.57 -0.61
C GLN B 274 -55.07 30.70 0.67
N ASP B 275 -55.74 30.97 1.78
CA ASP B 275 -55.07 31.10 3.07
C ASP B 275 -55.93 30.52 4.18
N ALA B 276 -55.50 29.37 4.68
CA ALA B 276 -56.20 28.69 5.75
C ALA B 276 -56.00 29.36 7.10
N GLU B 277 -56.87 29.02 8.05
CA GLU B 277 -56.80 29.58 9.39
C GLU B 277 -56.37 28.49 10.38
N VAL B 278 -55.22 28.69 11.02
CA VAL B 278 -54.71 27.73 11.99
C VAL B 278 -55.29 28.00 13.36
N LEU B 279 -56.41 27.34 13.65
CA LEU B 279 -57.13 27.49 14.92
C LEU B 279 -56.45 26.88 16.14
N ALA B 280 -55.48 26.01 15.93
CA ALA B 280 -54.79 25.39 17.06
C ALA B 280 -53.57 24.63 16.56
N ASP B 281 -52.65 24.34 17.49
CA ASP B 281 -51.45 23.60 17.13
C ASP B 281 -50.66 23.10 18.33
N HIS B 282 -49.69 22.24 18.05
CA HIS B 282 -48.84 21.65 19.06
C HIS B 282 -47.48 21.33 18.44
N THR B 283 -46.43 21.40 19.26
CA THR B 283 -45.09 21.12 18.80
C THR B 283 -44.41 20.09 19.70
N SER B 284 -43.80 19.08 19.09
CA SER B 284 -43.13 18.02 19.83
C SER B 284 -41.79 18.50 20.37
N ALA B 285 -41.15 17.64 21.15
CA ALA B 285 -39.84 17.97 21.70
C ALA B 285 -38.89 17.92 20.51
N GLU B 286 -37.63 18.23 20.74
CA GLU B 286 -36.64 18.19 19.67
C GLU B 286 -36.19 16.76 19.43
N LEU B 287 -35.70 16.51 18.22
CA LEU B 287 -35.23 15.19 17.82
C LEU B 287 -34.30 14.56 18.86
N SER B 288 -33.53 15.39 19.55
CA SER B 288 -32.60 14.92 20.57
C SER B 288 -33.29 14.34 21.81
N GLU B 289 -34.50 14.79 22.09
CA GLU B 289 -35.25 14.31 23.24
C GLU B 289 -36.09 13.10 22.87
N ILE B 290 -36.57 13.07 21.62
CA ILE B 290 -37.40 11.98 21.14
C ILE B 290 -36.58 10.71 20.84
N LEU B 291 -35.28 10.88 20.64
CA LEU B 291 -34.40 9.74 20.36
C LEU B 291 -34.25 8.78 21.54
N VAL B 292 -34.47 9.26 22.75
CA VAL B 292 -34.34 8.40 23.93
C VAL B 292 -35.37 7.25 23.89
N PRO B 293 -36.67 7.58 23.83
CA PRO B 293 -37.62 6.46 23.79
C PRO B 293 -37.46 5.60 22.52
N PHE B 294 -36.98 6.24 21.45
CA PHE B 294 -36.76 5.60 20.16
C PHE B 294 -35.67 4.52 20.19
N MET B 295 -34.53 4.83 20.82
CA MET B 295 -33.40 3.88 20.88
C MET B 295 -33.44 2.98 22.10
N LYS B 296 -33.77 3.54 23.25
CA LYS B 296 -33.83 2.75 24.48
C LYS B 296 -34.79 1.58 24.32
N PHE B 297 -35.99 1.85 23.81
CA PHE B 297 -37.02 0.84 23.64
C PHE B 297 -37.21 0.32 22.22
N SER B 298 -36.33 0.75 21.31
CA SER B 298 -36.38 0.30 19.92
C SER B 298 -37.80 0.37 19.31
N ASN B 299 -38.26 1.60 19.10
CA ASN B 299 -39.59 1.86 18.56
C ASN B 299 -39.62 1.92 17.02
N ASN B 300 -40.15 0.86 16.40
CA ASN B 300 -40.23 0.79 14.94
C ASN B 300 -40.98 1.94 14.28
N GLY B 301 -42.10 2.35 14.84
CA GLY B 301 -42.87 3.43 14.25
C GLY B 301 -42.06 4.70 14.10
N HIS B 302 -41.25 5.00 15.11
CA HIS B 302 -40.40 6.18 15.09
C HIS B 302 -39.44 6.08 13.93
N ALA B 303 -38.73 4.97 13.84
CA ALA B 303 -37.76 4.75 12.78
C ALA B 303 -38.41 5.02 11.44
N GLU B 304 -39.45 4.26 11.10
CA GLU B 304 -40.15 4.42 9.83
C GLU B 304 -40.68 5.84 9.60
N MET B 305 -41.22 6.46 10.65
CA MET B 305 -41.73 7.83 10.55
C MET B 305 -40.60 8.82 10.33
N LEU B 306 -39.45 8.58 10.95
CA LEU B 306 -38.30 9.46 10.76
C LEU B 306 -37.91 9.39 9.28
N VAL B 307 -37.62 8.20 8.80
CA VAL B 307 -37.23 7.99 7.41
C VAL B 307 -38.13 8.75 6.43
N LYS B 308 -39.43 8.79 6.69
CA LYS B 308 -40.35 9.50 5.78
C LYS B 308 -40.26 11.00 5.97
N SER B 309 -39.85 11.41 7.17
CA SER B 309 -39.67 12.83 7.48
C SER B 309 -38.47 13.29 6.68
N ILE B 310 -37.39 12.51 6.77
CA ILE B 310 -36.16 12.78 6.05
C ILE B 310 -36.47 12.91 4.56
N GLY B 311 -37.37 12.06 4.08
CA GLY B 311 -37.77 12.09 2.68
C GLY B 311 -38.39 13.42 2.33
N GLN B 312 -39.19 13.98 3.24
CA GLN B 312 -39.83 15.28 3.02
C GLN B 312 -38.76 16.35 3.02
N GLU B 313 -37.85 16.22 3.98
CA GLU B 313 -36.76 17.16 4.17
C GLU B 313 -35.73 17.20 3.05
N THR B 314 -35.51 16.07 2.37
CA THR B 314 -34.51 16.03 1.30
C THR B 314 -35.07 16.00 -0.12
N ALA B 315 -36.39 15.83 -0.25
CA ALA B 315 -36.99 15.78 -1.58
C ALA B 315 -38.47 16.10 -1.54
N GLY B 316 -38.93 16.70 -0.44
CA GLY B 316 -40.33 17.04 -0.31
C GLY B 316 -41.25 15.87 -0.62
N ALA B 317 -40.85 14.68 -0.20
CA ALA B 317 -41.63 13.47 -0.43
C ALA B 317 -41.56 12.55 0.80
N GLY B 318 -42.69 12.40 1.49
CA GLY B 318 -42.73 11.55 2.67
C GLY B 318 -42.92 10.08 2.32
N THR B 319 -42.03 9.54 1.50
CA THR B 319 -42.10 8.16 1.10
C THR B 319 -40.83 7.46 1.51
N TRP B 320 -40.88 6.14 1.67
CA TRP B 320 -39.70 5.37 2.04
C TRP B 320 -38.62 5.51 0.96
N ASP B 321 -39.03 5.43 -0.31
CA ASP B 321 -38.08 5.54 -1.41
C ASP B 321 -37.18 6.77 -1.31
N ALA B 322 -37.78 7.93 -1.09
CA ALA B 322 -37.00 9.14 -0.97
C ALA B 322 -36.39 9.21 0.43
N GLY B 323 -37.00 8.46 1.35
CA GLY B 323 -36.52 8.46 2.71
C GLY B 323 -35.23 7.69 2.90
N LEU B 324 -35.17 6.48 2.32
CA LEU B 324 -33.98 5.65 2.40
C LEU B 324 -32.85 6.26 1.58
N VAL B 325 -33.17 6.67 0.36
CA VAL B 325 -32.18 7.29 -0.50
C VAL B 325 -31.62 8.51 0.22
N GLY B 326 -32.47 9.19 0.97
CA GLY B 326 -32.02 10.36 1.71
C GLY B 326 -31.20 9.96 2.91
N VAL B 327 -31.48 8.77 3.43
CA VAL B 327 -30.76 8.23 4.58
C VAL B 327 -29.35 7.84 4.18
N GLU B 328 -29.24 7.11 3.07
CA GLU B 328 -27.96 6.65 2.58
C GLU B 328 -27.05 7.86 2.46
N GLU B 329 -27.42 8.82 1.61
CA GLU B 329 -26.64 10.04 1.43
C GLU B 329 -26.17 10.59 2.78
N ALA B 330 -27.11 10.78 3.69
CA ALA B 330 -26.81 11.32 5.00
C ALA B 330 -25.66 10.56 5.65
N LEU B 331 -25.65 9.25 5.45
CA LEU B 331 -24.61 8.39 6.02
C LEU B 331 -23.25 8.59 5.38
N SER B 332 -23.19 8.52 4.05
CA SER B 332 -21.94 8.70 3.35
C SER B 332 -21.41 10.11 3.61
N GLY B 333 -22.30 11.09 3.59
CA GLY B 333 -21.89 12.46 3.87
C GLY B 333 -21.39 12.57 5.29
N LEU B 334 -21.55 11.50 6.06
CA LEU B 334 -21.09 11.46 7.45
C LEU B 334 -19.76 10.73 7.51
N GLY B 335 -19.32 10.20 6.37
CA GLY B 335 -18.05 9.49 6.34
C GLY B 335 -18.18 8.00 6.16
N VAL B 336 -19.28 7.44 6.66
CA VAL B 336 -19.54 6.01 6.56
C VAL B 336 -19.51 5.51 5.12
N ASP B 337 -19.03 4.29 4.93
CA ASP B 337 -18.98 3.71 3.60
C ASP B 337 -20.22 2.83 3.41
N THR B 338 -21.24 3.40 2.77
CA THR B 338 -22.49 2.68 2.54
C THR B 338 -22.42 1.82 1.30
N ALA B 339 -21.47 0.89 1.27
CA ALA B 339 -21.32 0.01 0.12
C ALA B 339 -21.93 -1.38 0.36
N GLY B 340 -21.70 -1.92 1.56
CA GLY B 340 -22.25 -3.23 1.86
C GLY B 340 -23.64 -3.14 2.45
N LEU B 341 -24.21 -1.93 2.42
CA LEU B 341 -25.54 -1.66 2.97
C LEU B 341 -26.68 -1.84 1.98
N VAL B 342 -27.84 -2.24 2.50
CA VAL B 342 -29.05 -2.42 1.71
C VAL B 342 -30.14 -1.98 2.66
N LEU B 343 -30.77 -0.85 2.35
CA LEU B 343 -31.82 -0.31 3.20
C LEU B 343 -33.21 -0.59 2.68
N ASN B 344 -33.97 -1.39 3.41
CA ASN B 344 -35.33 -1.72 3.00
C ASN B 344 -36.34 -0.94 3.85
N ASP B 345 -35.95 -0.61 5.08
CA ASP B 345 -36.79 0.18 5.99
C ASP B 345 -35.87 0.75 7.07
N GLY B 346 -36.41 1.62 7.91
CA GLY B 346 -35.58 2.23 8.93
C GLY B 346 -35.51 1.50 10.26
N SER B 347 -36.55 0.76 10.60
CA SER B 347 -36.60 0.03 11.85
C SER B 347 -35.69 -1.20 11.90
N GLY B 348 -35.54 -1.87 10.76
CA GLY B 348 -34.71 -3.05 10.73
C GLY B 348 -35.59 -4.29 10.87
N LEU B 349 -36.90 -4.05 10.89
CA LEU B 349 -37.87 -5.12 11.02
C LEU B 349 -37.78 -5.97 9.76
N SER B 350 -37.68 -5.28 8.62
CA SER B 350 -37.61 -5.95 7.32
C SER B 350 -36.45 -6.91 7.17
N ARG B 351 -36.75 -8.10 6.69
CA ARG B 351 -35.73 -9.10 6.48
C ARG B 351 -35.05 -8.84 5.16
N GLY B 352 -35.23 -7.63 4.65
CA GLY B 352 -34.61 -7.24 3.40
C GLY B 352 -33.44 -6.29 3.61
N ASN B 353 -33.16 -5.98 4.88
CA ASN B 353 -32.06 -5.09 5.21
C ASN B 353 -30.78 -5.90 5.30
N LEU B 354 -29.66 -5.23 5.03
CA LEU B 354 -28.34 -5.85 5.09
C LEU B 354 -27.31 -4.86 5.55
N VAL B 355 -26.33 -5.34 6.30
CA VAL B 355 -25.26 -4.49 6.81
C VAL B 355 -24.04 -5.38 6.95
N THR B 356 -22.96 -4.84 7.47
CA THR B 356 -21.75 -5.62 7.70
C THR B 356 -21.22 -5.12 9.03
N ALA B 357 -20.66 -6.02 9.83
CA ALA B 357 -20.13 -5.62 11.13
C ALA B 357 -19.29 -4.36 10.97
N ASP B 358 -18.51 -4.32 9.89
CA ASP B 358 -17.66 -3.18 9.62
C ASP B 358 -18.46 -1.90 9.48
N THR B 359 -19.39 -1.85 8.53
CA THR B 359 -20.20 -0.66 8.32
C THR B 359 -20.79 -0.13 9.63
N VAL B 360 -21.14 -1.02 10.54
CA VAL B 360 -21.71 -0.61 11.83
C VAL B 360 -20.68 0.06 12.72
N VAL B 361 -19.52 -0.54 12.89
CA VAL B 361 -18.49 0.07 13.72
C VAL B 361 -18.08 1.38 13.04
N ASP B 362 -17.94 1.32 11.71
CA ASP B 362 -17.57 2.48 10.91
C ASP B 362 -18.53 3.62 11.30
N LEU B 363 -19.84 3.38 11.19
CA LEU B 363 -20.83 4.39 11.55
C LEU B 363 -20.68 4.82 13.00
N LEU B 364 -20.39 3.87 13.88
CA LEU B 364 -20.21 4.17 15.30
C LEU B 364 -19.01 5.07 15.50
N GLY B 365 -18.02 4.95 14.61
CA GLY B 365 -16.84 5.78 14.71
C GLY B 365 -17.23 7.21 14.35
N GLN B 366 -17.68 7.41 13.12
CA GLN B 366 -18.10 8.72 12.65
C GLN B 366 -18.97 9.35 13.73
N ALA B 367 -20.13 8.75 13.96
CA ALA B 367 -21.09 9.24 14.95
C ALA B 367 -20.41 9.64 16.26
N GLY B 368 -19.58 8.75 16.80
CA GLY B 368 -18.90 9.03 18.05
C GLY B 368 -18.22 10.39 18.13
N SER B 369 -17.54 10.78 17.05
CA SER B 369 -16.86 12.07 17.01
C SER B 369 -17.60 13.00 16.04
N ALA B 370 -18.84 13.32 16.38
CA ALA B 370 -19.65 14.19 15.54
C ALA B 370 -20.32 15.25 16.41
N PRO B 371 -20.91 16.27 15.77
CA PRO B 371 -21.58 17.34 16.52
C PRO B 371 -22.54 16.81 17.59
N TRP B 372 -23.56 16.07 17.15
CA TRP B 372 -24.57 15.52 18.05
C TRP B 372 -24.14 14.30 18.87
N ALA B 373 -22.92 13.83 18.65
CA ALA B 373 -22.39 12.67 19.35
C ALA B 373 -22.90 12.50 20.77
N GLN B 374 -23.16 13.61 21.46
CA GLN B 374 -23.64 13.53 22.83
C GLN B 374 -25.04 12.93 22.92
N THR B 375 -26.01 13.60 22.29
CA THR B 375 -27.39 13.10 22.32
C THR B 375 -27.45 11.67 21.77
N TRP B 376 -26.70 11.44 20.70
CA TRP B 376 -26.65 10.13 20.06
C TRP B 376 -26.29 9.02 21.03
N SER B 377 -25.26 9.23 21.85
CA SER B 377 -24.83 8.23 22.80
C SER B 377 -25.77 8.10 23.98
N ALA B 378 -26.35 9.22 24.41
CA ALA B 378 -27.27 9.23 25.55
C ALA B 378 -28.54 8.44 25.23
N SER B 379 -28.84 8.32 23.95
CA SER B 379 -30.04 7.60 23.53
C SER B 379 -29.84 6.09 23.62
N LEU B 380 -28.62 5.62 23.43
CA LEU B 380 -28.32 4.19 23.48
C LEU B 380 -28.50 3.58 24.85
N PRO B 381 -28.99 2.32 24.90
CA PRO B 381 -29.21 1.58 26.16
C PRO B 381 -27.94 1.34 26.97
N VAL B 382 -28.09 1.33 28.28
CA VAL B 382 -26.94 1.09 29.16
C VAL B 382 -27.12 -0.21 29.93
N ALA B 383 -26.24 -1.16 29.65
CA ALA B 383 -26.27 -2.46 30.30
C ALA B 383 -26.48 -2.38 31.81
N GLY B 384 -27.26 -3.32 32.34
CA GLY B 384 -27.50 -3.39 33.77
C GLY B 384 -28.36 -2.32 34.41
N GLU B 385 -28.56 -1.18 33.74
CA GLU B 385 -29.37 -0.12 34.32
C GLU B 385 -30.83 -0.52 34.49
N SER B 386 -31.24 -0.67 35.74
CA SER B 386 -32.61 -1.07 36.06
C SER B 386 -33.67 -0.08 35.56
N ASP B 387 -33.37 1.21 35.62
CA ASP B 387 -34.35 2.20 35.17
C ASP B 387 -34.58 2.08 33.67
N PRO B 388 -35.80 1.70 33.27
CA PRO B 388 -36.23 1.53 31.88
C PRO B 388 -35.71 2.56 30.89
N PHE B 389 -36.02 3.83 31.14
CA PHE B 389 -35.59 4.87 30.24
C PHE B 389 -34.09 5.07 30.19
N VAL B 390 -33.38 4.32 31.02
CA VAL B 390 -31.93 4.39 31.06
C VAL B 390 -31.37 3.10 30.45
N GLY B 391 -31.79 1.98 31.03
CA GLY B 391 -31.34 0.69 30.54
C GLY B 391 -31.99 0.24 29.25
N GLY B 392 -33.25 0.61 29.03
CA GLY B 392 -33.92 0.19 27.82
C GLY B 392 -33.89 -1.32 27.66
N THR B 393 -33.56 -1.78 26.46
CA THR B 393 -33.49 -3.21 26.17
C THR B 393 -32.30 -3.92 26.81
N LEU B 394 -31.43 -3.17 27.48
CA LEU B 394 -30.26 -3.74 28.15
C LEU B 394 -30.39 -3.71 29.66
N ALA B 395 -31.57 -3.33 30.14
CA ALA B 395 -31.82 -3.24 31.57
C ALA B 395 -31.56 -4.54 32.33
N ASN B 396 -32.05 -5.65 31.80
CA ASN B 396 -31.86 -6.93 32.47
C ASN B 396 -30.65 -7.73 31.98
N ARG B 397 -29.77 -7.09 31.22
CA ARG B 397 -28.59 -7.78 30.71
C ARG B 397 -27.28 -7.24 31.27
N MET B 398 -26.38 -8.15 31.61
CA MET B 398 -25.07 -7.79 32.11
C MET B 398 -25.02 -7.09 33.47
N ARG B 399 -25.93 -7.43 34.37
CA ARG B 399 -25.92 -6.83 35.69
C ARG B 399 -24.88 -7.56 36.53
N GLY B 400 -24.06 -6.81 37.26
CA GLY B 400 -23.06 -7.42 38.12
C GLY B 400 -21.77 -7.77 37.38
N THR B 401 -21.59 -7.17 36.21
CA THR B 401 -20.40 -7.40 35.41
C THR B 401 -19.73 -6.07 35.10
N ALA B 402 -18.50 -6.13 34.62
CA ALA B 402 -17.75 -4.93 34.29
C ALA B 402 -18.54 -4.04 33.34
N ALA B 403 -19.42 -4.65 32.56
CA ALA B 403 -20.22 -3.93 31.58
C ALA B 403 -21.32 -3.05 32.17
N GLU B 404 -21.91 -3.50 33.29
CA GLU B 404 -22.99 -2.75 33.93
C GLU B 404 -22.70 -1.26 34.05
N GLY B 405 -23.66 -0.44 33.62
CA GLY B 405 -23.51 1.00 33.68
C GLY B 405 -22.45 1.56 32.76
N VAL B 406 -21.68 0.69 32.10
CA VAL B 406 -20.61 1.15 31.21
C VAL B 406 -20.94 1.04 29.73
N VAL B 407 -21.31 -0.16 29.29
CA VAL B 407 -21.62 -0.40 27.89
C VAL B 407 -22.85 0.32 27.35
N GLU B 408 -22.68 0.93 26.19
CA GLU B 408 -23.75 1.65 25.51
C GLU B 408 -23.93 0.95 24.18
N ALA B 409 -25.00 0.18 24.04
CA ALA B 409 -25.21 -0.54 22.79
C ALA B 409 -26.66 -0.75 22.39
N LYS B 410 -26.91 -0.71 21.09
CA LYS B 410 -28.24 -0.93 20.55
C LYS B 410 -28.45 -2.42 20.33
N THR B 411 -29.64 -2.90 20.68
CA THR B 411 -29.97 -4.32 20.51
C THR B 411 -30.71 -4.56 19.19
N GLY B 412 -31.17 -5.79 18.99
CA GLY B 412 -31.90 -6.13 17.77
C GLY B 412 -32.01 -7.64 17.65
N THR B 413 -33.18 -8.17 17.95
CA THR B 413 -33.39 -9.61 17.88
C THR B 413 -34.73 -10.04 17.27
N MET B 414 -34.64 -11.03 16.39
CA MET B 414 -35.80 -11.63 15.73
C MET B 414 -35.36 -12.99 15.17
N SER B 415 -36.31 -13.77 14.67
CA SER B 415 -36.03 -15.09 14.15
C SER B 415 -34.72 -15.22 13.35
N GLY B 416 -33.77 -15.96 13.91
CA GLY B 416 -32.50 -16.18 13.25
C GLY B 416 -31.58 -14.98 13.23
N VAL B 417 -31.98 -13.89 13.88
CA VAL B 417 -31.15 -12.70 13.91
C VAL B 417 -31.05 -12.09 15.28
N SER B 418 -29.83 -11.75 15.69
CA SER B 418 -29.59 -11.13 16.98
C SER B 418 -28.36 -10.24 16.84
N ALA B 419 -28.45 -9.03 17.38
CA ALA B 419 -27.34 -8.09 17.28
C ALA B 419 -27.10 -7.27 18.53
N LEU B 420 -25.88 -6.76 18.66
CA LEU B 420 -25.47 -5.94 19.79
C LEU B 420 -24.29 -5.10 19.32
N SER B 421 -24.56 -3.84 19.03
CA SER B 421 -23.52 -2.93 18.56
C SER B 421 -23.53 -1.65 19.37
N GLY B 422 -22.41 -1.35 20.00
CA GLY B 422 -22.33 -0.15 20.80
C GLY B 422 -20.92 0.29 21.12
N TYR B 423 -20.82 1.13 22.14
CA TYR B 423 -19.54 1.67 22.57
C TYR B 423 -19.14 1.09 23.91
N VAL B 424 -17.83 1.12 24.18
CA VAL B 424 -17.27 0.63 25.43
C VAL B 424 -16.26 1.65 25.90
N PRO B 425 -16.72 2.66 26.67
CA PRO B 425 -15.88 3.72 27.20
C PRO B 425 -15.06 3.29 28.41
N GLY B 426 -13.95 3.98 28.65
CA GLY B 426 -13.10 3.66 29.78
C GLY B 426 -11.73 4.28 29.66
N PRO B 427 -10.92 4.21 30.72
CA PRO B 427 -9.56 4.78 30.71
C PRO B 427 -8.69 4.23 29.59
N GLU B 428 -8.79 2.92 29.35
CA GLU B 428 -8.00 2.25 28.31
C GLU B 428 -8.44 2.64 26.90
N GLY B 429 -9.24 3.69 26.80
CA GLY B 429 -9.71 4.15 25.51
C GLY B 429 -11.18 3.90 25.23
N GLU B 430 -11.69 4.58 24.21
CA GLU B 430 -13.08 4.47 23.80
C GLU B 430 -13.21 3.35 22.75
N LEU B 431 -13.92 2.29 23.10
CA LEU B 431 -14.11 1.16 22.19
C LEU B 431 -15.45 1.15 21.44
N ALA B 432 -15.43 0.58 20.25
CA ALA B 432 -16.63 0.48 19.43
C ALA B 432 -16.69 -0.95 18.91
N PHE B 433 -17.82 -1.61 19.09
CA PHE B 433 -17.96 -2.98 18.64
C PHE B 433 -19.30 -3.27 17.97
N SER B 434 -19.35 -4.37 17.24
CA SER B 434 -20.55 -4.79 16.55
C SER B 434 -20.57 -6.30 16.48
N ILE B 435 -21.67 -6.88 16.96
CA ILE B 435 -21.82 -8.33 16.95
C ILE B 435 -23.14 -8.64 16.27
N VAL B 436 -23.07 -9.21 15.07
CA VAL B 436 -24.27 -9.55 14.33
C VAL B 436 -24.31 -11.06 14.08
N ASN B 437 -25.23 -11.75 14.76
CA ASN B 437 -25.36 -13.19 14.61
C ASN B 437 -26.51 -13.54 13.69
N ASN B 438 -26.22 -14.33 12.66
CA ASN B 438 -27.26 -14.77 11.72
C ASN B 438 -27.10 -16.26 11.46
N GLY B 439 -28.19 -17.00 11.57
CA GLY B 439 -28.13 -18.43 11.29
C GLY B 439 -28.31 -19.39 12.44
N HIS B 440 -28.46 -18.86 13.65
CA HIS B 440 -28.65 -19.75 14.80
C HIS B 440 -30.01 -20.44 14.70
N SER B 441 -30.05 -21.68 15.17
CA SER B 441 -31.26 -22.49 15.12
C SER B 441 -32.24 -22.29 16.26
N GLY B 442 -31.74 -21.92 17.43
CA GLY B 442 -32.63 -21.73 18.57
C GLY B 442 -32.76 -20.30 19.03
N PRO B 443 -32.78 -20.07 20.34
CA PRO B 443 -32.89 -18.74 20.97
C PRO B 443 -31.74 -17.84 20.57
N ALA B 444 -31.96 -16.53 20.62
CA ALA B 444 -30.90 -15.59 20.26
C ALA B 444 -29.78 -15.79 21.27
N PRO B 445 -28.53 -15.80 20.80
CA PRO B 445 -27.33 -15.98 21.62
C PRO B 445 -26.95 -14.76 22.47
N LEU B 446 -27.93 -14.19 23.16
CA LEU B 446 -27.71 -13.01 23.98
C LEU B 446 -26.62 -13.18 25.03
N ALA B 447 -26.50 -14.36 25.62
CA ALA B 447 -25.47 -14.61 26.64
C ALA B 447 -24.07 -14.44 26.06
N VAL B 448 -23.91 -14.85 24.81
CA VAL B 448 -22.65 -14.75 24.11
C VAL B 448 -22.35 -13.29 23.79
N GLN B 449 -23.39 -12.54 23.45
CA GLN B 449 -23.22 -11.12 23.13
C GLN B 449 -22.80 -10.41 24.41
N ASP B 450 -23.47 -10.76 25.51
CA ASP B 450 -23.16 -10.15 26.78
C ASP B 450 -21.72 -10.52 27.13
N ALA B 451 -21.37 -11.79 26.94
CA ALA B 451 -20.03 -12.30 27.22
C ALA B 451 -18.95 -11.49 26.53
N ILE B 452 -19.10 -11.27 25.24
CA ILE B 452 -18.11 -10.50 24.50
C ILE B 452 -18.12 -9.08 25.02
N ALA B 453 -19.32 -8.57 25.30
CA ALA B 453 -19.49 -7.22 25.80
C ALA B 453 -18.77 -7.03 27.13
N VAL B 454 -19.01 -7.94 28.06
CA VAL B 454 -18.38 -7.87 29.37
C VAL B 454 -16.87 -8.01 29.26
N ARG B 455 -16.42 -8.85 28.32
CA ARG B 455 -14.99 -9.06 28.11
C ARG B 455 -14.38 -7.73 27.66
N LEU B 456 -14.98 -7.14 26.63
CA LEU B 456 -14.48 -5.86 26.12
C LEU B 456 -14.48 -4.81 27.21
N ALA B 457 -15.40 -4.92 28.16
CA ALA B 457 -15.49 -3.97 29.26
C ALA B 457 -14.28 -4.16 30.16
N GLU B 458 -14.04 -5.40 30.56
CA GLU B 458 -12.91 -5.72 31.42
C GLU B 458 -11.62 -5.21 30.78
N TYR B 459 -11.49 -5.45 29.48
CA TYR B 459 -10.32 -5.02 28.73
C TYR B 459 -10.15 -3.50 28.84
N ALA B 460 -11.25 -2.78 28.65
CA ALA B 460 -11.22 -1.32 28.72
C ALA B 460 -10.81 -0.83 30.11
N GLY B 461 -10.48 -1.77 30.99
CA GLY B 461 -10.07 -1.40 32.34
C GLY B 461 -11.26 -1.18 33.26
N HIS B 462 -12.19 -2.13 33.24
CA HIS B 462 -13.39 -2.07 34.07
C HIS B 462 -13.52 -3.37 34.84
N GLN B 463 -14.33 -3.34 35.89
CA GLN B 463 -14.55 -4.53 36.71
C GLN B 463 -15.97 -4.56 37.25
N ALA B 464 -16.42 -5.74 37.65
CA ALA B 464 -17.76 -5.89 38.18
C ALA B 464 -17.99 -4.94 39.35
N PRO B 465 -19.06 -4.12 39.28
CA PRO B 465 -19.36 -3.16 40.36
C PRO B 465 -19.88 -3.87 41.60
N GLU B 466 -19.97 -3.20 42.66
N ARG C 1 74.07 -21.02 10.20
CA ARG C 1 73.69 -20.00 9.19
C ARG C 1 73.06 -20.66 7.97
N LEU C 2 73.40 -20.16 6.78
CA LEU C 2 72.88 -20.68 5.52
C LEU C 2 73.20 -22.14 5.26
N THR C 3 74.42 -22.54 5.55
CA THR C 3 74.82 -23.93 5.35
C THR C 3 73.91 -24.86 6.14
N GLU C 4 73.50 -24.43 7.33
CA GLU C 4 72.62 -25.23 8.16
C GLU C 4 71.17 -25.14 7.70
N LEU C 5 70.73 -23.94 7.32
CA LEU C 5 69.36 -23.75 6.86
C LEU C 5 69.08 -24.63 5.65
N ARG C 6 69.99 -24.60 4.69
CA ARG C 6 69.85 -25.40 3.48
C ARG C 6 69.73 -26.88 3.82
N GLU C 7 70.66 -27.37 4.61
CA GLU C 7 70.67 -28.78 5.00
C GLU C 7 69.37 -29.15 5.69
N ASP C 8 68.94 -28.32 6.63
CA ASP C 8 67.72 -28.57 7.35
C ASP C 8 66.49 -28.52 6.44
N ILE C 9 66.56 -27.77 5.34
CA ILE C 9 65.43 -27.72 4.43
C ILE C 9 65.43 -28.98 3.58
N ASP C 10 66.60 -29.38 3.10
CA ASP C 10 66.70 -30.58 2.27
C ASP C 10 66.12 -31.76 3.04
N ALA C 11 66.46 -31.82 4.32
CA ALA C 11 65.99 -32.88 5.19
C ALA C 11 64.46 -32.88 5.24
N ILE C 12 63.89 -31.72 5.56
CA ILE C 12 62.46 -31.59 5.63
C ILE C 12 61.78 -32.05 4.33
N LEU C 13 62.37 -31.68 3.20
CA LEU C 13 61.81 -32.07 1.92
C LEU C 13 61.90 -33.58 1.74
N GLU C 14 62.56 -34.25 2.69
CA GLU C 14 62.69 -35.69 2.63
C GLU C 14 61.52 -36.35 3.34
N ASP C 15 60.39 -35.66 3.41
CA ASP C 15 59.22 -36.21 4.08
C ASP C 15 58.53 -37.24 3.22
N PRO C 16 58.05 -38.33 3.84
CA PRO C 16 57.36 -39.42 3.13
C PRO C 16 56.13 -38.94 2.35
N ALA C 17 55.56 -37.81 2.78
CA ALA C 17 54.38 -37.26 2.12
C ALA C 17 54.66 -36.72 0.71
N LEU C 18 55.93 -36.44 0.42
CA LEU C 18 56.33 -35.92 -0.88
C LEU C 18 56.94 -36.99 -1.77
N GLU C 19 56.71 -38.24 -1.39
CA GLU C 19 57.19 -39.41 -2.11
C GLU C 19 56.89 -39.37 -3.61
N GLY C 20 57.93 -39.16 -4.41
CA GLY C 20 57.76 -39.13 -5.85
C GLY C 20 57.03 -37.92 -6.38
N ALA C 21 56.93 -36.89 -5.56
CA ALA C 21 56.26 -35.66 -5.95
C ALA C 21 57.29 -34.66 -6.44
N VAL C 22 56.82 -33.48 -6.83
CA VAL C 22 57.68 -32.40 -7.30
C VAL C 22 57.39 -31.18 -6.44
N SER C 23 58.44 -30.61 -5.85
CA SER C 23 58.28 -29.45 -5.00
C SER C 23 59.11 -28.26 -5.47
N GLY C 24 58.46 -27.12 -5.66
CA GLY C 24 59.19 -25.93 -6.06
C GLY C 24 59.44 -25.15 -4.79
N VAL C 25 60.70 -25.04 -4.39
CA VAL C 25 61.05 -24.30 -3.18
C VAL C 25 62.06 -23.22 -3.45
N VAL C 26 61.76 -22.01 -2.99
CA VAL C 26 62.64 -20.86 -3.16
C VAL C 26 62.54 -19.93 -1.97
N VAL C 27 63.69 -19.54 -1.44
CA VAL C 27 63.75 -18.63 -0.30
C VAL C 27 64.72 -17.50 -0.64
N VAL C 28 64.21 -16.28 -0.59
CA VAL C 28 65.03 -15.12 -0.89
C VAL C 28 65.00 -14.15 0.29
N ASP C 29 66.10 -13.43 0.48
CA ASP C 29 66.17 -12.45 1.55
C ASP C 29 65.89 -11.09 0.92
N THR C 30 64.61 -10.75 0.84
CA THR C 30 64.14 -9.50 0.25
C THR C 30 64.94 -8.26 0.60
N ALA C 31 65.72 -8.32 1.68
CA ALA C 31 66.54 -7.17 2.06
C ALA C 31 67.78 -7.12 1.17
N THR C 32 68.51 -8.24 1.11
CA THR C 32 69.73 -8.33 0.33
C THR C 32 69.55 -9.05 -1.02
N GLY C 33 68.31 -9.40 -1.36
CA GLY C 33 68.06 -10.10 -2.61
C GLY C 33 68.85 -11.38 -2.73
N GLU C 34 69.32 -11.87 -1.58
CA GLU C 34 70.10 -13.10 -1.50
C GLU C 34 69.23 -14.30 -1.91
N GLU C 35 69.89 -15.44 -2.12
CA GLU C 35 69.19 -16.67 -2.50
C GLU C 35 69.39 -17.73 -1.43
N LEU C 36 68.63 -17.62 -0.35
CA LEU C 36 68.74 -18.56 0.75
C LEU C 36 68.61 -20.03 0.33
N TYR C 37 67.58 -20.34 -0.44
CA TYR C 37 67.36 -21.70 -0.89
C TYR C 37 66.63 -21.72 -2.22
N SER C 38 66.94 -22.71 -3.06
CA SER C 38 66.29 -22.83 -4.34
C SER C 38 66.36 -24.25 -4.90
N ARG C 39 65.19 -24.83 -5.15
CA ARG C 39 65.10 -26.17 -5.70
C ARG C 39 63.94 -26.21 -6.67
N ASP C 40 64.23 -26.64 -7.90
CA ASP C 40 63.22 -26.71 -8.95
C ASP C 40 62.52 -25.36 -9.06
N GLY C 41 63.21 -24.30 -8.67
CA GLY C 41 62.63 -22.98 -8.74
C GLY C 41 62.03 -22.67 -10.09
N GLY C 42 62.48 -23.39 -11.12
CA GLY C 42 61.99 -23.14 -12.46
C GLY C 42 60.89 -24.05 -12.98
N GLU C 43 60.73 -25.24 -12.40
CA GLU C 43 59.69 -26.16 -12.83
C GLU C 43 58.30 -25.52 -12.73
N GLN C 44 57.51 -25.61 -13.81
CA GLN C 44 56.16 -25.07 -13.81
C GLN C 44 55.26 -26.01 -13.03
N LEU C 45 54.45 -25.47 -12.13
CA LEU C 45 53.57 -26.29 -11.31
C LEU C 45 52.17 -25.70 -11.20
N LEU C 46 51.26 -26.49 -10.64
CA LEU C 46 49.89 -26.06 -10.42
C LEU C 46 49.94 -25.30 -9.10
N PRO C 47 49.56 -24.01 -9.12
CA PRO C 47 49.56 -23.15 -7.95
C PRO C 47 48.37 -23.31 -7.00
N ALA C 48 47.19 -23.60 -7.54
CA ALA C 48 45.97 -23.73 -6.76
C ALA C 48 45.64 -22.29 -6.33
N SER C 49 45.15 -22.11 -5.11
CA SER C 49 44.80 -20.77 -4.64
C SER C 49 45.97 -19.80 -4.55
N ASN C 50 47.20 -20.29 -4.76
CA ASN C 50 48.37 -19.42 -4.72
C ASN C 50 48.37 -18.50 -5.94
N MET C 51 47.45 -18.78 -6.87
CA MET C 51 47.31 -18.00 -8.09
C MET C 51 46.68 -16.67 -7.71
N LYS C 52 45.86 -16.69 -6.66
CA LYS C 52 45.19 -15.48 -6.20
C LYS C 52 46.16 -14.34 -5.93
N LEU C 53 47.43 -14.67 -5.68
CA LEU C 53 48.44 -13.64 -5.44
C LEU C 53 48.60 -12.76 -6.67
N PHE C 54 48.80 -13.39 -7.82
CA PHE C 54 48.96 -12.64 -9.06
C PHE C 54 47.72 -11.83 -9.37
N THR C 55 46.56 -12.36 -9.03
CA THR C 55 45.28 -11.70 -9.29
C THR C 55 45.14 -10.46 -8.40
N ALA C 56 45.46 -10.63 -7.11
CA ALA C 56 45.38 -9.54 -6.15
C ALA C 56 46.37 -8.45 -6.54
N ALA C 57 47.58 -8.88 -6.88
CA ALA C 57 48.64 -7.96 -7.29
C ALA C 57 48.18 -7.13 -8.49
N ALA C 58 47.85 -7.81 -9.59
CA ALA C 58 47.39 -7.12 -10.78
C ALA C 58 46.26 -6.17 -10.44
N ALA C 59 45.25 -6.66 -9.71
CA ALA C 59 44.10 -5.85 -9.33
C ALA C 59 44.45 -4.53 -8.66
N LEU C 60 45.43 -4.54 -7.74
CA LEU C 60 45.84 -3.32 -7.05
C LEU C 60 46.53 -2.40 -8.04
N GLU C 61 47.20 -3.00 -9.01
CA GLU C 61 47.88 -2.25 -10.05
C GLU C 61 46.90 -1.65 -11.07
N VAL C 62 45.99 -2.48 -11.58
CA VAL C 62 45.04 -2.03 -12.58
C VAL C 62 43.82 -1.29 -12.06
N LEU C 63 43.42 -1.52 -10.82
CA LEU C 63 42.24 -0.84 -10.28
C LEU C 63 42.60 0.09 -9.12
N GLY C 64 43.68 -0.23 -8.43
CA GLY C 64 44.10 0.60 -7.31
C GLY C 64 43.31 0.32 -6.04
N ALA C 65 44.00 0.38 -4.91
CA ALA C 65 43.40 0.14 -3.60
C ALA C 65 42.11 0.91 -3.36
N ASP C 66 42.15 2.21 -3.63
CA ASP C 66 40.99 3.08 -3.42
C ASP C 66 39.78 2.72 -4.27
N HIS C 67 39.94 1.82 -5.22
CA HIS C 67 38.83 1.44 -6.10
C HIS C 67 37.67 0.78 -5.39
N SER C 68 36.46 1.01 -5.87
CA SER C 68 35.28 0.39 -5.28
C SER C 68 34.29 0.09 -6.39
N PHE C 69 33.37 -0.84 -6.14
CA PHE C 69 32.38 -1.25 -7.14
C PHE C 69 31.01 -0.73 -6.78
N GLY C 70 30.19 -0.46 -7.79
CA GLY C 70 28.87 0.08 -7.53
C GLY C 70 27.72 -0.68 -8.16
N THR C 71 26.57 -0.55 -7.53
CA THR C 71 25.36 -1.21 -7.99
C THR C 71 24.34 -0.11 -8.19
N GLU C 72 23.37 -0.32 -9.08
CA GLU C 72 22.36 0.70 -9.36
C GLU C 72 20.99 0.17 -9.75
N VAL C 73 20.01 1.05 -9.65
CA VAL C 73 18.62 0.75 -10.02
C VAL C 73 18.21 1.89 -10.93
N ALA C 74 17.66 1.57 -12.10
CA ALA C 74 17.27 2.62 -13.03
C ALA C 74 15.92 2.40 -13.68
N ALA C 75 15.26 3.51 -13.99
CA ALA C 75 13.96 3.50 -14.65
C ALA C 75 14.06 4.47 -15.82
N GLU C 76 13.27 4.22 -16.86
CA GLU C 76 13.29 5.09 -18.03
C GLU C 76 13.17 6.56 -17.63
N SER C 77 12.48 6.80 -16.52
CA SER C 77 12.26 8.15 -16.00
C SER C 77 11.69 8.11 -14.58
N ALA C 78 11.85 9.20 -13.83
CA ALA C 78 11.34 9.28 -12.46
C ALA C 78 9.86 8.91 -12.42
N PRO C 79 9.36 8.47 -11.25
CA PRO C 79 7.95 8.10 -11.11
C PRO C 79 6.93 9.20 -11.46
N GLY C 80 5.83 8.80 -12.09
CA GLY C 80 4.80 9.73 -12.49
C GLY C 80 4.05 10.35 -11.32
N ARG C 81 2.97 11.05 -11.63
CA ARG C 81 2.16 11.69 -10.58
C ARG C 81 1.54 10.59 -9.73
N ARG C 82 1.50 9.38 -10.27
CA ARG C 82 0.92 8.23 -9.58
C ARG C 82 2.04 7.32 -9.07
N GLY C 83 3.25 7.86 -9.00
CA GLY C 83 4.40 7.12 -8.53
C GLY C 83 4.64 5.79 -9.21
N GLU C 84 4.41 5.74 -10.52
CA GLU C 84 4.60 4.51 -11.26
C GLU C 84 5.85 4.53 -12.12
N VAL C 85 6.27 3.32 -12.50
CA VAL C 85 7.44 3.10 -13.34
C VAL C 85 7.03 1.93 -14.22
N GLN C 86 7.64 1.80 -15.39
CA GLN C 86 7.31 0.70 -16.28
C GLN C 86 8.22 -0.49 -15.98
N ASP C 87 9.40 -0.50 -16.56
CA ASP C 87 10.33 -1.57 -16.30
C ASP C 87 11.47 -1.02 -15.45
N LEU C 88 11.74 -1.70 -14.33
CA LEU C 88 12.80 -1.27 -13.42
C LEU C 88 14.04 -2.13 -13.66
N TYR C 89 15.22 -1.53 -13.58
CA TYR C 89 16.44 -2.27 -13.82
C TYR C 89 17.44 -2.30 -12.68
N LEU C 90 17.72 -3.51 -12.18
CA LEU C 90 18.70 -3.69 -11.13
C LEU C 90 20.00 -3.94 -11.87
N VAL C 91 20.88 -2.94 -11.89
CA VAL C 91 22.13 -3.04 -12.62
C VAL C 91 23.36 -3.23 -11.74
N GLY C 92 24.00 -4.38 -11.92
CA GLY C 92 25.20 -4.69 -11.16
C GLY C 92 26.44 -4.48 -12.02
N ARG C 93 27.52 -4.04 -11.40
CA ARG C 93 28.75 -3.84 -12.13
C ARG C 93 29.96 -4.40 -11.40
N GLY C 94 29.85 -5.66 -10.97
CA GLY C 94 30.95 -6.32 -10.32
C GLY C 94 31.21 -6.16 -8.83
N ASP C 95 30.17 -5.91 -8.03
CA ASP C 95 30.39 -5.79 -6.60
C ASP C 95 30.26 -7.17 -5.95
N PRO C 96 31.38 -7.69 -5.41
CA PRO C 96 31.40 -9.00 -4.76
C PRO C 96 30.90 -9.01 -3.33
N THR C 97 30.54 -7.84 -2.82
CA THR C 97 30.10 -7.76 -1.44
C THR C 97 28.65 -7.30 -1.28
N LEU C 98 27.93 -7.24 -2.39
CA LEU C 98 26.53 -6.82 -2.39
C LEU C 98 25.65 -7.78 -1.58
N SER C 99 25.34 -7.39 -0.35
CA SER C 99 24.51 -8.20 0.55
C SER C 99 23.01 -7.99 0.36
N ALA C 100 22.20 -8.81 1.03
CA ALA C 100 20.74 -8.69 0.96
C ALA C 100 20.34 -7.40 1.66
N GLU C 101 21.18 -6.97 2.60
CA GLU C 101 20.92 -5.74 3.34
C GLU C 101 21.02 -4.60 2.35
N ASP C 102 22.10 -4.58 1.57
CA ASP C 102 22.29 -3.56 0.57
C ASP C 102 21.09 -3.53 -0.36
N LEU C 103 20.70 -4.70 -0.84
CA LEU C 103 19.55 -4.79 -1.73
C LEU C 103 18.31 -4.17 -1.08
N ASP C 104 18.19 -4.34 0.23
CA ASP C 104 17.05 -3.79 0.94
C ASP C 104 17.24 -2.28 1.04
N ALA C 105 18.47 -1.85 1.33
CA ALA C 105 18.76 -0.44 1.43
C ALA C 105 18.29 0.24 0.15
N MET C 106 18.69 -0.30 -0.99
CA MET C 106 18.30 0.25 -2.29
C MET C 106 16.78 0.16 -2.51
N ALA C 107 16.19 -0.95 -2.09
CA ALA C 107 14.75 -1.15 -2.24
C ALA C 107 14.05 0.01 -1.53
N ALA C 108 14.68 0.52 -0.48
CA ALA C 108 14.12 1.62 0.29
C ALA C 108 14.26 2.94 -0.47
N GLU C 109 15.45 3.21 -0.99
CA GLU C 109 15.67 4.45 -1.73
C GLU C 109 14.72 4.52 -2.91
N VAL C 110 14.34 3.37 -3.44
CA VAL C 110 13.44 3.35 -4.58
C VAL C 110 12.03 3.74 -4.16
N ALA C 111 11.63 3.38 -2.95
CA ALA C 111 10.31 3.75 -2.49
C ALA C 111 10.38 5.23 -2.10
N ALA C 112 11.44 5.57 -1.37
CA ALA C 112 11.66 6.94 -0.91
C ALA C 112 11.78 7.91 -2.07
N SER C 113 11.70 7.38 -3.29
CA SER C 113 11.78 8.23 -4.47
C SER C 113 10.38 8.43 -5.02
N GLY C 114 9.40 7.91 -4.29
CA GLY C 114 8.03 8.04 -4.71
C GLY C 114 7.44 6.92 -5.55
N VAL C 115 8.16 5.80 -5.69
CA VAL C 115 7.63 4.70 -6.46
C VAL C 115 6.65 3.93 -5.60
N ARG C 116 5.53 3.54 -6.19
CA ARG C 116 4.47 2.82 -5.48
C ARG C 116 4.23 1.50 -6.19
N THR C 117 4.25 1.55 -7.52
CA THR C 117 4.01 0.37 -8.33
C THR C 117 4.93 0.34 -9.54
N VAL C 118 5.26 -0.86 -10.00
CA VAL C 118 6.09 -1.03 -11.18
C VAL C 118 5.20 -1.67 -12.24
N ARG C 119 4.74 -0.85 -13.18
CA ARG C 119 3.87 -1.27 -14.26
C ARG C 119 4.40 -2.48 -15.03
N GLY C 120 5.55 -2.29 -15.68
CA GLY C 120 6.16 -3.35 -16.46
C GLY C 120 6.82 -4.45 -15.65
N ASP C 121 7.99 -4.88 -16.11
CA ASP C 121 8.71 -5.94 -15.44
C ASP C 121 9.92 -5.42 -14.68
N LEU C 122 10.63 -6.35 -14.04
CA LEU C 122 11.82 -6.04 -13.27
C LEU C 122 12.99 -6.81 -13.87
N TYR C 123 14.06 -6.10 -14.24
CA TYR C 123 15.21 -6.77 -14.84
C TYR C 123 16.50 -6.71 -14.03
N ALA C 124 17.26 -7.80 -14.13
CA ALA C 124 18.56 -7.91 -13.48
C ALA C 124 19.55 -7.74 -14.62
N ASP C 125 20.33 -6.67 -14.55
CA ASP C 125 21.31 -6.36 -15.58
C ASP C 125 22.73 -6.62 -15.10
N ASP C 126 23.34 -7.68 -15.62
CA ASP C 126 24.71 -8.07 -15.25
C ASP C 126 25.59 -8.02 -16.48
N THR C 127 25.04 -7.54 -17.58
CA THR C 127 25.76 -7.45 -18.84
C THR C 127 27.10 -6.73 -18.74
N TRP C 128 27.35 -6.08 -17.61
CA TRP C 128 28.63 -5.39 -17.40
C TRP C 128 29.76 -6.41 -17.51
N PHE C 129 29.39 -7.67 -17.35
CA PHE C 129 30.32 -8.78 -17.43
C PHE C 129 29.85 -9.77 -18.49
N ASP C 130 30.82 -10.52 -19.01
CA ASP C 130 30.60 -11.56 -20.01
C ASP C 130 29.63 -12.58 -19.41
N SER C 131 28.77 -13.16 -20.23
CA SER C 131 27.80 -14.13 -19.75
C SER C 131 28.37 -15.54 -19.48
N GLU C 132 29.70 -15.67 -19.52
CA GLU C 132 30.36 -16.95 -19.27
C GLU C 132 30.53 -17.12 -17.74
N ARG C 133 29.72 -17.98 -17.16
CA ARG C 133 29.72 -18.21 -15.72
C ARG C 133 30.86 -19.08 -15.17
N LEU C 134 31.25 -20.10 -15.92
CA LEU C 134 32.31 -21.00 -15.45
C LEU C 134 33.48 -21.12 -16.39
N VAL C 135 34.67 -21.26 -15.81
CA VAL C 135 35.88 -21.41 -16.61
C VAL C 135 35.77 -22.73 -17.38
N ASP C 136 36.14 -22.69 -18.66
CA ASP C 136 36.06 -23.86 -19.54
C ASP C 136 36.46 -25.21 -18.92
N ASP C 137 37.60 -25.28 -18.25
CA ASP C 137 38.06 -26.55 -17.68
C ASP C 137 37.72 -26.83 -16.21
N TRP C 138 36.68 -26.20 -15.67
CA TRP C 138 36.27 -26.45 -14.29
C TRP C 138 35.42 -27.73 -14.29
N TRP C 139 35.56 -28.56 -13.26
CA TRP C 139 34.80 -29.79 -13.18
C TRP C 139 33.34 -29.59 -12.82
N PRO C 140 32.43 -30.04 -13.68
CA PRO C 140 30.99 -29.92 -13.44
C PRO C 140 30.58 -30.55 -12.11
N GLU C 141 31.42 -31.46 -11.62
CA GLU C 141 31.17 -32.13 -10.34
C GLU C 141 31.28 -31.16 -9.18
N ASP C 142 32.08 -30.10 -9.38
CA ASP C 142 32.29 -29.10 -8.35
C ASP C 142 31.26 -27.96 -8.31
N GLU C 143 30.50 -27.80 -9.38
CA GLU C 143 29.50 -26.75 -9.48
C GLU C 143 28.51 -26.51 -8.33
N PRO C 144 28.13 -27.56 -7.60
CA PRO C 144 27.18 -27.35 -6.49
C PRO C 144 27.78 -26.54 -5.35
N TYR C 145 29.09 -26.58 -5.23
CA TYR C 145 29.77 -25.89 -4.14
C TYR C 145 30.09 -24.42 -4.36
N ALA C 146 30.32 -23.75 -3.24
CA ALA C 146 30.60 -22.33 -3.22
C ALA C 146 31.86 -21.90 -3.98
N TYR C 147 32.93 -22.66 -3.83
CA TYR C 147 34.19 -22.33 -4.50
C TYR C 147 34.08 -22.46 -6.02
N SER C 148 32.96 -23.02 -6.48
CA SER C 148 32.72 -23.19 -7.91
C SER C 148 31.47 -22.46 -8.34
N ALA C 149 31.11 -21.41 -7.59
CA ALA C 149 29.92 -20.62 -7.90
C ALA C 149 30.08 -19.83 -9.19
N GLN C 150 28.99 -19.69 -9.92
CA GLN C 150 28.95 -18.95 -11.17
C GLN C 150 29.40 -17.49 -11.04
N ILE C 151 30.04 -16.97 -12.09
CA ILE C 151 30.53 -15.59 -12.07
C ILE C 151 29.61 -14.63 -12.81
N SER C 152 29.13 -13.62 -12.10
CA SER C 152 28.24 -12.64 -12.71
C SER C 152 28.55 -11.25 -12.19
N ALA C 153 28.32 -10.24 -13.01
CA ALA C 153 28.58 -8.86 -12.61
C ALA C 153 27.54 -8.43 -11.58
N LEU C 154 26.44 -9.17 -11.49
CA LEU C 154 25.38 -8.88 -10.55
C LEU C 154 25.13 -10.12 -9.71
N THR C 155 25.67 -10.14 -8.50
CA THR C 155 25.48 -11.28 -7.63
C THR C 155 25.43 -10.87 -6.16
N VAL C 156 24.63 -11.59 -5.37
CA VAL C 156 24.49 -11.30 -3.94
C VAL C 156 25.49 -12.13 -3.12
N ALA C 157 26.22 -11.47 -2.23
CA ALA C 157 27.19 -12.15 -1.38
C ALA C 157 26.54 -12.58 -0.08
N HIS C 158 27.11 -13.59 0.57
CA HIS C 158 26.55 -14.09 1.81
C HIS C 158 27.55 -14.06 2.98
N GLY C 159 27.10 -13.52 4.11
CA GLY C 159 27.94 -13.46 5.29
C GLY C 159 29.08 -12.47 5.26
N GLU C 160 29.92 -12.51 6.29
CA GLU C 160 31.07 -11.60 6.38
C GLU C 160 32.14 -12.04 5.41
N ARG C 161 32.12 -13.32 5.05
CA ARG C 161 33.11 -13.85 4.14
C ARG C 161 32.73 -13.56 2.70
N PHE C 162 31.50 -13.08 2.51
CA PHE C 162 30.99 -12.72 1.19
C PHE C 162 31.12 -13.82 0.14
N ASP C 163 30.22 -14.79 0.22
CA ASP C 163 30.22 -15.88 -0.73
C ASP C 163 29.15 -15.54 -1.76
N THR C 164 29.58 -15.40 -3.01
CA THR C 164 28.68 -15.04 -4.08
C THR C 164 28.01 -16.22 -4.76
N GLY C 165 26.88 -15.94 -5.40
CA GLY C 165 26.14 -16.96 -6.14
C GLY C 165 25.69 -18.19 -5.40
N VAL C 166 25.57 -18.10 -4.08
CA VAL C 166 25.13 -19.25 -3.30
C VAL C 166 23.91 -18.88 -2.48
N THR C 167 23.29 -19.91 -1.90
CA THR C 167 22.12 -19.74 -1.06
C THR C 167 22.42 -20.64 0.13
N GLU C 168 21.92 -20.28 1.31
CA GLU C 168 22.18 -21.09 2.48
C GLU C 168 21.04 -22.06 2.74
N VAL C 169 21.25 -23.32 2.37
CA VAL C 169 20.24 -24.35 2.57
C VAL C 169 20.28 -24.84 4.01
N SER C 170 19.09 -24.96 4.61
CA SER C 170 18.96 -25.42 5.98
C SER C 170 18.11 -26.68 5.99
N VAL C 171 18.56 -27.69 6.71
CA VAL C 171 17.83 -28.94 6.79
C VAL C 171 17.70 -29.32 8.26
N THR C 172 16.47 -29.41 8.75
CA THR C 172 16.27 -29.76 10.15
C THR C 172 15.44 -31.03 10.28
N PRO C 173 15.72 -31.82 11.32
CA PRO C 173 14.99 -33.07 11.54
C PRO C 173 13.54 -32.83 11.91
N ALA C 174 12.68 -33.75 11.49
CA ALA C 174 11.25 -33.67 11.79
C ALA C 174 10.98 -34.89 12.64
N ALA C 175 9.78 -35.44 12.55
CA ALA C 175 9.47 -36.64 13.31
C ALA C 175 10.14 -37.81 12.60
N GLU C 176 10.57 -38.82 13.36
CA GLU C 176 11.21 -39.99 12.76
C GLU C 176 10.29 -40.65 11.73
N GLY C 177 10.82 -40.91 10.54
CA GLY C 177 10.03 -41.53 9.49
C GLY C 177 9.52 -40.51 8.50
N GLU C 178 9.34 -39.27 8.97
CA GLU C 178 8.85 -38.21 8.12
C GLU C 178 10.01 -37.58 7.39
N PRO C 179 9.75 -36.96 6.23
CA PRO C 179 10.84 -36.32 5.50
C PRO C 179 11.38 -35.14 6.29
N ALA C 180 12.64 -34.78 6.06
CA ALA C 180 13.26 -33.67 6.77
C ALA C 180 12.73 -32.35 6.22
N ASP C 181 12.78 -31.31 7.05
CA ASP C 181 12.32 -30.00 6.64
C ASP C 181 13.47 -29.26 5.97
N VAL C 182 13.24 -28.80 4.75
CA VAL C 182 14.29 -28.09 4.03
C VAL C 182 13.94 -26.63 3.76
N ASP C 183 14.88 -25.75 4.09
CA ASP C 183 14.71 -24.33 3.84
C ASP C 183 15.80 -23.90 2.87
N LEU C 184 15.41 -23.61 1.64
CA LEU C 184 16.36 -23.21 0.63
C LEU C 184 17.05 -21.89 0.98
N GLY C 185 16.41 -21.10 1.82
CA GLY C 185 16.99 -19.82 2.21
C GLY C 185 16.71 -18.71 1.21
N ALA C 186 17.75 -17.96 0.85
CA ALA C 186 17.61 -16.87 -0.12
C ALA C 186 17.06 -17.35 -1.46
N ALA C 187 17.35 -18.61 -1.80
CA ALA C 187 16.89 -19.20 -3.06
C ALA C 187 15.45 -19.69 -2.97
N GLU C 188 14.80 -19.42 -1.85
CA GLU C 188 13.42 -19.83 -1.66
C GLU C 188 12.53 -19.24 -2.74
N GLY C 189 11.65 -20.06 -3.30
CA GLY C 189 10.76 -19.56 -4.34
C GLY C 189 11.49 -19.26 -5.63
N TYR C 190 12.81 -19.45 -5.62
CA TYR C 190 13.62 -19.21 -6.81
C TYR C 190 14.10 -20.53 -7.40
N ALA C 191 14.52 -21.44 -6.52
CA ALA C 191 15.03 -22.74 -6.95
C ALA C 191 14.01 -23.82 -6.64
N GLU C 192 14.08 -24.92 -7.39
CA GLU C 192 13.19 -26.05 -7.19
C GLU C 192 13.79 -26.85 -6.04
N LEU C 193 12.97 -27.67 -5.41
CA LEU C 193 13.44 -28.50 -4.32
C LEU C 193 13.02 -29.94 -4.52
N ASP C 194 13.99 -30.85 -4.50
CA ASP C 194 13.70 -32.27 -4.62
C ASP C 194 14.09 -32.88 -3.29
N ASN C 195 13.22 -32.72 -2.30
CA ASN C 195 13.47 -33.24 -0.97
C ASN C 195 13.04 -34.68 -0.78
N ARG C 196 14.01 -35.58 -0.87
CA ARG C 196 13.77 -37.00 -0.70
C ARG C 196 14.44 -37.53 0.56
N ALA C 197 14.92 -36.63 1.41
CA ALA C 197 15.59 -37.02 2.65
C ALA C 197 14.55 -37.44 3.70
N VAL C 198 15.01 -38.17 4.70
CA VAL C 198 14.13 -38.63 5.76
C VAL C 198 14.72 -38.32 7.15
N THR C 199 13.86 -38.21 8.14
CA THR C 199 14.30 -37.97 9.49
C THR C 199 14.47 -39.37 10.07
N GLY C 200 15.69 -39.73 10.44
CA GLY C 200 15.92 -41.05 10.97
C GLY C 200 15.91 -41.07 12.48
N ALA C 201 15.83 -42.27 13.05
CA ALA C 201 15.82 -42.44 14.50
C ALA C 201 16.91 -41.62 15.17
N ALA C 202 16.64 -41.17 16.38
CA ALA C 202 17.60 -40.38 17.13
C ALA C 202 18.85 -41.22 17.40
N GLY C 203 20.01 -40.64 17.13
CA GLY C 203 21.25 -41.36 17.36
C GLY C 203 21.77 -42.17 16.18
N SER C 204 21.07 -42.11 15.06
CA SER C 204 21.49 -42.86 13.90
C SER C 204 22.47 -41.99 13.13
N ALA C 205 23.24 -42.59 12.23
CA ALA C 205 24.20 -41.84 11.43
C ALA C 205 23.52 -40.78 10.56
N ASN C 206 24.26 -39.70 10.31
CA ASN C 206 23.80 -38.60 9.50
C ASN C 206 24.35 -38.84 8.10
N THR C 207 23.50 -39.30 7.20
CA THR C 207 23.95 -39.57 5.84
C THR C 207 23.25 -38.60 4.89
N LEU C 208 22.91 -37.44 5.42
CA LEU C 208 22.23 -36.40 4.63
C LEU C 208 23.15 -35.86 3.54
N VAL C 209 22.61 -35.66 2.35
CA VAL C 209 23.38 -35.12 1.23
C VAL C 209 22.61 -33.99 0.55
N ILE C 210 23.23 -32.83 0.43
CA ILE C 210 22.61 -31.69 -0.22
C ILE C 210 23.37 -31.38 -1.49
N ASP C 211 22.75 -31.66 -2.63
CA ASP C 211 23.41 -31.43 -3.90
C ASP C 211 22.51 -30.72 -4.89
N ARG C 212 23.13 -30.09 -5.88
CA ARG C 212 22.39 -29.43 -6.94
C ARG C 212 22.77 -30.14 -8.23
N PRO C 213 21.88 -31.01 -8.72
CA PRO C 213 22.14 -31.75 -9.97
C PRO C 213 22.64 -30.80 -11.04
N VAL C 214 23.64 -31.24 -11.80
CA VAL C 214 24.21 -30.39 -12.85
C VAL C 214 23.18 -29.99 -13.90
N GLY C 215 23.36 -28.80 -14.45
CA GLY C 215 22.44 -28.31 -15.46
C GLY C 215 21.03 -28.09 -14.94
N THR C 216 20.89 -27.94 -13.62
CA THR C 216 19.57 -27.70 -13.04
C THR C 216 19.64 -26.61 -11.99
N ASN C 217 18.50 -26.06 -11.64
CA ASN C 217 18.42 -25.03 -10.62
C ASN C 217 17.60 -25.63 -9.50
N THR C 218 17.83 -26.92 -9.28
CA THR C 218 17.13 -27.70 -8.27
C THR C 218 18.07 -28.11 -7.15
N ILE C 219 17.58 -28.01 -5.92
CA ILE C 219 18.36 -28.43 -4.76
C ILE C 219 17.81 -29.78 -4.33
N ALA C 220 18.55 -30.85 -4.64
CA ALA C 220 18.11 -32.18 -4.28
C ALA C 220 18.68 -32.57 -2.92
N VAL C 221 17.80 -32.88 -1.99
CA VAL C 221 18.23 -33.28 -0.66
C VAL C 221 17.86 -34.75 -0.50
N THR C 222 18.84 -35.54 -0.11
CA THR C 222 18.63 -36.97 0.05
C THR C 222 19.44 -37.44 1.26
N GLY C 223 19.16 -38.66 1.70
CA GLY C 223 19.87 -39.22 2.83
C GLY C 223 19.01 -39.23 4.07
N SER C 224 19.64 -39.40 5.23
CA SER C 224 18.89 -39.41 6.46
C SER C 224 19.53 -38.53 7.52
N LEU C 225 18.69 -37.76 8.19
CA LEU C 225 19.12 -36.86 9.24
C LEU C 225 18.46 -37.35 10.52
N PRO C 226 19.24 -37.63 11.58
CA PRO C 226 18.70 -38.11 12.85
C PRO C 226 17.85 -37.06 13.56
N ALA C 227 16.77 -37.52 14.17
CA ALA C 227 15.84 -36.65 14.88
C ALA C 227 16.51 -35.72 15.88
N ASP C 228 17.39 -36.28 16.70
CA ASP C 228 18.11 -35.49 17.70
C ASP C 228 19.16 -34.57 17.07
N ALA C 229 19.40 -34.73 15.77
CA ALA C 229 20.39 -33.92 15.07
C ALA C 229 20.06 -32.43 15.09
N ALA C 230 21.11 -31.62 15.10
CA ALA C 230 20.97 -30.18 15.08
C ALA C 230 20.87 -29.82 13.59
N PRO C 231 20.18 -28.72 13.27
CA PRO C 231 20.04 -28.31 11.87
C PRO C 231 21.34 -28.38 11.06
N VAL C 232 21.26 -28.90 9.85
CA VAL C 232 22.41 -28.98 8.96
C VAL C 232 22.31 -27.73 8.10
N THR C 233 23.42 -27.03 7.90
CA THR C 233 23.39 -25.81 7.09
C THR C 233 24.51 -25.83 6.08
N ALA C 234 24.15 -25.79 4.80
CA ALA C 234 25.16 -25.82 3.75
C ALA C 234 24.99 -24.68 2.76
N LEU C 235 26.11 -24.26 2.16
CA LEU C 235 26.08 -23.22 1.15
C LEU C 235 26.10 -23.94 -0.19
N ARG C 236 25.08 -23.71 -0.99
CA ARG C 236 24.99 -24.34 -2.29
C ARG C 236 24.76 -23.25 -3.33
N THR C 237 25.23 -23.47 -4.55
CA THR C 237 25.08 -22.48 -5.60
C THR C 237 23.76 -22.62 -6.34
N VAL C 238 23.38 -21.55 -7.03
CA VAL C 238 22.17 -21.52 -7.83
C VAL C 238 22.60 -21.22 -9.26
N ASP C 239 21.66 -21.30 -10.18
CA ASP C 239 21.96 -21.02 -11.57
C ASP C 239 21.63 -19.56 -11.82
N GLU C 240 22.57 -18.84 -12.42
CA GLU C 240 22.39 -17.43 -12.72
C GLU C 240 22.29 -16.63 -11.41
N PRO C 241 23.44 -16.29 -10.81
CA PRO C 241 23.42 -15.53 -9.57
C PRO C 241 22.60 -14.24 -9.70
N ALA C 242 22.63 -13.63 -10.87
CA ALA C 242 21.92 -12.40 -11.14
C ALA C 242 20.40 -12.57 -11.02
N ALA C 243 19.88 -13.67 -11.56
CA ALA C 243 18.45 -13.95 -11.51
C ALA C 243 17.98 -14.00 -10.06
N LEU C 244 18.87 -14.46 -9.19
CA LEU C 244 18.58 -14.56 -7.77
C LEU C 244 18.58 -13.16 -7.17
N ALA C 245 19.58 -12.37 -7.55
CA ALA C 245 19.69 -11.00 -7.09
C ALA C 245 18.42 -10.24 -7.48
N GLY C 246 17.85 -10.61 -8.62
CA GLY C 246 16.65 -9.97 -9.09
C GLY C 246 15.48 -10.45 -8.28
N HIS C 247 15.47 -11.75 -7.99
CA HIS C 247 14.41 -12.36 -7.19
C HIS C 247 14.35 -11.70 -5.81
N LEU C 248 15.51 -11.56 -5.20
CA LEU C 248 15.63 -10.96 -3.88
C LEU C 248 15.18 -9.51 -3.90
N PHE C 249 15.55 -8.80 -4.95
CA PHE C 249 15.20 -7.41 -5.06
C PHE C 249 13.69 -7.20 -5.17
N GLU C 250 13.04 -8.04 -5.95
CA GLU C 250 11.61 -7.96 -6.14
C GLU C 250 10.91 -8.23 -4.82
N GLU C 251 11.62 -8.85 -3.89
CA GLU C 251 11.05 -9.15 -2.57
C GLU C 251 11.32 -8.00 -1.60
N ALA C 252 12.45 -7.33 -1.79
CA ALA C 252 12.82 -6.19 -0.95
C ALA C 252 11.96 -5.00 -1.34
N LEU C 253 11.59 -4.92 -2.61
CA LEU C 253 10.75 -3.83 -3.09
C LEU C 253 9.37 -3.93 -2.46
N GLU C 254 8.83 -5.14 -2.39
CA GLU C 254 7.51 -5.35 -1.82
C GLU C 254 7.51 -5.12 -0.31
N SER C 255 8.69 -5.23 0.30
CA SER C 255 8.82 -5.00 1.74
C SER C 255 8.84 -3.51 1.98
N ASN C 256 9.08 -2.74 0.92
CA ASN C 256 9.15 -1.29 1.02
C ASN C 256 7.99 -0.60 0.29
N GLY C 257 6.87 -1.31 0.16
CA GLY C 257 5.71 -0.71 -0.47
C GLY C 257 5.62 -0.89 -1.98
N VAL C 258 6.76 -0.90 -2.66
CA VAL C 258 6.78 -1.06 -4.11
C VAL C 258 6.12 -2.37 -4.55
N THR C 259 5.20 -2.28 -5.50
CA THR C 259 4.51 -3.45 -6.01
C THR C 259 4.93 -3.74 -7.44
N VAL C 260 5.40 -4.96 -7.70
CA VAL C 260 5.82 -5.35 -9.02
C VAL C 260 4.71 -6.11 -9.74
N LYS C 261 4.06 -5.45 -10.70
CA LYS C 261 2.98 -6.06 -11.46
C LYS C 261 3.52 -7.00 -12.54
N GLY C 262 4.76 -6.78 -12.94
CA GLY C 262 5.36 -7.61 -13.97
C GLY C 262 6.11 -8.83 -13.45
N ASP C 263 7.13 -9.24 -14.18
CA ASP C 263 7.94 -10.39 -13.80
C ASP C 263 9.40 -10.02 -13.65
N VAL C 264 10.16 -10.96 -13.09
CA VAL C 264 11.58 -10.76 -12.90
C VAL C 264 12.34 -11.55 -13.96
N GLY C 265 13.44 -10.98 -14.46
CA GLY C 265 14.20 -11.67 -15.49
C GLY C 265 15.53 -11.02 -15.78
N LEU C 266 16.25 -11.58 -16.74
CA LEU C 266 17.54 -11.05 -17.13
C LEU C 266 17.41 -10.13 -18.32
N GLY C 267 18.23 -9.10 -18.36
CA GLY C 267 18.19 -8.16 -19.46
C GLY C 267 18.90 -6.88 -19.07
N GLY C 268 19.65 -6.31 -20.01
CA GLY C 268 20.35 -5.07 -19.73
C GLY C 268 19.53 -3.86 -20.11
N VAL C 269 19.97 -2.68 -19.68
CA VAL C 269 19.27 -1.44 -20.00
C VAL C 269 19.14 -1.36 -21.51
N PRO C 270 17.93 -1.04 -22.00
CA PRO C 270 17.64 -0.93 -23.44
C PRO C 270 18.62 -0.12 -24.28
N ALA C 271 19.29 0.85 -23.67
CA ALA C 271 20.23 1.71 -24.40
C ALA C 271 19.40 2.59 -25.31
N ASP C 272 18.13 2.21 -25.44
CA ASP C 272 17.15 2.94 -26.23
C ASP C 272 16.63 4.04 -25.32
N TRP C 273 17.14 4.06 -24.08
CA TRP C 273 16.74 5.05 -23.09
C TRP C 273 17.56 6.33 -23.20
N GLN C 274 16.92 7.37 -23.74
CA GLN C 274 17.55 8.66 -23.93
C GLN C 274 18.17 9.18 -22.64
N ASP C 275 17.48 8.96 -21.52
CA ASP C 275 17.97 9.42 -20.23
C ASP C 275 17.48 8.47 -19.14
N ALA C 276 18.39 7.69 -18.57
CA ALA C 276 18.06 6.75 -17.52
C ALA C 276 18.00 7.44 -16.15
N GLU C 277 17.01 7.07 -15.35
CA GLU C 277 16.82 7.66 -14.03
C GLU C 277 17.28 6.71 -12.92
N VAL C 278 18.40 7.04 -12.27
CA VAL C 278 18.94 6.22 -11.19
C VAL C 278 18.18 6.47 -9.89
N LEU C 279 17.18 5.63 -9.62
CA LEU C 279 16.36 5.76 -8.43
C LEU C 279 17.11 5.37 -7.16
N ALA C 280 17.99 4.36 -7.28
CA ALA C 280 18.77 3.91 -6.13
C ALA C 280 20.09 3.29 -6.56
N ASP C 281 21.11 3.45 -5.72
CA ASP C 281 22.43 2.90 -6.02
C ASP C 281 23.22 2.64 -4.74
N HIS C 282 24.21 1.77 -4.84
CA HIS C 282 25.06 1.42 -3.71
C HIS C 282 26.51 1.40 -4.13
N THR C 283 27.41 1.58 -3.18
CA THR C 283 28.85 1.57 -3.46
C THR C 283 29.57 0.70 -2.44
N SER C 284 30.44 -0.18 -2.93
CA SER C 284 31.18 -1.08 -2.06
C SER C 284 32.30 -0.37 -1.34
N ALA C 285 32.96 -1.11 -0.46
CA ALA C 285 34.07 -0.56 0.29
C ALA C 285 35.24 -0.52 -0.70
N GLU C 286 36.35 0.09 -0.30
CA GLU C 286 37.50 0.17 -1.18
C GLU C 286 38.04 -1.22 -1.48
N LEU C 287 38.90 -1.33 -2.49
CA LEU C 287 39.47 -2.60 -2.86
C LEU C 287 40.36 -3.15 -1.75
N SER C 288 41.06 -2.25 -1.06
CA SER C 288 41.94 -2.65 0.02
C SER C 288 41.21 -3.33 1.19
N GLU C 289 39.90 -3.15 1.25
CA GLU C 289 39.09 -3.76 2.31
C GLU C 289 38.69 -5.15 1.86
N ILE C 290 38.11 -5.21 0.67
CA ILE C 290 37.64 -6.46 0.07
C ILE C 290 38.78 -7.48 -0.04
N LEU C 291 40.00 -6.98 -0.17
CA LEU C 291 41.16 -7.84 -0.27
C LEU C 291 41.30 -8.79 0.93
N VAL C 292 40.77 -8.39 2.09
CA VAL C 292 40.87 -9.22 3.29
C VAL C 292 40.02 -10.48 3.27
N PRO C 293 38.68 -10.35 3.08
CA PRO C 293 37.88 -11.58 3.06
C PRO C 293 38.23 -12.45 1.84
N PHE C 294 38.87 -11.82 0.86
CA PHE C 294 39.30 -12.48 -0.36
C PHE C 294 40.55 -13.34 -0.19
N MET C 295 41.61 -12.75 0.36
CA MET C 295 42.87 -13.47 0.55
C MET C 295 42.93 -14.29 1.84
N LYS C 296 42.18 -13.86 2.84
CA LYS C 296 42.17 -14.57 4.11
C LYS C 296 41.46 -15.92 3.98
N PHE C 297 40.32 -15.90 3.30
CA PHE C 297 39.53 -17.12 3.13
C PHE C 297 39.57 -17.71 1.74
N SER C 298 40.44 -17.16 0.89
CA SER C 298 40.62 -17.65 -0.48
C SER C 298 39.29 -17.75 -1.24
N ASN C 299 38.71 -16.61 -1.56
CA ASN C 299 37.44 -16.55 -2.28
C ASN C 299 37.58 -16.65 -3.80
N ASN C 300 37.22 -17.80 -4.38
CA ASN C 300 37.32 -17.99 -5.82
C ASN C 300 36.43 -17.00 -6.57
N GLY C 301 35.22 -16.81 -6.05
CA GLY C 301 34.28 -15.89 -6.67
C GLY C 301 34.89 -14.52 -6.83
N HIS C 302 35.39 -13.95 -5.75
CA HIS C 302 36.01 -12.64 -5.79
C HIS C 302 37.11 -12.62 -6.86
N ALA C 303 38.05 -13.55 -6.77
CA ALA C 303 39.17 -13.66 -7.71
C ALA C 303 38.74 -13.56 -9.17
N GLU C 304 37.71 -14.33 -9.54
CA GLU C 304 37.23 -14.32 -10.91
C GLU C 304 36.58 -12.99 -11.28
N MET C 305 35.80 -12.45 -10.36
CA MET C 305 35.14 -11.18 -10.60
C MET C 305 36.14 -10.06 -10.80
N LEU C 306 37.24 -10.08 -10.05
CA LEU C 306 38.27 -9.07 -10.20
C LEU C 306 38.90 -9.11 -11.59
N VAL C 307 39.20 -10.31 -12.06
CA VAL C 307 39.81 -10.47 -13.38
C VAL C 307 38.94 -9.87 -14.47
N LYS C 308 37.64 -10.12 -14.41
CA LYS C 308 36.72 -9.59 -15.40
C LYS C 308 36.57 -8.08 -15.20
N SER C 309 36.80 -7.62 -13.98
CA SER C 309 36.72 -6.20 -13.66
C SER C 309 37.95 -5.50 -14.21
N ILE C 310 39.06 -6.24 -14.27
CA ILE C 310 40.30 -5.71 -14.80
C ILE C 310 40.10 -5.65 -16.31
N GLY C 311 39.41 -6.64 -16.85
CA GLY C 311 39.15 -6.65 -18.28
C GLY C 311 38.45 -5.36 -18.70
N GLN C 312 37.59 -4.86 -17.81
CA GLN C 312 36.84 -3.63 -18.05
C GLN C 312 37.75 -2.41 -18.02
N GLU C 313 38.50 -2.27 -16.94
CA GLU C 313 39.41 -1.15 -16.78
C GLU C 313 40.40 -1.10 -17.94
N THR C 314 40.84 -2.28 -18.39
CA THR C 314 41.83 -2.41 -19.45
C THR C 314 41.38 -2.33 -20.90
N ALA C 315 40.52 -3.26 -21.32
CA ALA C 315 40.06 -3.27 -22.70
C ALA C 315 38.56 -3.08 -22.80
N GLY C 316 37.95 -2.57 -21.73
CA GLY C 316 36.51 -2.36 -21.72
C GLY C 316 35.73 -3.62 -22.01
N ALA C 317 36.26 -4.75 -21.53
CA ALA C 317 35.63 -6.03 -21.73
C ALA C 317 35.58 -6.83 -20.42
N GLY C 318 34.37 -7.13 -19.96
CA GLY C 318 34.22 -7.90 -18.74
C GLY C 318 34.30 -9.38 -19.04
N THR C 319 35.46 -9.81 -19.54
CA THR C 319 35.66 -11.21 -19.90
C THR C 319 36.97 -11.77 -19.37
N TRP C 320 37.01 -13.10 -19.19
CA TRP C 320 38.21 -13.76 -18.71
C TRP C 320 39.38 -13.54 -19.66
N ASP C 321 39.11 -13.66 -20.96
CA ASP C 321 40.16 -13.46 -21.94
C ASP C 321 40.85 -12.11 -21.76
N ALA C 322 40.09 -11.03 -21.86
CA ALA C 322 40.65 -9.69 -21.68
C ALA C 322 41.24 -9.56 -20.28
N GLY C 323 40.49 -10.07 -19.31
CA GLY C 323 40.92 -10.02 -17.93
C GLY C 323 42.30 -10.59 -17.67
N LEU C 324 42.53 -11.83 -18.10
CA LEU C 324 43.84 -12.44 -17.88
C LEU C 324 44.96 -11.73 -18.63
N VAL C 325 44.66 -11.11 -19.76
CA VAL C 325 45.69 -10.39 -20.48
C VAL C 325 46.09 -9.19 -19.61
N GLY C 326 45.08 -8.47 -19.12
CA GLY C 326 45.31 -7.33 -18.26
C GLY C 326 46.10 -7.75 -17.04
N VAL C 327 45.79 -8.93 -16.53
CA VAL C 327 46.48 -9.47 -15.35
C VAL C 327 47.97 -9.62 -15.63
N GLU C 328 48.29 -10.32 -16.71
CA GLU C 328 49.66 -10.58 -17.11
C GLU C 328 50.43 -9.28 -17.34
N GLU C 329 49.78 -8.33 -18.04
CA GLU C 329 50.40 -7.05 -18.31
C GLU C 329 50.74 -6.27 -17.05
N ALA C 330 49.79 -6.21 -16.12
CA ALA C 330 50.02 -5.50 -14.87
C ALA C 330 51.18 -6.14 -14.14
N LEU C 331 51.25 -7.47 -14.22
CA LEU C 331 52.32 -8.23 -13.56
C LEU C 331 53.68 -7.90 -14.13
N SER C 332 53.76 -7.77 -15.44
CA SER C 332 55.02 -7.44 -16.10
C SER C 332 55.37 -5.98 -15.81
N GLY C 333 54.38 -5.11 -15.89
CA GLY C 333 54.59 -3.70 -15.61
C GLY C 333 55.00 -3.50 -14.17
N LEU C 334 54.74 -4.51 -13.34
CA LEU C 334 55.09 -4.46 -11.92
C LEU C 334 56.52 -4.93 -11.71
N GLY C 335 57.13 -5.49 -12.76
CA GLY C 335 58.50 -5.97 -12.68
C GLY C 335 58.63 -7.48 -12.62
N VAL C 336 57.50 -8.16 -12.78
CA VAL C 336 57.47 -9.62 -12.73
C VAL C 336 57.57 -10.24 -14.11
N ASP C 337 58.53 -11.14 -14.31
CA ASP C 337 58.68 -11.79 -15.61
C ASP C 337 57.66 -12.93 -15.73
N THR C 338 56.58 -12.66 -16.45
CA THR C 338 55.51 -13.62 -16.66
C THR C 338 55.89 -14.63 -17.72
N ALA C 339 57.14 -15.07 -17.70
CA ALA C 339 57.63 -16.02 -18.68
C ALA C 339 57.03 -17.43 -18.53
N GLY C 340 57.25 -18.06 -17.39
CA GLY C 340 56.74 -19.40 -17.18
C GLY C 340 55.32 -19.47 -16.68
N LEU C 341 54.61 -18.36 -16.77
CA LEU C 341 53.23 -18.29 -16.30
C LEU C 341 52.20 -18.67 -17.35
N VAL C 342 51.10 -19.25 -16.89
CA VAL C 342 50.01 -19.64 -17.76
C VAL C 342 48.73 -19.38 -16.96
N LEU C 343 48.10 -18.26 -17.24
CA LEU C 343 46.89 -17.88 -16.52
C LEU C 343 45.64 -18.45 -17.17
N ASN C 344 44.90 -19.23 -16.42
CA ASN C 344 43.68 -19.79 -16.96
C ASN C 344 42.49 -19.18 -16.24
N ASP C 345 42.70 -18.80 -14.98
CA ASP C 345 41.66 -18.15 -14.19
C ASP C 345 42.30 -17.37 -13.04
N GLY C 346 41.50 -16.56 -12.37
CA GLY C 346 42.03 -15.76 -11.30
C GLY C 346 42.15 -16.46 -9.97
N SER C 347 41.23 -17.37 -9.66
CA SER C 347 41.26 -18.05 -8.37
C SER C 347 42.30 -19.15 -8.23
N GLY C 348 42.66 -19.79 -9.33
CA GLY C 348 43.63 -20.85 -9.26
C GLY C 348 42.93 -22.18 -9.06
N LEU C 349 41.64 -22.22 -9.38
CA LEU C 349 40.85 -23.43 -9.26
C LEU C 349 41.12 -24.32 -10.45
N SER C 350 41.47 -23.70 -11.57
CA SER C 350 41.73 -24.43 -12.80
C SER C 350 43.07 -25.15 -12.83
N ARG C 351 43.04 -26.38 -13.30
CA ARG C 351 44.22 -27.20 -13.41
C ARG C 351 45.05 -26.80 -14.62
N GLY C 352 44.58 -25.79 -15.33
CA GLY C 352 45.30 -25.32 -16.50
C GLY C 352 46.22 -24.17 -16.11
N ASN C 353 46.30 -23.89 -14.82
CA ASN C 353 47.15 -22.82 -14.31
C ASN C 353 48.57 -23.31 -14.07
N LEU C 354 49.54 -22.51 -14.48
CA LEU C 354 50.94 -22.88 -14.28
C LEU C 354 51.76 -21.69 -13.84
N VAL C 355 52.64 -21.92 -12.86
CA VAL C 355 53.52 -20.90 -12.33
C VAL C 355 54.82 -21.61 -11.95
N THR C 356 55.77 -20.89 -11.38
CA THR C 356 57.02 -21.51 -10.94
C THR C 356 57.32 -20.78 -9.65
N ALA C 357 57.94 -21.47 -8.69
CA ALA C 357 58.26 -20.83 -7.42
C ALA C 357 59.01 -19.51 -7.63
N ASP C 358 59.98 -19.51 -8.55
CA ASP C 358 60.75 -18.31 -8.86
C ASP C 358 59.80 -17.15 -9.19
N THR C 359 58.83 -17.39 -10.06
CA THR C 359 57.86 -16.37 -10.45
C THR C 359 57.09 -15.83 -9.26
N VAL C 360 56.78 -16.71 -8.31
CA VAL C 360 56.04 -16.33 -7.12
C VAL C 360 56.90 -15.45 -6.21
N VAL C 361 58.09 -15.92 -5.87
CA VAL C 361 58.99 -15.15 -5.02
C VAL C 361 59.30 -13.82 -5.69
N ASP C 362 59.24 -13.81 -7.03
CA ASP C 362 59.51 -12.60 -7.78
C ASP C 362 58.41 -11.58 -7.49
N LEU C 363 57.16 -12.01 -7.62
CA LEU C 363 56.01 -11.15 -7.34
C LEU C 363 55.98 -10.75 -5.86
N LEU C 364 56.41 -11.66 -4.99
CA LEU C 364 56.43 -11.39 -3.56
C LEU C 364 57.45 -10.31 -3.24
N GLY C 365 58.47 -10.20 -4.09
CA GLY C 365 59.49 -9.20 -3.91
C GLY C 365 58.96 -7.88 -4.44
N GLN C 366 58.59 -7.87 -5.72
CA GLN C 366 58.07 -6.67 -6.34
C GLN C 366 56.93 -6.09 -5.51
N ALA C 367 55.92 -6.89 -5.24
CA ALA C 367 54.76 -6.45 -4.47
C ALA C 367 55.16 -5.85 -3.13
N GLY C 368 56.23 -6.38 -2.56
CA GLY C 368 56.71 -5.90 -1.29
C GLY C 368 57.12 -4.44 -1.29
N SER C 369 57.76 -4.00 -2.37
CA SER C 369 58.20 -2.61 -2.48
C SER C 369 57.32 -1.77 -3.41
N ALA C 370 56.01 -1.93 -3.29
CA ALA C 370 55.08 -1.17 -4.11
C ALA C 370 54.22 -0.23 -3.25
N PRO C 371 53.52 0.72 -3.88
CA PRO C 371 52.67 1.66 -3.13
C PRO C 371 51.66 0.97 -2.22
N TRP C 372 51.02 -0.07 -2.73
CA TRP C 372 50.00 -0.81 -1.99
C TRP C 372 50.54 -1.97 -1.14
N ALA C 373 51.85 -2.16 -1.15
CA ALA C 373 52.47 -3.25 -0.40
C ALA C 373 51.94 -3.43 1.03
N GLN C 374 51.33 -2.39 1.58
CA GLN C 374 50.82 -2.48 2.94
C GLN C 374 49.45 -3.12 3.05
N THR C 375 48.51 -2.68 2.23
CA THR C 375 47.17 -3.26 2.26
C THR C 375 47.28 -4.70 1.77
N TRP C 376 48.36 -5.00 1.05
CA TRP C 376 48.62 -6.32 0.50
C TRP C 376 49.02 -7.33 1.59
N SER C 377 50.16 -7.11 2.22
CA SER C 377 50.64 -8.00 3.25
C SER C 377 49.60 -8.16 4.36
N ALA C 378 48.76 -7.14 4.53
CA ALA C 378 47.72 -7.13 5.55
C ALA C 378 46.61 -8.14 5.29
N SER C 379 46.24 -8.30 4.03
CA SER C 379 45.19 -9.23 3.65
C SER C 379 45.70 -10.67 3.62
N LEU C 380 46.99 -10.86 3.87
CA LEU C 380 47.55 -12.20 3.87
C LEU C 380 47.32 -12.89 5.22
N PRO C 381 46.87 -14.15 5.19
CA PRO C 381 46.62 -14.90 6.43
C PRO C 381 47.87 -15.05 7.30
N VAL C 382 47.75 -14.76 8.59
CA VAL C 382 48.88 -14.87 9.51
C VAL C 382 48.82 -16.22 10.22
N ALA C 383 49.93 -16.95 10.19
CA ALA C 383 50.03 -18.27 10.81
C ALA C 383 49.62 -18.32 12.28
N GLY C 384 48.91 -19.39 12.64
CA GLY C 384 48.49 -19.59 14.01
C GLY C 384 47.53 -18.59 14.65
N GLU C 385 47.00 -17.65 13.89
CA GLU C 385 46.09 -16.67 14.45
C GLU C 385 44.65 -17.18 14.53
N SER C 386 44.25 -17.66 15.70
CA SER C 386 42.90 -18.18 15.90
C SER C 386 41.83 -17.24 15.33
N ASP C 387 42.08 -15.93 15.39
CA ASP C 387 41.14 -14.96 14.85
C ASP C 387 40.92 -15.26 13.37
N PRO C 388 39.69 -15.64 12.98
CA PRO C 388 39.39 -15.94 11.58
C PRO C 388 39.80 -14.88 10.55
N PHE C 389 39.51 -13.62 10.82
CA PHE C 389 39.87 -12.58 9.86
C PHE C 389 41.34 -12.16 9.93
N VAL C 390 42.13 -12.88 10.71
CA VAL C 390 43.55 -12.58 10.83
C VAL C 390 44.35 -13.80 10.43
N GLY C 391 43.92 -14.96 10.91
CA GLY C 391 44.61 -16.20 10.61
C GLY C 391 44.16 -16.85 9.31
N GLY C 392 42.96 -16.51 8.85
CA GLY C 392 42.45 -17.07 7.62
C GLY C 392 42.61 -18.58 7.56
N THR C 393 42.96 -19.07 6.37
CA THR C 393 43.16 -20.49 6.13
C THR C 393 44.49 -20.92 6.71
N LEU C 394 45.06 -20.08 7.56
CA LEU C 394 46.35 -20.38 8.19
C LEU C 394 46.21 -20.28 9.70
N ALA C 395 44.95 -20.24 10.16
CA ALA C 395 44.62 -20.11 11.57
C ALA C 395 44.98 -21.29 12.47
N ASN C 396 44.63 -22.50 12.04
CA ASN C 396 44.90 -23.69 12.85
C ASN C 396 46.24 -24.34 12.56
N ARG C 397 47.10 -23.62 11.86
CA ARG C 397 48.41 -24.16 11.54
C ARG C 397 49.56 -23.38 12.16
N MET C 398 50.62 -24.10 12.49
CA MET C 398 51.81 -23.51 13.07
C MET C 398 51.63 -22.80 14.40
N ARG C 399 50.64 -23.19 15.18
CA ARG C 399 50.45 -22.57 16.48
C ARG C 399 51.52 -23.09 17.42
N GLY C 400 52.13 -22.21 18.19
CA GLY C 400 53.15 -22.63 19.13
C GLY C 400 54.52 -22.87 18.54
N THR C 401 54.77 -22.33 17.35
CA THR C 401 56.06 -22.47 16.68
C THR C 401 56.57 -21.08 16.43
N ALA C 402 57.87 -20.95 16.20
CA ALA C 402 58.46 -19.65 15.95
C ALA C 402 57.73 -18.88 14.86
N ALA C 403 56.88 -19.58 14.10
CA ALA C 403 56.13 -18.96 13.01
C ALA C 403 54.79 -18.37 13.41
N GLU C 404 54.25 -18.80 14.55
CA GLU C 404 52.96 -18.30 15.01
C GLU C 404 52.88 -16.78 15.11
N GLY C 405 51.94 -16.20 14.37
CA GLY C 405 51.76 -14.76 14.39
C GLY C 405 52.86 -14.00 13.68
N VAL C 406 53.73 -14.74 13.00
CA VAL C 406 54.84 -14.11 12.29
C VAL C 406 54.73 -14.31 10.79
N VAL C 407 54.64 -15.56 10.36
CA VAL C 407 54.53 -15.88 8.94
C VAL C 407 53.20 -15.43 8.34
N GLU C 408 53.26 -14.83 7.16
CA GLU C 408 52.06 -14.37 6.49
C GLU C 408 52.06 -14.80 5.03
N ALA C 409 51.61 -16.03 4.80
CA ALA C 409 51.57 -16.60 3.46
C ALA C 409 50.16 -16.92 2.97
N LYS C 410 50.07 -17.30 1.69
CA LYS C 410 48.80 -17.66 1.06
C LYS C 410 48.78 -19.17 0.88
N THR C 411 47.64 -19.80 1.17
CA THR C 411 47.51 -21.23 1.04
C THR C 411 46.86 -21.61 -0.29
N GLY C 412 46.87 -22.89 -0.60
CA GLY C 412 46.26 -23.36 -1.82
C GLY C 412 46.35 -24.87 -1.86
N THR C 413 45.21 -25.55 -1.84
CA THR C 413 45.24 -27.01 -1.90
C THR C 413 44.12 -27.65 -2.70
N MET C 414 44.53 -28.55 -3.60
CA MET C 414 43.64 -29.33 -4.44
C MET C 414 44.26 -30.71 -4.45
N SER C 415 43.83 -31.55 -5.40
CA SER C 415 44.37 -32.90 -5.51
C SER C 415 45.74 -32.88 -6.17
N GLY C 416 46.72 -33.47 -5.49
CA GLY C 416 48.07 -33.51 -6.02
C GLY C 416 48.67 -32.13 -6.17
N VAL C 417 48.11 -31.17 -5.45
CA VAL C 417 48.60 -29.80 -5.52
C VAL C 417 48.42 -29.13 -4.17
N SER C 418 49.49 -28.54 -3.67
CA SER C 418 49.48 -27.86 -2.38
C SER C 418 50.53 -26.76 -2.43
N ALA C 419 50.17 -25.54 -2.06
CA ALA C 419 51.12 -24.44 -2.08
C ALA C 419 51.10 -23.62 -0.81
N LEU C 420 52.19 -22.90 -0.57
CA LEU C 420 52.32 -22.06 0.60
C LEU C 420 53.33 -20.97 0.27
N SER C 421 52.84 -19.76 0.01
CA SER C 421 53.74 -18.67 -0.33
C SER C 421 53.48 -17.39 0.43
N GLY C 422 54.54 -16.81 0.99
CA GLY C 422 54.39 -15.58 1.72
C GLY C 422 55.68 -14.97 2.23
N TYR C 423 55.56 -14.23 3.31
CA TYR C 423 56.69 -13.53 3.91
C TYR C 423 57.04 -14.03 5.30
N VAL C 424 58.27 -13.78 5.70
CA VAL C 424 58.77 -14.16 7.02
C VAL C 424 59.45 -12.93 7.58
N PRO C 425 58.65 -11.99 8.13
CA PRO C 425 59.15 -10.75 8.71
C PRO C 425 60.05 -10.99 9.91
N GLY C 426 61.23 -10.40 9.88
CA GLY C 426 62.17 -10.56 10.97
C GLY C 426 63.08 -9.35 11.09
N PRO C 427 63.56 -9.05 12.31
CA PRO C 427 64.46 -7.91 12.54
C PRO C 427 65.72 -8.06 11.70
N GLU C 428 66.24 -9.28 11.66
CA GLU C 428 67.44 -9.61 10.89
C GLU C 428 67.23 -9.11 9.46
N GLY C 429 66.30 -9.75 8.76
CA GLY C 429 66.00 -9.38 7.40
C GLY C 429 64.72 -10.03 6.91
N GLU C 430 63.89 -9.23 6.22
CA GLU C 430 62.63 -9.69 5.68
C GLU C 430 62.85 -10.92 4.78
N LEU C 431 61.97 -11.92 4.86
CA LEU C 431 62.11 -13.12 4.05
C LEU C 431 60.89 -13.44 3.18
N ALA C 432 61.16 -13.76 1.92
CA ALA C 432 60.09 -14.12 0.98
C ALA C 432 60.31 -15.58 0.62
N PHE C 433 59.23 -16.33 0.43
CA PHE C 433 59.36 -17.74 0.10
C PHE C 433 58.13 -18.26 -0.64
N SER C 434 58.32 -19.36 -1.36
CA SER C 434 57.25 -19.98 -2.11
C SER C 434 57.51 -21.47 -2.12
N ILE C 435 56.50 -22.24 -1.76
CA ILE C 435 56.63 -23.69 -1.73
C ILE C 435 55.49 -24.26 -2.54
N VAL C 436 55.83 -24.96 -3.62
CA VAL C 436 54.80 -25.55 -4.46
C VAL C 436 54.99 -27.05 -4.55
N ASN C 437 53.93 -27.80 -4.31
CA ASN C 437 53.97 -29.25 -4.34
C ASN C 437 52.98 -29.82 -5.34
N ASN C 438 53.49 -30.59 -6.29
CA ASN C 438 52.67 -31.22 -7.30
C ASN C 438 53.05 -32.69 -7.44
N GLY C 439 52.06 -33.56 -7.37
CA GLY C 439 52.32 -34.97 -7.54
C GLY C 439 52.31 -35.85 -6.30
N HIS C 440 52.10 -35.29 -5.12
CA HIS C 440 52.08 -36.15 -3.94
C HIS C 440 50.93 -37.15 -4.14
N SER C 441 51.12 -38.37 -3.66
CA SER C 441 50.11 -39.42 -3.82
C SER C 441 49.05 -39.52 -2.73
N GLY C 442 49.31 -38.89 -1.59
CA GLY C 442 48.35 -38.94 -0.50
C GLY C 442 47.76 -37.58 -0.20
N PRO C 443 47.59 -37.25 1.10
CA PRO C 443 47.04 -35.99 1.58
C PRO C 443 47.98 -34.82 1.34
N ALA C 444 47.45 -33.60 1.39
CA ALA C 444 48.27 -32.41 1.19
C ALA C 444 49.41 -32.39 2.21
N PRO C 445 50.65 -32.18 1.74
CA PRO C 445 51.85 -32.12 2.58
C PRO C 445 51.96 -30.83 3.40
N LEU C 446 50.86 -30.48 4.08
CA LEU C 446 50.80 -29.27 4.89
C LEU C 446 51.84 -29.22 6.02
N ALA C 447 52.04 -30.34 6.71
CA ALA C 447 52.99 -30.42 7.81
C ALA C 447 54.44 -30.24 7.35
N VAL C 448 54.70 -30.48 6.07
CA VAL C 448 56.05 -30.32 5.54
C VAL C 448 56.25 -28.85 5.21
N GLN C 449 55.19 -28.22 4.71
CA GLN C 449 55.22 -26.80 4.38
C GLN C 449 55.41 -26.00 5.66
N ASP C 450 54.68 -26.37 6.71
CA ASP C 450 54.78 -25.67 8.00
C ASP C 450 56.18 -25.83 8.54
N ALA C 451 56.74 -27.02 8.36
CA ALA C 451 58.09 -27.33 8.84
C ALA C 451 59.10 -26.35 8.26
N ILE C 452 58.97 -26.08 6.96
CA ILE C 452 59.87 -25.15 6.29
C ILE C 452 59.64 -23.73 6.81
N ALA C 453 58.39 -23.29 6.86
CA ALA C 453 58.06 -21.97 7.35
C ALA C 453 58.60 -21.77 8.77
N VAL C 454 58.42 -22.77 9.64
CA VAL C 454 58.91 -22.64 10.99
C VAL C 454 60.43 -22.45 11.00
N ARG C 455 61.14 -23.25 10.20
CA ARG C 455 62.59 -23.16 10.12
C ARG C 455 63.01 -21.78 9.65
N LEU C 456 62.26 -21.22 8.72
CA LEU C 456 62.56 -19.89 8.19
C LEU C 456 62.42 -18.82 9.28
N ALA C 457 61.46 -19.00 10.17
CA ALA C 457 61.22 -18.05 11.24
C ALA C 457 62.31 -18.16 12.30
N GLU C 458 62.73 -19.38 12.60
CA GLU C 458 63.79 -19.60 13.58
C GLU C 458 65.07 -19.01 13.01
N TYR C 459 65.16 -19.01 11.69
CA TYR C 459 66.30 -18.46 10.97
C TYR C 459 66.19 -16.94 10.97
N ALA C 460 65.00 -16.43 10.69
CA ALA C 460 64.76 -14.99 10.64
C ALA C 460 64.82 -14.36 12.03
N GLY C 461 65.25 -15.14 13.01
CA GLY C 461 65.37 -14.64 14.37
C GLY C 461 64.07 -14.57 15.15
N HIS C 462 63.40 -15.71 15.30
CA HIS C 462 62.14 -15.80 16.05
C HIS C 462 62.16 -17.06 16.90
N GLN C 463 61.26 -17.13 17.89
CA GLN C 463 61.21 -18.29 18.75
C GLN C 463 59.80 -18.56 19.27
N ALA C 464 59.57 -19.76 19.77
CA ALA C 464 58.27 -20.15 20.32
C ALA C 464 57.77 -19.05 21.26
N PRO C 465 56.65 -18.40 20.91
CA PRO C 465 56.06 -17.33 21.70
C PRO C 465 55.67 -17.72 23.14
N GLU C 466 55.02 -16.90 23.82
N ARG D 1 -2.69 -8.37 31.77
CA ARG D 1 -1.32 -8.60 32.32
C ARG D 1 -0.52 -7.30 32.26
N LEU D 2 -0.75 -6.50 31.22
CA LEU D 2 -0.05 -5.23 31.09
C LEU D 2 -0.46 -4.36 32.27
N THR D 3 -1.76 -4.30 32.53
CA THR D 3 -2.29 -3.49 33.62
C THR D 3 -1.67 -3.86 34.97
N GLU D 4 -1.43 -5.15 35.18
CA GLU D 4 -0.82 -5.58 36.44
C GLU D 4 0.62 -5.12 36.47
N LEU D 5 1.28 -5.15 35.32
CA LEU D 5 2.67 -4.71 35.22
C LEU D 5 2.71 -3.25 35.63
N ARG D 6 1.86 -2.46 35.01
CA ARG D 6 1.78 -1.03 35.31
C ARG D 6 1.57 -0.77 36.77
N GLU D 7 0.78 -1.61 37.43
CA GLU D 7 0.52 -1.45 38.84
C GLU D 7 1.77 -1.78 39.63
N ASP D 8 2.38 -2.91 39.27
CA ASP D 8 3.59 -3.38 39.92
C ASP D 8 4.71 -2.36 39.90
N ILE D 9 4.88 -1.68 38.76
CA ILE D 9 5.92 -0.68 38.66
C ILE D 9 5.58 0.51 39.57
N ASP D 10 4.32 0.92 39.58
CA ASP D 10 3.90 2.03 40.44
C ASP D 10 4.20 1.72 41.90
N ALA D 11 3.87 0.50 42.31
CA ALA D 11 4.11 0.07 43.69
C ALA D 11 5.60 0.12 43.99
N ILE D 12 6.41 -0.17 42.99
CA ILE D 12 7.86 -0.17 43.16
C ILE D 12 8.40 1.23 43.35
N LEU D 13 7.89 2.17 42.56
CA LEU D 13 8.35 3.55 42.65
C LEU D 13 7.90 4.26 43.93
N GLU D 14 7.07 3.59 44.72
CA GLU D 14 6.58 4.15 45.98
C GLU D 14 7.55 3.81 47.11
N ASP D 15 8.71 3.30 46.75
CA ASP D 15 9.71 2.92 47.73
C ASP D 15 10.38 4.13 48.37
N PRO D 16 10.64 4.04 49.69
CA PRO D 16 11.28 5.10 50.48
C PRO D 16 12.58 5.61 49.88
N ALA D 17 13.32 4.72 49.23
CA ALA D 17 14.59 5.07 48.61
C ALA D 17 14.45 6.18 47.57
N LEU D 18 13.22 6.50 47.20
CA LEU D 18 12.98 7.53 46.21
C LEU D 18 12.41 8.81 46.83
N GLU D 19 12.63 9.01 48.12
CA GLU D 19 12.12 10.19 48.80
C GLU D 19 12.63 11.48 48.17
N GLY D 20 11.70 12.32 47.74
CA GLY D 20 12.07 13.58 47.13
C GLY D 20 12.91 13.42 45.88
N ALA D 21 12.62 12.38 45.12
CA ALA D 21 13.37 12.12 43.90
C ALA D 21 12.44 12.12 42.70
N VAL D 22 12.94 12.62 41.58
CA VAL D 22 12.17 12.65 40.34
C VAL D 22 12.67 11.51 39.48
N SER D 23 11.78 10.61 39.09
CA SER D 23 12.18 9.47 38.28
C SER D 23 11.48 9.46 36.94
N GLY D 24 12.25 9.21 35.90
CA GLY D 24 11.69 9.13 34.56
C GLY D 24 11.74 7.66 34.23
N VAL D 25 10.58 7.03 34.05
CA VAL D 25 10.52 5.60 33.75
C VAL D 25 9.70 5.26 32.51
N VAL D 26 10.36 4.81 31.45
CA VAL D 26 9.69 4.45 30.22
C VAL D 26 10.00 3.02 29.79
N VAL D 27 8.97 2.28 29.39
CA VAL D 27 9.14 0.90 28.92
C VAL D 27 8.35 0.76 27.62
N VAL D 28 9.02 0.29 26.57
CA VAL D 28 8.40 0.13 25.27
C VAL D 28 8.66 -1.26 24.70
N ASP D 29 7.81 -1.66 23.75
CA ASP D 29 7.97 -2.95 23.09
C ASP D 29 8.77 -2.73 21.83
N THR D 30 9.90 -3.42 21.72
CA THR D 30 10.79 -3.33 20.56
C THR D 30 10.03 -3.64 19.26
N ALA D 31 8.98 -4.45 19.37
CA ALA D 31 8.19 -4.84 18.21
C ALA D 31 7.12 -3.81 17.84
N THR D 32 6.01 -3.82 18.57
CA THR D 32 4.93 -2.89 18.31
C THR D 32 5.40 -1.45 18.42
N GLY D 33 6.33 -1.20 19.34
CA GLY D 33 6.84 0.14 19.55
C GLY D 33 5.92 0.86 20.52
N GLU D 34 4.96 0.12 21.06
CA GLU D 34 4.00 0.68 22.01
C GLU D 34 4.60 0.87 23.40
N GLU D 35 4.24 2.00 24.02
CA GLU D 35 4.70 2.35 25.34
C GLU D 35 3.93 1.59 26.41
N LEU D 36 4.59 0.63 27.04
CA LEU D 36 3.96 -0.18 28.08
C LEU D 36 3.87 0.55 29.41
N TYR D 37 4.80 1.47 29.64
CA TYR D 37 4.80 2.23 30.88
C TYR D 37 5.54 3.53 30.66
N SER D 38 5.03 4.61 31.23
CA SER D 38 5.64 5.91 31.07
C SER D 38 5.36 6.84 32.24
N ARG D 39 6.41 7.48 32.73
CA ARG D 39 6.28 8.43 33.83
C ARG D 39 7.42 9.43 33.79
N ASP D 40 7.08 10.71 33.66
CA ASP D 40 8.10 11.75 33.59
C ASP D 40 9.08 11.42 32.49
N GLY D 41 8.56 10.79 31.43
CA GLY D 41 9.40 10.41 30.32
C GLY D 41 10.06 11.59 29.68
N GLY D 42 9.38 12.73 29.70
CA GLY D 42 9.92 13.93 29.10
C GLY D 42 10.64 14.86 30.05
N GLU D 43 10.87 14.38 31.27
CA GLU D 43 11.56 15.15 32.31
C GLU D 43 13.09 15.07 32.15
N GLN D 44 13.74 16.21 32.01
CA GLN D 44 15.20 16.25 31.86
C GLN D 44 15.88 15.94 33.18
N LEU D 45 16.74 14.92 33.17
CA LEU D 45 17.44 14.48 34.36
C LEU D 45 18.90 14.21 34.03
N LEU D 46 19.75 14.20 35.06
CA LEU D 46 21.15 13.89 34.83
C LEU D 46 21.19 12.40 34.52
N PRO D 47 21.84 12.00 33.42
CA PRO D 47 21.94 10.60 33.03
C PRO D 47 23.10 9.82 33.65
N ALA D 48 24.15 10.52 34.06
CA ALA D 48 25.34 9.87 34.60
C ALA D 48 25.92 9.06 33.45
N SER D 49 26.42 7.87 33.72
CA SER D 49 27.03 7.08 32.66
C SER D 49 26.10 6.62 31.54
N ASN D 50 24.79 6.75 31.73
CA ASN D 50 23.85 6.36 30.67
C ASN D 50 24.13 7.24 29.44
N MET D 51 24.85 8.32 29.67
CA MET D 51 25.23 9.26 28.62
C MET D 51 26.10 8.51 27.62
N LYS D 52 26.88 7.55 28.14
CA LYS D 52 27.77 6.75 27.30
C LYS D 52 27.06 6.02 26.16
N LEU D 53 25.75 5.81 26.32
CA LEU D 53 24.95 5.13 25.28
C LEU D 53 24.81 6.03 24.06
N PHE D 54 24.90 7.35 24.26
CA PHE D 54 24.80 8.31 23.17
C PHE D 54 26.14 8.43 22.46
N THR D 55 27.21 8.46 23.23
CA THR D 55 28.55 8.56 22.66
C THR D 55 28.82 7.30 21.84
N ALA D 56 28.48 6.15 22.42
CA ALA D 56 28.71 4.86 21.76
C ALA D 56 27.95 4.76 20.46
N ALA D 57 26.71 5.23 20.46
CA ALA D 57 25.87 5.21 19.27
C ALA D 57 26.50 6.11 18.21
N ALA D 58 26.87 7.32 18.59
CA ALA D 58 27.48 8.26 17.65
C ALA D 58 28.85 7.76 17.18
N ALA D 59 29.57 7.06 18.04
CA ALA D 59 30.88 6.55 17.65
C ALA D 59 30.70 5.58 16.47
N LEU D 60 29.73 4.69 16.59
CA LEU D 60 29.46 3.70 15.55
C LEU D 60 28.95 4.33 14.26
N GLU D 61 28.22 5.44 14.38
CA GLU D 61 27.68 6.15 13.21
C GLU D 61 28.76 6.96 12.47
N VAL D 62 29.61 7.64 13.24
CA VAL D 62 30.67 8.47 12.66
C VAL D 62 31.95 7.71 12.35
N LEU D 63 32.43 6.93 13.32
CA LEU D 63 33.67 6.16 13.15
C LEU D 63 33.47 4.79 12.49
N GLY D 64 32.35 4.14 12.80
CA GLY D 64 32.11 2.82 12.25
C GLY D 64 32.68 1.75 13.17
N ALA D 65 32.09 0.56 13.13
CA ALA D 65 32.56 -0.53 13.99
C ALA D 65 33.92 -1.04 13.55
N ASP D 66 34.20 -0.98 12.26
CA ASP D 66 35.46 -1.47 11.73
C ASP D 66 36.59 -0.45 11.87
N HIS D 67 36.28 0.69 12.48
CA HIS D 67 37.27 1.76 12.68
C HIS D 67 38.34 1.35 13.68
N SER D 68 39.55 1.88 13.52
CA SER D 68 40.63 1.55 14.44
C SER D 68 41.51 2.78 14.64
N PHE D 69 42.26 2.79 15.75
CA PHE D 69 43.12 3.92 16.05
C PHE D 69 44.58 3.52 15.95
N GLY D 70 45.40 4.46 15.49
CA GLY D 70 46.81 4.18 15.34
C GLY D 70 47.74 5.10 16.11
N THR D 71 48.98 4.63 16.26
CA THR D 71 50.05 5.34 16.95
C THR D 71 51.28 5.20 16.07
N GLU D 72 52.14 6.21 16.06
CA GLU D 72 53.34 6.15 15.24
C GLU D 72 54.57 6.77 15.90
N VAL D 73 55.74 6.31 15.48
CA VAL D 73 57.01 6.82 15.96
C VAL D 73 57.62 7.37 14.69
N ALA D 74 57.91 8.67 14.68
CA ALA D 74 58.47 9.29 13.49
C ALA D 74 59.75 10.08 13.74
N ALA D 75 60.55 10.17 12.68
CA ALA D 75 61.81 10.91 12.67
C ALA D 75 61.84 11.70 11.35
N GLU D 76 62.67 12.74 11.29
CA GLU D 76 62.74 13.50 10.05
C GLU D 76 63.22 12.64 8.90
N SER D 77 64.17 11.75 9.19
CA SER D 77 64.70 10.84 8.17
C SER D 77 65.15 9.52 8.80
N ALA D 78 65.54 8.57 7.96
CA ALA D 78 65.98 7.26 8.41
C ALA D 78 67.32 7.31 9.16
N PRO D 79 67.74 6.18 9.76
CA PRO D 79 69.00 6.12 10.51
C PRO D 79 70.20 5.98 9.57
N GLY D 80 71.31 6.64 9.92
CA GLY D 80 72.50 6.57 9.09
C GLY D 80 73.32 5.32 9.34
N ARG D 81 74.56 5.33 8.89
CA ARG D 81 75.45 4.18 9.09
C ARG D 81 75.50 3.92 10.57
N ARG D 82 75.58 5.00 11.34
CA ARG D 82 75.68 4.94 12.78
C ARG D 82 74.34 4.59 13.44
N GLY D 83 73.31 4.44 12.62
CA GLY D 83 71.99 4.11 13.14
C GLY D 83 71.54 5.16 14.14
N GLU D 84 71.60 6.42 13.73
CA GLU D 84 71.21 7.53 14.60
C GLU D 84 70.11 8.39 14.00
N VAL D 85 69.47 9.18 14.86
CA VAL D 85 68.42 10.10 14.48
C VAL D 85 68.42 11.24 15.49
N GLN D 86 68.05 12.44 15.05
CA GLN D 86 68.02 13.57 15.94
C GLN D 86 66.80 13.50 16.85
N ASP D 87 65.74 14.21 16.49
CA ASP D 87 64.55 14.18 17.32
C ASP D 87 63.63 13.03 16.89
N LEU D 88 63.00 12.41 17.89
CA LEU D 88 62.08 11.31 17.67
C LEU D 88 60.71 11.75 18.15
N TYR D 89 59.67 11.29 17.48
CA TYR D 89 58.31 11.64 17.88
C TYR D 89 57.38 10.44 18.06
N LEU D 90 56.73 10.37 19.21
CA LEU D 90 55.77 9.31 19.51
C LEU D 90 54.44 10.01 19.30
N VAL D 91 53.77 9.70 18.21
CA VAL D 91 52.51 10.34 17.91
C VAL D 91 51.30 9.47 18.19
N GLY D 92 50.43 9.97 19.05
CA GLY D 92 49.23 9.24 19.38
C GLY D 92 48.07 9.84 18.62
N ARG D 93 47.13 9.00 18.19
CA ARG D 93 45.98 9.50 17.47
C ARG D 93 44.67 8.96 18.01
N GLY D 94 44.52 9.02 19.32
CA GLY D 94 43.28 8.56 19.94
C GLY D 94 43.15 7.13 20.35
N ASP D 95 44.19 6.31 20.21
CA ASP D 95 44.07 4.91 20.62
C ASP D 95 43.91 4.81 22.13
N PRO D 96 42.72 4.39 22.60
CA PRO D 96 42.47 4.25 24.03
C PRO D 96 42.89 2.88 24.60
N THR D 97 43.53 2.06 23.77
CA THR D 97 43.97 0.74 24.22
C THR D 97 45.49 0.57 24.10
N LEU D 98 46.18 1.68 23.86
CA LEU D 98 47.63 1.64 23.71
C LEU D 98 48.29 1.24 25.02
N SER D 99 48.82 0.03 25.09
CA SER D 99 49.45 -0.47 26.30
C SER D 99 50.97 -0.31 26.35
N ALA D 100 51.55 -0.60 27.51
CA ALA D 100 52.99 -0.49 27.69
C ALA D 100 53.65 -1.46 26.72
N GLU D 101 53.10 -2.65 26.64
CA GLU D 101 53.64 -3.66 25.74
C GLU D 101 53.61 -3.11 24.33
N ASP D 102 52.52 -2.45 23.96
CA ASP D 102 52.45 -1.87 22.63
C ASP D 102 53.67 -0.96 22.46
N LEU D 103 54.00 -0.21 23.51
CA LEU D 103 55.15 0.70 23.47
C LEU D 103 56.45 -0.06 23.31
N ASP D 104 56.50 -1.26 23.88
CA ASP D 104 57.70 -2.07 23.79
C ASP D 104 57.87 -2.53 22.34
N ALA D 105 56.83 -3.13 21.79
CA ALA D 105 56.86 -3.61 20.42
C ALA D 105 57.30 -2.50 19.46
N MET D 106 56.87 -1.27 19.73
CA MET D 106 57.24 -0.14 18.89
C MET D 106 58.70 0.23 19.06
N ALA D 107 59.20 0.15 20.29
CA ALA D 107 60.59 0.45 20.56
C ALA D 107 61.42 -0.61 19.84
N ALA D 108 60.85 -1.80 19.72
CA ALA D 108 61.50 -2.92 19.05
C ALA D 108 61.61 -2.70 17.55
N GLU D 109 60.59 -2.09 16.95
CA GLU D 109 60.64 -1.82 15.52
C GLU D 109 61.66 -0.73 15.28
N VAL D 110 61.62 0.30 16.13
CA VAL D 110 62.55 1.40 16.00
C VAL D 110 63.97 0.82 15.92
N ALA D 111 64.28 -0.12 16.81
CA ALA D 111 65.60 -0.74 16.82
C ALA D 111 65.75 -1.67 15.62
N ALA D 112 64.64 -2.19 15.11
CA ALA D 112 64.68 -3.09 13.97
C ALA D 112 64.74 -2.29 12.67
N SER D 113 64.99 -0.99 12.79
CA SER D 113 65.08 -0.15 11.60
C SER D 113 66.40 0.61 11.61
N GLY D 114 67.35 0.08 12.36
CA GLY D 114 68.66 0.71 12.43
C GLY D 114 68.87 1.72 13.54
N VAL D 115 67.79 2.26 14.11
CA VAL D 115 67.96 3.24 15.17
C VAL D 115 68.66 2.57 16.33
N ARG D 116 69.67 3.26 16.86
CA ARG D 116 70.45 2.74 17.98
C ARG D 116 70.78 3.88 18.91
N THR D 117 70.73 5.10 18.37
CA THR D 117 71.02 6.28 19.18
C THR D 117 70.17 7.48 18.76
N VAL D 118 69.41 8.00 19.72
CA VAL D 118 68.58 9.17 19.44
C VAL D 118 69.40 10.35 19.92
N ARG D 119 70.10 10.98 18.97
CA ARG D 119 70.96 12.12 19.24
C ARG D 119 70.19 13.31 19.78
N GLY D 120 68.97 13.50 19.28
CA GLY D 120 68.15 14.61 19.74
C GLY D 120 67.27 14.26 20.92
N ASP D 121 66.04 14.77 20.90
CA ASP D 121 65.10 14.51 21.99
C ASP D 121 63.93 13.64 21.56
N LEU D 122 63.26 13.11 22.57
CA LEU D 122 62.10 12.26 22.36
C LEU D 122 60.87 13.12 22.64
N TYR D 123 59.97 13.19 21.67
CA TYR D 123 58.77 13.98 21.81
C TYR D 123 57.48 13.18 21.84
N ALA D 124 56.60 13.54 22.76
CA ALA D 124 55.31 12.91 22.90
C ALA D 124 54.31 13.86 22.23
N ASP D 125 53.79 13.44 21.08
CA ASP D 125 52.84 14.26 20.32
C ASP D 125 51.40 13.76 20.46
N ASP D 126 50.61 14.55 21.18
CA ASP D 126 49.20 14.27 21.41
C ASP D 126 48.37 15.42 20.85
N THR D 127 48.90 16.10 19.84
CA THR D 127 48.19 17.23 19.27
C THR D 127 46.94 16.86 18.44
N TRP D 128 46.73 15.58 18.22
CA TRP D 128 45.58 15.11 17.47
C TRP D 128 44.33 15.64 18.17
N PHE D 129 44.42 15.78 19.48
CA PHE D 129 43.32 16.31 20.28
C PHE D 129 43.77 17.65 20.84
N ASP D 130 42.84 18.45 21.35
CA ASP D 130 43.19 19.73 21.95
C ASP D 130 43.83 19.40 23.31
N SER D 131 44.53 20.37 23.87
CA SER D 131 45.20 20.16 25.14
C SER D 131 44.30 20.27 26.39
N GLU D 132 43.01 20.55 26.20
CA GLU D 132 42.07 20.64 27.33
C GLU D 132 41.89 19.23 27.91
N ARG D 133 42.55 18.96 29.03
CA ARG D 133 42.53 17.65 29.70
C ARG D 133 41.27 17.25 30.46
N LEU D 134 40.54 18.21 31.01
CA LEU D 134 39.34 17.88 31.78
C LEU D 134 38.17 18.72 31.33
N VAL D 135 36.96 18.25 31.62
CA VAL D 135 35.76 18.99 31.26
C VAL D 135 35.60 20.11 32.27
N ASP D 136 35.16 21.26 31.81
CA ASP D 136 35.01 22.42 32.67
C ASP D 136 34.33 22.18 34.01
N ASP D 137 33.16 21.56 34.03
CA ASP D 137 32.45 21.36 35.29
C ASP D 137 32.70 20.04 36.01
N TRP D 138 33.89 19.48 35.82
CA TRP D 138 34.26 18.26 36.51
C TRP D 138 34.84 18.76 37.82
N TRP D 139 34.65 18.01 38.90
CA TRP D 139 35.18 18.42 40.19
C TRP D 139 36.65 18.07 40.33
N PRO D 140 37.46 19.05 40.75
CA PRO D 140 38.90 18.81 40.93
C PRO D 140 39.22 17.80 42.02
N GLU D 141 38.25 17.50 42.87
CA GLU D 141 38.45 16.55 43.96
C GLU D 141 38.54 15.13 43.43
N ASP D 142 37.88 14.88 42.29
CA ASP D 142 37.88 13.56 41.68
C ASP D 142 39.09 13.34 40.77
N GLU D 143 39.84 14.41 40.53
CA GLU D 143 40.99 14.33 39.64
C GLU D 143 41.99 13.21 39.88
N PRO D 144 42.24 12.83 41.15
CA PRO D 144 43.21 11.75 41.36
C PRO D 144 42.77 10.34 40.99
N TYR D 145 41.47 10.13 40.79
CA TYR D 145 40.96 8.80 40.48
C TYR D 145 40.80 8.53 39.01
N ALA D 146 40.99 7.27 38.64
CA ALA D 146 40.91 6.84 37.25
C ALA D 146 39.72 7.37 36.44
N TYR D 147 38.52 7.34 36.99
CA TYR D 147 37.36 7.81 36.24
C TYR D 147 37.49 9.25 35.83
N SER D 148 38.44 9.95 36.44
CA SER D 148 38.67 11.36 36.14
C SER D 148 40.03 11.59 35.47
N ALA D 149 40.55 10.57 34.81
CA ALA D 149 41.84 10.70 34.14
C ALA D 149 41.78 11.78 33.07
N GLN D 150 42.92 12.45 32.88
CA GLN D 150 43.01 13.49 31.88
C GLN D 150 42.88 12.90 30.48
N ILE D 151 42.33 13.69 29.56
CA ILE D 151 42.13 13.24 28.20
C ILE D 151 43.25 13.72 27.28
N SER D 152 43.84 12.78 26.54
CA SER D 152 44.91 13.10 25.62
C SER D 152 44.80 12.20 24.39
N ALA D 153 45.45 12.58 23.29
CA ALA D 153 45.40 11.78 22.07
C ALA D 153 46.40 10.65 22.15
N LEU D 154 47.38 10.81 23.03
CA LEU D 154 48.42 9.80 23.21
C LEU D 154 48.44 9.57 24.71
N THR D 155 48.13 8.35 25.11
CA THR D 155 48.10 7.97 26.51
C THR D 155 48.26 6.45 26.62
N VAL D 156 48.77 5.99 27.76
CA VAL D 156 48.94 4.56 27.98
C VAL D 156 47.78 4.03 28.79
N ALA D 157 47.25 2.88 28.38
CA ALA D 157 46.14 2.25 29.06
C ALA D 157 46.67 1.11 29.93
N HIS D 158 46.09 0.96 31.11
CA HIS D 158 46.50 -0.07 32.05
C HIS D 158 45.54 -1.26 32.16
N GLY D 159 46.12 -2.46 32.22
CA GLY D 159 45.34 -3.67 32.35
C GLY D 159 44.49 -4.07 31.17
N GLU D 160 43.72 -5.14 31.34
CA GLU D 160 42.86 -5.65 30.27
C GLU D 160 41.57 -4.86 30.13
N ARG D 161 41.38 -3.88 31.01
CA ARG D 161 40.18 -3.03 30.96
C ARG D 161 40.56 -1.68 30.37
N PHE D 162 41.82 -1.56 29.98
CA PHE D 162 42.36 -0.35 29.37
C PHE D 162 42.05 0.96 30.07
N ASP D 163 42.50 1.08 31.31
CA ASP D 163 42.29 2.29 32.07
C ASP D 163 43.40 3.22 31.63
N THR D 164 43.02 4.29 30.93
CA THR D 164 43.95 5.29 30.40
C THR D 164 44.42 6.38 31.37
N GLY D 165 45.61 6.92 31.10
CA GLY D 165 46.19 7.99 31.90
C GLY D 165 46.38 7.75 33.39
N VAL D 166 46.52 6.49 33.80
CA VAL D 166 46.68 6.20 35.21
C VAL D 166 47.90 5.35 35.47
N THR D 167 48.32 5.30 36.72
CA THR D 167 49.47 4.51 37.09
C THR D 167 49.03 3.59 38.22
N GLU D 168 49.66 2.43 38.33
CA GLU D 168 49.31 1.50 39.39
C GLU D 168 50.26 1.67 40.56
N VAL D 169 49.71 2.11 41.69
CA VAL D 169 50.48 2.33 42.89
C VAL D 169 50.38 1.11 43.78
N SER D 170 51.51 0.72 44.36
CA SER D 170 51.52 -0.43 45.25
C SER D 170 52.11 0.02 46.58
N VAL D 171 51.45 -0.36 47.67
CA VAL D 171 51.95 0.01 48.99
C VAL D 171 52.11 -1.27 49.78
N THR D 172 53.35 -1.64 50.04
CA THR D 172 53.65 -2.86 50.78
C THR D 172 54.06 -2.57 52.21
N PRO D 173 53.42 -3.23 53.17
CA PRO D 173 53.78 -3.00 54.57
C PRO D 173 55.12 -3.64 54.93
N ALA D 174 55.78 -3.05 55.91
CA ALA D 174 57.06 -3.57 56.41
C ALA D 174 56.76 -4.15 57.80
N ALA D 175 57.74 -4.08 58.70
CA ALA D 175 57.54 -4.56 60.05
C ALA D 175 56.89 -3.42 60.84
N GLU D 176 56.03 -3.78 61.80
CA GLU D 176 55.34 -2.80 62.62
C GLU D 176 56.21 -1.61 63.02
N GLY D 177 55.76 -0.42 62.69
CA GLY D 177 56.48 0.79 63.06
C GLY D 177 57.42 1.34 62.01
N GLU D 178 57.85 0.52 61.08
CA GLU D 178 58.76 0.98 60.04
C GLU D 178 57.99 1.63 58.90
N PRO D 179 58.66 2.47 58.10
CA PRO D 179 57.96 3.11 56.97
C PRO D 179 57.44 2.06 56.00
N ALA D 180 56.49 2.47 55.15
CA ALA D 180 55.89 1.55 54.18
C ALA D 180 56.59 1.64 52.82
N ASP D 181 56.50 0.58 52.04
CA ASP D 181 57.12 0.61 50.74
C ASP D 181 56.07 1.01 49.74
N VAL D 182 56.44 1.93 48.84
CA VAL D 182 55.51 2.41 47.83
C VAL D 182 56.12 2.39 46.42
N ASP D 183 55.60 1.52 45.58
CA ASP D 183 56.04 1.42 44.19
C ASP D 183 55.01 2.21 43.39
N LEU D 184 55.49 3.06 42.49
CA LEU D 184 54.60 3.91 41.70
C LEU D 184 54.16 3.31 40.38
N GLY D 185 54.57 2.10 40.11
CA GLY D 185 54.18 1.49 38.84
C GLY D 185 54.77 2.27 37.70
N ALA D 186 54.04 2.37 36.60
CA ALA D 186 54.54 3.09 35.44
C ALA D 186 55.00 4.51 35.74
N ALA D 187 54.27 5.20 36.61
CA ALA D 187 54.60 6.57 36.96
C ALA D 187 55.97 6.72 37.60
N GLU D 188 56.57 5.60 38.02
CA GLU D 188 57.90 5.62 38.65
C GLU D 188 58.90 6.34 37.76
N GLY D 189 59.54 7.37 38.29
CA GLY D 189 60.53 8.10 37.51
C GLY D 189 59.92 9.26 36.74
N TYR D 190 58.60 9.36 36.77
CA TYR D 190 57.89 10.45 36.10
C TYR D 190 57.16 11.26 37.15
N ALA D 191 56.50 10.56 38.07
CA ALA D 191 55.78 11.22 39.13
C ALA D 191 56.62 11.25 40.41
N GLU D 192 56.41 12.30 41.19
CA GLU D 192 57.11 12.47 42.44
C GLU D 192 56.38 11.73 43.54
N LEU D 193 57.14 11.17 44.47
CA LEU D 193 56.58 10.41 45.58
C LEU D 193 56.81 11.14 46.89
N ASP D 194 55.77 11.22 47.71
CA ASP D 194 55.83 11.86 49.04
C ASP D 194 55.24 10.83 49.99
N ASN D 195 56.06 9.84 50.35
CA ASN D 195 55.62 8.78 51.24
C ASN D 195 55.73 9.13 52.72
N ARG D 196 54.60 9.09 53.41
CA ARG D 196 54.54 9.38 54.85
C ARG D 196 53.86 8.23 55.56
N ALA D 197 53.37 7.27 54.79
CA ALA D 197 52.68 6.12 55.37
C ALA D 197 53.64 5.26 56.19
N VAL D 198 53.10 4.58 57.20
CA VAL D 198 53.90 3.71 58.05
C VAL D 198 53.19 2.38 58.22
N THR D 199 53.82 1.46 58.93
CA THR D 199 53.22 0.16 59.15
C THR D 199 52.65 0.15 60.57
N GLY D 200 51.38 -0.22 60.67
CA GLY D 200 50.76 -0.27 61.97
C GLY D 200 50.98 -1.65 62.54
N ALA D 201 50.44 -1.87 63.73
CA ALA D 201 50.57 -3.17 64.36
C ALA D 201 49.73 -4.16 63.56
N ALA D 202 50.06 -5.44 63.67
CA ALA D 202 49.28 -6.43 62.96
C ALA D 202 47.91 -6.36 63.62
N GLY D 203 46.87 -6.22 62.82
CA GLY D 203 45.53 -6.13 63.36
C GLY D 203 45.07 -4.70 63.57
N SER D 204 45.97 -3.73 63.43
CA SER D 204 45.57 -2.34 63.61
C SER D 204 44.64 -1.90 62.48
N ALA D 205 44.07 -0.72 62.65
CA ALA D 205 43.15 -0.18 61.65
C ALA D 205 43.91 0.36 60.44
N ASN D 206 43.36 0.12 59.26
CA ASN D 206 43.94 0.59 58.01
C ASN D 206 43.48 2.03 57.80
N THR D 207 44.41 2.97 57.83
CA THR D 207 44.08 4.37 57.61
C THR D 207 44.89 4.88 56.42
N LEU D 208 45.32 3.94 55.58
CA LEU D 208 46.14 4.28 54.43
C LEU D 208 45.41 5.16 53.43
N VAL D 209 46.15 6.11 52.87
CA VAL D 209 45.60 7.03 51.88
C VAL D 209 46.59 7.31 50.75
N ILE D 210 46.16 7.05 49.52
CA ILE D 210 46.98 7.29 48.34
C ILE D 210 46.29 8.45 47.63
N ASP D 211 47.02 9.55 47.45
CA ASP D 211 46.41 10.72 46.86
C ASP D 211 47.31 11.45 45.86
N ARG D 212 46.73 12.38 45.12
CA ARG D 212 47.47 13.19 44.17
C ARG D 212 46.95 14.61 44.32
N PRO D 213 47.52 15.37 45.28
CA PRO D 213 47.13 16.75 45.55
C PRO D 213 46.85 17.47 44.24
N VAL D 214 45.72 18.16 44.17
CA VAL D 214 45.39 18.86 42.93
C VAL D 214 46.49 19.81 42.47
N GLY D 215 46.68 19.89 41.17
CA GLY D 215 47.68 20.78 40.62
C GLY D 215 49.08 20.34 40.93
N THR D 216 49.31 19.04 41.01
CA THR D 216 50.63 18.51 41.27
C THR D 216 50.76 17.16 40.59
N ASN D 217 51.99 16.73 40.36
CA ASN D 217 52.19 15.43 39.74
C ASN D 217 52.85 14.55 40.78
N THR D 218 52.41 14.73 42.03
CA THR D 218 52.94 14.01 43.16
C THR D 218 51.96 13.00 43.74
N ILE D 219 52.41 11.77 43.94
CA ILE D 219 51.56 10.77 44.56
C ILE D 219 51.91 10.82 46.04
N ALA D 220 51.03 11.39 46.84
CA ALA D 220 51.25 11.50 48.28
C ALA D 220 50.58 10.35 49.02
N VAL D 221 51.37 9.57 49.75
CA VAL D 221 50.83 8.45 50.51
C VAL D 221 50.98 8.74 52.00
N THR D 222 49.92 8.49 52.76
CA THR D 222 49.96 8.72 54.21
C THR D 222 49.02 7.76 54.93
N GLY D 223 49.09 7.79 56.26
CA GLY D 223 48.24 6.91 57.02
C GLY D 223 49.02 5.71 57.50
N SER D 224 48.31 4.66 57.91
CA SER D 224 48.92 3.46 58.43
C SER D 224 48.34 2.18 57.84
N LEU D 225 49.22 1.31 57.38
CA LEU D 225 48.83 0.03 56.80
C LEU D 225 49.25 -1.05 57.77
N PRO D 226 48.32 -1.91 58.19
CA PRO D 226 48.65 -2.98 59.13
C PRO D 226 49.77 -3.87 58.60
N ALA D 227 50.65 -4.31 59.48
CA ALA D 227 51.76 -5.17 59.09
C ALA D 227 51.26 -6.47 58.49
N ASP D 228 50.28 -7.08 59.14
CA ASP D 228 49.72 -8.34 58.67
C ASP D 228 48.85 -8.17 57.44
N ALA D 229 48.62 -6.91 57.06
CA ALA D 229 47.78 -6.63 55.90
C ALA D 229 48.40 -7.12 54.60
N ALA D 230 47.57 -7.25 53.57
CA ALA D 230 48.06 -7.68 52.27
C ALA D 230 48.54 -6.44 51.53
N PRO D 231 49.54 -6.59 50.66
CA PRO D 231 49.98 -5.39 49.95
C PRO D 231 48.81 -4.76 49.19
N VAL D 232 48.74 -3.45 49.24
CA VAL D 232 47.68 -2.71 48.57
C VAL D 232 48.12 -2.24 47.19
N THR D 233 47.16 -2.06 46.30
CA THR D 233 47.44 -1.55 44.96
C THR D 233 46.25 -0.68 44.57
N ALA D 234 46.54 0.48 43.99
CA ALA D 234 45.51 1.42 43.58
C ALA D 234 45.88 2.09 42.27
N LEU D 235 44.87 2.55 41.54
CA LEU D 235 45.06 3.23 40.27
C LEU D 235 44.90 4.71 40.49
N ARG D 236 45.99 5.46 40.40
CA ARG D 236 45.93 6.89 40.57
C ARG D 236 46.30 7.57 39.25
N THR D 237 45.68 8.70 38.97
CA THR D 237 45.96 9.43 37.73
C THR D 237 47.27 10.20 37.83
N VAL D 238 47.73 10.67 36.68
CA VAL D 238 48.94 11.45 36.63
C VAL D 238 48.67 12.67 35.76
N ASP D 239 49.60 13.61 35.76
CA ASP D 239 49.46 14.82 34.98
C ASP D 239 50.12 14.64 33.60
N GLU D 240 49.44 15.06 32.54
CA GLU D 240 49.94 14.93 31.17
C GLU D 240 50.19 13.48 30.75
N PRO D 241 49.10 12.75 30.51
CA PRO D 241 49.16 11.34 30.11
C PRO D 241 50.15 11.07 28.98
N ALA D 242 50.36 12.06 28.12
CA ALA D 242 51.29 11.92 27.00
C ALA D 242 52.75 11.95 27.43
N ALA D 243 53.05 12.70 28.48
CA ALA D 243 54.42 12.77 28.97
C ALA D 243 54.79 11.42 29.63
N LEU D 244 53.84 10.86 30.37
CA LEU D 244 54.05 9.57 31.01
C LEU D 244 54.32 8.55 29.93
N ALA D 245 53.55 8.63 28.85
CA ALA D 245 53.71 7.72 27.73
C ALA D 245 55.13 7.88 27.18
N GLY D 246 55.55 9.12 26.95
CA GLY D 246 56.89 9.37 26.46
C GLY D 246 57.94 8.89 27.44
N HIS D 247 57.63 8.96 28.72
CA HIS D 247 58.57 8.50 29.71
C HIS D 247 58.79 7.00 29.59
N LEU D 248 57.72 6.27 29.31
CA LEU D 248 57.79 4.83 29.18
C LEU D 248 58.47 4.42 27.87
N PHE D 249 58.17 5.17 26.81
CA PHE D 249 58.76 4.86 25.51
C PHE D 249 60.27 5.00 25.60
N GLU D 250 60.73 5.96 26.39
CA GLU D 250 62.14 6.16 26.56
C GLU D 250 62.73 4.92 27.19
N GLU D 251 62.03 4.39 28.18
CA GLU D 251 62.47 3.19 28.89
C GLU D 251 62.39 1.98 27.97
N ALA D 252 61.39 1.98 27.08
CA ALA D 252 61.20 0.88 26.15
C ALA D 252 62.32 0.89 25.13
N LEU D 253 62.75 2.08 24.75
CA LEU D 253 63.83 2.21 23.79
C LEU D 253 65.10 1.72 24.49
N GLU D 254 65.28 2.12 25.73
CA GLU D 254 66.45 1.73 26.49
C GLU D 254 66.56 0.21 26.61
N SER D 255 65.42 -0.47 26.57
CA SER D 255 65.37 -1.93 26.67
C SER D 255 65.66 -2.62 25.35
N ASN D 256 65.71 -1.84 24.28
CA ASN D 256 65.98 -2.39 22.96
C ASN D 256 67.24 -1.74 22.40
N GLY D 257 68.22 -1.54 23.28
CA GLY D 257 69.49 -0.96 22.91
C GLY D 257 69.50 0.48 22.42
N VAL D 258 68.33 1.05 22.12
CA VAL D 258 68.29 2.43 21.66
C VAL D 258 68.67 3.38 22.80
N THR D 259 69.63 4.26 22.55
CA THR D 259 70.06 5.22 23.56
C THR D 259 69.51 6.60 23.27
N VAL D 260 68.85 7.20 24.26
CA VAL D 260 68.29 8.54 24.10
C VAL D 260 69.27 9.49 24.78
N LYS D 261 69.77 10.46 24.02
CA LYS D 261 70.75 11.42 24.57
C LYS D 261 70.09 12.70 25.03
N GLY D 262 68.99 13.07 24.36
CA GLY D 262 68.29 14.29 24.72
C GLY D 262 67.30 14.06 25.83
N ASP D 263 66.18 14.79 25.80
CA ASP D 263 65.16 14.64 26.81
C ASP D 263 63.84 14.16 26.25
N VAL D 264 62.88 14.00 27.15
CA VAL D 264 61.54 13.55 26.79
C VAL D 264 60.59 14.69 27.13
N GLY D 265 59.78 15.08 26.16
CA GLY D 265 58.84 16.16 26.41
C GLY D 265 57.73 16.19 25.39
N LEU D 266 56.78 17.08 25.59
CA LEU D 266 55.65 17.23 24.68
C LEU D 266 56.03 18.14 23.52
N GLY D 267 55.46 17.86 22.36
CA GLY D 267 55.73 18.66 21.19
C GLY D 267 55.24 17.93 19.97
N GLY D 268 54.59 18.64 19.06
CA GLY D 268 54.08 18.01 17.86
C GLY D 268 55.12 17.99 16.75
N VAL D 269 54.85 17.24 15.69
CA VAL D 269 55.77 17.19 14.57
C VAL D 269 55.83 18.60 13.99
N PRO D 270 57.04 19.06 13.63
CA PRO D 270 57.39 20.37 13.07
C PRO D 270 56.60 20.97 11.89
N ALA D 271 55.98 20.13 11.08
CA ALA D 271 55.21 20.60 9.91
C ALA D 271 56.12 20.77 8.70
N ASP D 272 57.25 21.46 8.90
CA ASP D 272 58.21 21.66 7.83
C ASP D 272 58.92 20.33 7.54
N TRP D 273 58.44 19.28 8.17
CA TRP D 273 58.97 17.94 8.00
C TRP D 273 58.22 17.28 6.85
N GLN D 274 58.51 17.69 5.62
CA GLN D 274 57.84 17.12 4.46
C GLN D 274 58.16 15.64 4.24
N ASP D 275 59.43 15.27 4.44
CA ASP D 275 59.86 13.88 4.26
C ASP D 275 59.74 13.09 5.56
N ALA D 276 58.55 13.09 6.15
CA ALA D 276 58.33 12.37 7.41
C ALA D 276 58.68 10.89 7.31
N GLU D 277 59.38 10.38 8.33
CA GLU D 277 59.80 8.99 8.36
C GLU D 277 59.19 8.21 9.53
N VAL D 278 58.44 7.16 9.23
CA VAL D 278 57.82 6.34 10.25
C VAL D 278 58.71 5.12 10.54
N LEU D 279 59.19 5.02 11.78
CA LEU D 279 60.09 3.93 12.18
C LEU D 279 59.35 2.78 12.85
N ALA D 280 58.12 3.06 13.28
CA ALA D 280 57.30 2.06 13.94
C ALA D 280 55.89 2.59 14.05
N ASP D 281 54.94 1.69 14.23
CA ASP D 281 53.55 2.11 14.37
C ASP D 281 52.69 0.95 14.83
N HIS D 282 51.63 1.28 15.55
CA HIS D 282 50.74 0.26 16.06
C HIS D 282 49.33 0.60 15.69
N THR D 283 48.46 -0.40 15.72
CA THR D 283 47.06 -0.21 15.41
C THR D 283 46.21 -0.97 16.41
N SER D 284 45.17 -0.31 16.91
CA SER D 284 44.26 -0.88 17.88
C SER D 284 43.28 -1.81 17.21
N ALA D 285 42.50 -2.51 18.02
CA ALA D 285 41.49 -3.40 17.50
C ALA D 285 40.39 -2.47 16.98
N GLU D 286 39.46 -3.02 16.22
CA GLU D 286 38.39 -2.21 15.69
C GLU D 286 37.47 -1.74 16.82
N LEU D 287 36.92 -0.54 16.65
CA LEU D 287 36.04 0.05 17.63
C LEU D 287 35.08 -0.97 18.23
N SER D 288 34.44 -1.76 17.38
CA SER D 288 33.47 -2.77 17.80
C SER D 288 33.98 -3.67 18.92
N GLU D 289 35.30 -3.80 18.99
CA GLU D 289 35.93 -4.62 20.01
C GLU D 289 36.24 -3.78 21.24
N ILE D 290 36.55 -2.51 21.03
CA ILE D 290 36.87 -1.58 22.10
C ILE D 290 35.63 -1.19 22.90
N LEU D 291 34.46 -1.22 22.25
CA LEU D 291 33.22 -0.88 22.89
C LEU D 291 32.88 -1.79 24.07
N VAL D 292 33.36 -3.02 24.04
CA VAL D 292 33.09 -3.93 25.14
C VAL D 292 33.74 -3.42 26.42
N PRO D 293 35.09 -3.35 26.47
CA PRO D 293 35.74 -2.87 27.71
C PRO D 293 35.24 -1.47 28.07
N PHE D 294 34.84 -0.72 27.05
CA PHE D 294 34.33 0.63 27.23
C PHE D 294 32.99 0.65 27.98
N MET D 295 31.96 0.03 27.41
CA MET D 295 30.62 0.00 28.01
C MET D 295 30.45 -0.97 29.17
N LYS D 296 31.08 -2.13 29.09
CA LYS D 296 30.98 -3.12 30.14
C LYS D 296 31.36 -2.48 31.47
N PHE D 297 32.53 -1.84 31.48
CA PHE D 297 33.06 -1.23 32.69
C PHE D 297 32.81 0.25 32.84
N SER D 298 32.28 0.88 31.80
CA SER D 298 31.97 2.31 31.86
C SER D 298 33.20 3.20 31.95
N ASN D 299 34.14 3.05 31.02
CA ASN D 299 35.38 3.83 30.97
C ASN D 299 35.16 5.29 30.54
N ASN D 300 35.42 6.25 31.42
CA ASN D 300 35.23 7.67 31.06
C ASN D 300 36.30 8.20 30.12
N GLY D 301 37.45 7.56 30.13
CA GLY D 301 38.53 7.97 29.25
C GLY D 301 38.12 7.66 27.82
N HIS D 302 37.61 6.45 27.61
CA HIS D 302 37.16 6.01 26.30
C HIS D 302 36.05 6.93 25.77
N ALA D 303 35.09 7.27 26.62
CA ALA D 303 33.99 8.14 26.23
C ALA D 303 34.48 9.50 25.77
N GLU D 304 35.36 10.12 26.55
CA GLU D 304 35.88 11.42 26.18
C GLU D 304 36.78 11.34 24.96
N MET D 305 37.53 10.25 24.84
CA MET D 305 38.41 10.11 23.70
C MET D 305 37.63 9.88 22.42
N LEU D 306 36.50 9.18 22.52
CA LEU D 306 35.66 8.92 21.34
C LEU D 306 35.03 10.22 20.86
N VAL D 307 34.64 11.07 21.81
CA VAL D 307 34.04 12.34 21.46
C VAL D 307 35.00 13.18 20.64
N LYS D 308 36.23 13.29 21.09
CA LYS D 308 37.21 14.09 20.39
C LYS D 308 37.59 13.44 19.06
N SER D 309 37.52 12.12 19.00
CA SER D 309 37.82 11.40 17.76
C SER D 309 36.72 11.78 16.78
N ILE D 310 35.47 11.75 17.26
CA ILE D 310 34.33 12.11 16.43
C ILE D 310 34.52 13.56 15.97
N GLY D 311 35.05 14.40 16.86
CA GLY D 311 35.27 15.78 16.50
C GLY D 311 36.27 15.87 15.36
N GLN D 312 37.27 15.01 15.40
CA GLN D 312 38.29 14.99 14.36
C GLN D 312 37.69 14.55 13.03
N GLU D 313 36.97 13.44 13.05
CA GLU D 313 36.35 12.91 11.84
C GLU D 313 35.27 13.79 11.21
N THR D 314 34.60 14.62 12.01
CA THR D 314 33.53 15.46 11.49
C THR D 314 33.83 16.92 11.28
N ALA D 315 34.76 17.47 12.04
CA ALA D 315 35.06 18.89 11.92
C ALA D 315 36.54 19.18 11.79
N GLY D 316 37.37 18.14 11.91
CA GLY D 316 38.80 18.35 11.81
C GLY D 316 39.42 18.95 13.06
N ALA D 317 38.81 18.67 14.21
CA ALA D 317 39.32 19.19 15.47
C ALA D 317 39.03 18.28 16.65
N GLY D 318 40.06 17.70 17.23
CA GLY D 318 39.87 16.83 18.37
C GLY D 318 39.55 17.64 19.62
N THR D 319 38.34 18.21 19.66
CA THR D 319 37.91 19.01 20.79
C THR D 319 36.50 18.61 21.23
N TRP D 320 36.17 18.88 22.49
CA TRP D 320 34.84 18.54 23.02
C TRP D 320 33.68 19.27 22.36
N ASP D 321 33.94 20.47 21.84
CA ASP D 321 32.85 21.21 21.18
C ASP D 321 32.55 20.59 19.83
N ALA D 322 33.58 20.37 19.02
CA ALA D 322 33.35 19.76 17.72
C ALA D 322 32.76 18.36 17.94
N GLY D 323 33.37 17.60 18.84
CA GLY D 323 32.89 16.26 19.15
C GLY D 323 31.45 16.20 19.59
N LEU D 324 31.08 17.03 20.56
CA LEU D 324 29.71 17.08 21.08
C LEU D 324 28.72 17.52 20.00
N VAL D 325 29.16 18.36 19.08
CA VAL D 325 28.28 18.78 18.00
C VAL D 325 28.12 17.55 17.11
N GLY D 326 29.24 16.86 16.88
CA GLY D 326 29.24 15.66 16.06
C GLY D 326 28.33 14.58 16.64
N VAL D 327 28.41 14.37 17.95
CA VAL D 327 27.58 13.37 18.59
C VAL D 327 26.11 13.69 18.44
N GLU D 328 25.79 14.96 18.54
CA GLU D 328 24.42 15.43 18.46
C GLU D 328 23.83 15.23 17.08
N GLU D 329 24.59 15.57 16.06
CA GLU D 329 24.12 15.43 14.69
C GLU D 329 24.07 13.98 14.29
N ALA D 330 24.99 13.17 14.81
CA ALA D 330 25.00 11.75 14.51
C ALA D 330 23.71 11.13 15.03
N LEU D 331 23.30 11.55 16.22
CA LEU D 331 22.08 11.05 16.83
C LEU D 331 20.85 11.44 16.03
N SER D 332 20.82 12.66 15.52
CA SER D 332 19.69 13.11 14.73
C SER D 332 19.63 12.31 13.44
N GLY D 333 20.77 12.19 12.77
CA GLY D 333 20.82 11.43 11.54
C GLY D 333 20.45 9.98 11.78
N LEU D 334 20.39 9.59 13.05
CA LEU D 334 20.05 8.22 13.40
C LEU D 334 18.56 8.09 13.72
N GLY D 335 17.83 9.18 13.55
CA GLY D 335 16.40 9.14 13.79
C GLY D 335 15.99 9.38 15.23
N VAL D 336 16.88 9.95 16.02
CA VAL D 336 16.57 10.25 17.42
C VAL D 336 16.36 11.74 17.63
N ASP D 337 15.25 12.08 18.27
CA ASP D 337 14.93 13.48 18.56
C ASP D 337 15.81 13.92 19.73
N THR D 338 16.74 14.81 19.43
CA THR D 338 17.69 15.30 20.41
C THR D 338 17.26 16.62 21.07
N ALA D 339 15.96 16.88 21.07
CA ALA D 339 15.44 18.11 21.66
C ALA D 339 15.74 18.28 23.16
N GLY D 340 15.41 17.27 23.95
CA GLY D 340 15.64 17.37 25.38
C GLY D 340 17.06 17.13 25.85
N LEU D 341 17.95 16.77 24.92
CA LEU D 341 19.34 16.50 25.28
C LEU D 341 20.16 17.75 25.54
N VAL D 342 21.20 17.58 26.35
CA VAL D 342 22.13 18.65 26.68
C VAL D 342 23.45 17.92 26.90
N LEU D 343 24.37 18.07 25.94
CA LEU D 343 25.65 17.39 26.01
C LEU D 343 26.79 18.25 26.49
N ASN D 344 27.42 17.85 27.58
CA ASN D 344 28.56 18.62 28.07
C ASN D 344 29.83 17.78 28.02
N ASP D 345 29.67 16.46 28.08
CA ASP D 345 30.80 15.54 27.98
C ASP D 345 30.26 14.21 27.49
N GLY D 346 31.14 13.35 27.00
CA GLY D 346 30.68 12.07 26.46
C GLY D 346 30.59 10.93 27.44
N SER D 347 31.08 11.11 28.65
CA SER D 347 31.02 10.04 29.63
C SER D 347 29.85 10.22 30.60
N GLY D 348 29.29 11.43 30.63
CA GLY D 348 28.19 11.67 31.53
C GLY D 348 28.70 11.84 32.95
N LEU D 349 29.99 12.16 33.10
CA LEU D 349 30.58 12.36 34.42
C LEU D 349 30.14 13.77 34.86
N SER D 350 30.03 14.66 33.88
CA SER D 350 29.62 16.05 34.10
C SER D 350 28.16 16.23 34.45
N ARG D 351 27.92 17.03 35.48
CA ARG D 351 26.57 17.36 35.96
C ARG D 351 25.89 18.27 34.95
N GLY D 352 26.65 18.77 33.98
CA GLY D 352 26.09 19.65 32.98
C GLY D 352 25.32 18.90 31.90
N ASN D 353 25.21 17.59 32.03
CA ASN D 353 24.48 16.78 31.05
C ASN D 353 23.01 16.68 31.44
N LEU D 354 22.18 16.44 30.43
CA LEU D 354 20.73 16.30 30.61
C LEU D 354 20.14 15.39 29.54
N VAL D 355 19.20 14.56 29.94
CA VAL D 355 18.51 13.67 29.00
C VAL D 355 17.11 13.45 29.56
N THR D 356 16.32 12.63 28.88
CA THR D 356 14.98 12.29 29.34
C THR D 356 14.87 10.79 29.12
N ALA D 357 13.98 10.15 29.85
CA ALA D 357 13.80 8.71 29.70
C ALA D 357 13.31 8.41 28.29
N ASP D 358 12.53 9.32 27.71
CA ASP D 358 12.03 9.12 26.35
C ASP D 358 13.18 9.11 25.35
N THR D 359 14.06 10.11 25.43
CA THR D 359 15.17 10.19 24.49
C THR D 359 16.02 8.94 24.50
N VAL D 360 16.20 8.36 25.69
CA VAL D 360 17.00 7.15 25.83
C VAL D 360 16.32 5.97 25.13
N VAL D 361 15.06 5.74 25.50
CA VAL D 361 14.28 4.66 24.91
C VAL D 361 14.24 4.86 23.40
N ASP D 362 14.17 6.13 22.99
CA ASP D 362 14.16 6.48 21.58
C ASP D 362 15.45 5.93 20.97
N LEU D 363 16.58 6.34 21.56
CA LEU D 363 17.88 5.87 21.11
C LEU D 363 17.98 4.34 21.17
N LEU D 364 17.38 3.75 22.21
CA LEU D 364 17.41 2.30 22.35
C LEU D 364 16.70 1.64 21.17
N GLY D 365 15.61 2.26 20.72
CA GLY D 365 14.88 1.72 19.58
C GLY D 365 15.69 1.83 18.30
N GLN D 366 16.15 3.05 17.99
CA GLN D 366 16.92 3.29 16.79
C GLN D 366 18.13 2.37 16.65
N ALA D 367 18.98 2.35 17.67
CA ALA D 367 20.19 1.53 17.66
C ALA D 367 19.89 0.06 17.39
N GLY D 368 18.87 -0.46 18.07
CA GLY D 368 18.50 -1.86 17.91
C GLY D 368 18.26 -2.29 16.48
N SER D 369 17.93 -1.34 15.62
CA SER D 369 17.66 -1.64 14.22
C SER D 369 18.65 -0.95 13.29
N ALA D 370 19.86 -0.72 13.75
CA ALA D 370 20.88 -0.08 12.92
C ALA D 370 21.80 -1.21 12.47
N PRO D 371 22.56 -1.00 11.38
CA PRO D 371 23.42 -2.12 11.00
C PRO D 371 24.39 -2.57 12.09
N TRP D 372 24.80 -1.66 12.97
CA TRP D 372 25.71 -2.02 14.05
C TRP D 372 25.01 -2.50 15.32
N ALA D 373 23.70 -2.74 15.21
CA ALA D 373 22.89 -3.19 16.33
C ALA D 373 23.50 -4.36 17.11
N GLN D 374 23.99 -5.36 16.39
CA GLN D 374 24.58 -6.53 17.04
C GLN D 374 25.87 -6.29 17.81
N THR D 375 26.73 -5.40 17.30
CA THR D 375 27.99 -5.10 17.98
C THR D 375 27.70 -4.16 19.15
N TRP D 376 26.63 -3.39 19.00
CA TRP D 376 26.18 -2.44 20.02
C TRP D 376 25.65 -3.14 21.26
N SER D 377 24.88 -4.20 21.08
CA SER D 377 24.34 -4.93 22.23
C SER D 377 25.40 -5.76 22.92
N ALA D 378 26.39 -6.19 22.17
CA ALA D 378 27.46 -7.00 22.73
C ALA D 378 28.24 -6.24 23.80
N SER D 379 28.23 -4.91 23.73
CA SER D 379 28.96 -4.09 24.68
C SER D 379 28.20 -3.81 25.97
N LEU D 380 26.88 -3.99 25.93
CA LEU D 380 26.04 -3.76 27.09
C LEU D 380 26.22 -4.83 28.16
N PRO D 381 26.31 -4.41 29.43
CA PRO D 381 26.48 -5.38 30.52
C PRO D 381 25.25 -6.28 30.67
N VAL D 382 25.49 -7.53 31.06
CA VAL D 382 24.41 -8.47 31.27
C VAL D 382 24.29 -8.73 32.77
N ALA D 383 23.12 -8.38 33.32
CA ALA D 383 22.85 -8.54 34.73
C ALA D 383 23.11 -9.94 35.21
N GLY D 384 23.78 -10.04 36.35
CA GLY D 384 24.03 -11.33 36.96
C GLY D 384 25.16 -12.20 36.44
N GLU D 385 25.73 -11.88 35.28
CA GLU D 385 26.82 -12.68 34.75
C GLU D 385 28.10 -12.37 35.51
N SER D 386 28.66 -13.40 36.16
CA SER D 386 29.86 -13.22 36.96
C SER D 386 31.11 -12.84 36.20
N ASP D 387 31.21 -13.27 34.94
CA ASP D 387 32.38 -12.95 34.12
C ASP D 387 32.45 -11.43 33.93
N PRO D 388 33.53 -10.80 34.42
CA PRO D 388 33.66 -9.35 34.28
C PRO D 388 33.29 -8.83 32.88
N PHE D 389 33.93 -9.38 31.86
CA PHE D 389 33.67 -8.93 30.49
C PHE D 389 32.29 -9.21 29.94
N VAL D 390 31.48 -9.95 30.69
CA VAL D 390 30.13 -10.21 30.23
C VAL D 390 29.19 -9.45 31.15
N GLY D 391 29.40 -9.59 32.45
CA GLY D 391 28.56 -8.93 33.42
C GLY D 391 28.78 -7.44 33.54
N GLY D 392 30.02 -7.01 33.36
CA GLY D 392 30.31 -5.58 33.46
C GLY D 392 29.87 -5.04 34.81
N THR D 393 29.33 -3.82 34.82
CA THR D 393 28.87 -3.20 36.06
C THR D 393 27.63 -3.86 36.65
N LEU D 394 27.05 -4.82 35.93
CA LEU D 394 25.87 -5.54 36.41
C LEU D 394 26.26 -6.94 36.83
N ALA D 395 27.56 -7.20 36.88
CA ALA D 395 28.04 -8.52 37.26
C ALA D 395 27.43 -9.00 38.59
N ASN D 396 27.33 -8.10 39.57
CA ASN D 396 26.79 -8.47 40.87
C ASN D 396 25.42 -7.90 41.19
N ARG D 397 24.57 -7.81 40.17
CA ARG D 397 23.23 -7.30 40.35
C ARG D 397 22.23 -8.26 39.72
N MET D 398 21.09 -8.40 40.37
CA MET D 398 20.01 -9.26 39.91
C MET D 398 20.41 -10.74 39.75
N ARG D 399 21.35 -11.20 40.56
CA ARG D 399 21.76 -12.59 40.51
C ARG D 399 20.64 -13.40 41.15
N GLY D 400 20.46 -14.63 40.69
CA GLY D 400 19.42 -15.47 41.25
C GLY D 400 18.01 -15.06 40.91
N THR D 401 17.84 -14.13 39.98
CA THR D 401 16.51 -13.68 39.58
C THR D 401 16.26 -13.94 38.08
N ALA D 402 15.01 -13.71 37.65
CA ALA D 402 14.64 -13.93 36.26
C ALA D 402 15.45 -13.07 35.31
N ALA D 403 16.03 -12.00 35.83
CA ALA D 403 16.80 -11.06 35.02
C ALA D 403 18.24 -11.51 34.68
N GLU D 404 18.79 -12.40 35.51
CA GLU D 404 20.15 -12.89 35.30
C GLU D 404 20.40 -13.42 33.89
N GLY D 405 21.37 -12.83 33.20
CA GLY D 405 21.70 -13.26 31.86
C GLY D 405 20.69 -12.82 30.83
N VAL D 406 19.69 -12.05 31.26
CA VAL D 406 18.66 -11.58 30.33
C VAL D 406 18.79 -10.09 30.08
N VAL D 407 18.56 -9.30 31.12
CA VAL D 407 18.65 -7.86 31.03
C VAL D 407 20.02 -7.36 30.57
N GLU D 408 20.05 -6.72 29.41
CA GLU D 408 21.28 -6.13 28.87
C GLU D 408 21.04 -4.64 29.09
N ALA D 409 21.80 -4.03 29.98
CA ALA D 409 21.60 -2.61 30.27
C ALA D 409 22.83 -1.86 30.74
N LYS D 410 22.80 -0.55 30.52
CA LYS D 410 23.90 0.31 30.93
C LYS D 410 23.56 0.99 32.24
N THR D 411 24.53 1.02 33.15
CA THR D 411 24.36 1.62 34.44
C THR D 411 24.91 3.05 34.44
N GLY D 412 24.79 3.73 35.57
CA GLY D 412 25.26 5.09 35.68
C GLY D 412 24.79 5.66 37.00
N THR D 413 25.72 6.05 37.84
CA THR D 413 25.35 6.58 39.14
C THR D 413 26.43 7.44 39.79
N MET D 414 25.99 8.59 40.29
CA MET D 414 26.84 9.55 40.99
C MET D 414 26.08 9.95 42.24
N SER D 415 26.51 11.05 42.84
CA SER D 415 25.85 11.56 44.04
C SER D 415 24.44 12.03 43.67
N GLY D 416 23.44 11.42 44.28
CA GLY D 416 22.06 11.82 44.00
C GLY D 416 21.59 11.57 42.58
N VAL D 417 22.27 10.69 41.85
CA VAL D 417 21.90 10.37 40.48
C VAL D 417 22.17 8.90 40.22
N SER D 418 21.20 8.23 39.61
CA SER D 418 21.36 6.81 39.30
C SER D 418 20.43 6.46 38.15
N ALA D 419 20.96 5.73 37.18
CA ALA D 419 20.16 5.36 36.02
C ALA D 419 20.45 3.96 35.53
N LEU D 420 19.44 3.37 34.90
CA LEU D 420 19.53 2.04 34.34
C LEU D 420 18.67 2.07 33.07
N SER D 421 19.27 1.65 31.96
CA SER D 421 18.52 1.64 30.71
C SER D 421 19.08 0.56 29.81
N GLY D 422 18.20 -0.27 29.25
CA GLY D 422 18.66 -1.33 28.38
C GLY D 422 17.56 -2.08 27.66
N TYR D 423 17.86 -3.35 27.36
CA TYR D 423 16.94 -4.23 26.67
C TYR D 423 16.58 -5.44 27.52
N VAL D 424 15.42 -6.01 27.25
CA VAL D 424 14.96 -7.19 27.96
C VAL D 424 14.45 -8.15 26.91
N PRO D 425 15.28 -9.10 26.49
CA PRO D 425 14.94 -10.10 25.48
C PRO D 425 14.18 -11.27 26.10
N GLY D 426 12.99 -11.54 25.60
CA GLY D 426 12.24 -12.65 26.16
C GLY D 426 11.29 -13.34 25.19
N PRO D 427 11.04 -14.65 25.41
CA PRO D 427 10.15 -15.46 24.57
C PRO D 427 8.85 -14.70 24.25
N GLU D 428 8.48 -13.79 25.14
CA GLU D 428 7.27 -13.00 24.98
C GLU D 428 7.53 -11.63 24.33
N GLY D 429 8.65 -11.52 23.64
CA GLY D 429 8.99 -10.26 22.98
C GLY D 429 10.07 -9.48 23.70
N GLU D 430 10.72 -8.55 22.99
CA GLU D 430 11.77 -7.75 23.59
C GLU D 430 11.33 -6.35 24.02
N LEU D 431 11.80 -5.92 25.18
CA LEU D 431 11.46 -4.62 25.74
C LEU D 431 12.69 -3.73 25.85
N ALA D 432 12.46 -2.43 25.81
CA ALA D 432 13.51 -1.44 25.96
C ALA D 432 13.01 -0.50 27.06
N PHE D 433 13.75 -0.40 28.15
CA PHE D 433 13.36 0.45 29.25
C PHE D 433 14.42 1.49 29.56
N SER D 434 14.11 2.37 30.50
CA SER D 434 15.03 3.42 30.93
C SER D 434 14.52 4.03 32.22
N ILE D 435 15.29 3.82 33.29
CA ILE D 435 14.95 4.34 34.61
C ILE D 435 16.01 5.37 34.98
N VAL D 436 15.58 6.60 35.24
CA VAL D 436 16.53 7.64 35.61
C VAL D 436 16.01 8.33 36.86
N ASN D 437 16.80 8.24 37.94
CA ASN D 437 16.44 8.80 39.22
C ASN D 437 17.33 9.96 39.62
N ASN D 438 16.72 11.09 39.97
CA ASN D 438 17.47 12.28 40.40
C ASN D 438 16.86 12.82 41.68
N GLY D 439 17.69 13.25 42.60
CA GLY D 439 17.15 13.83 43.82
C GLY D 439 17.10 12.97 45.05
N HIS D 440 17.36 11.67 44.92
CA HIS D 440 17.34 10.82 46.12
C HIS D 440 18.44 11.30 47.08
N SER D 441 18.33 10.93 48.35
CA SER D 441 19.30 11.38 49.33
C SER D 441 20.34 10.34 49.73
N GLY D 442 19.88 9.16 50.12
CA GLY D 442 20.81 8.13 50.52
C GLY D 442 21.57 7.52 49.35
N PRO D 443 21.84 6.22 49.41
CA PRO D 443 22.56 5.57 48.31
C PRO D 443 21.66 5.42 47.09
N ALA D 444 22.27 5.30 45.91
CA ALA D 444 21.51 5.15 44.67
C ALA D 444 20.50 4.02 44.86
N PRO D 445 19.26 4.23 44.39
CA PRO D 445 18.18 3.24 44.48
C PRO D 445 18.35 2.09 43.49
N LEU D 446 19.48 1.38 43.62
CA LEU D 446 19.78 0.26 42.74
C LEU D 446 18.82 -0.91 42.98
N ALA D 447 18.24 -0.93 44.18
CA ALA D 447 17.27 -1.97 44.56
C ALA D 447 15.98 -1.77 43.78
N VAL D 448 15.55 -0.50 43.67
CA VAL D 448 14.34 -0.17 42.94
C VAL D 448 14.52 -0.55 41.48
N GLN D 449 15.64 -0.15 40.91
CA GLN D 449 15.92 -0.47 39.52
C GLN D 449 15.89 -1.98 39.25
N ASP D 450 16.64 -2.74 40.03
CA ASP D 450 16.69 -4.20 39.85
C ASP D 450 15.29 -4.81 39.93
N ALA D 451 14.49 -4.30 40.86
CA ALA D 451 13.13 -4.78 41.06
C ALA D 451 12.31 -4.61 39.78
N ILE D 452 12.37 -3.44 39.20
CA ILE D 452 11.64 -3.16 37.98
C ILE D 452 12.20 -4.07 36.87
N ALA D 453 13.52 -4.07 36.74
CA ALA D 453 14.20 -4.88 35.73
C ALA D 453 13.69 -6.32 35.81
N VAL D 454 13.68 -6.85 37.03
CA VAL D 454 13.21 -8.21 37.24
C VAL D 454 11.76 -8.37 36.80
N ARG D 455 10.92 -7.41 37.17
CA ARG D 455 9.53 -7.46 36.82
C ARG D 455 9.39 -7.53 35.29
N LEU D 456 10.19 -6.75 34.58
CA LEU D 456 10.13 -6.78 33.12
C LEU D 456 10.62 -8.13 32.61
N ALA D 457 11.66 -8.66 33.24
CA ALA D 457 12.22 -9.95 32.84
C ALA D 457 11.10 -10.97 32.86
N GLU D 458 10.36 -10.98 33.96
CA GLU D 458 9.25 -11.90 34.14
C GLU D 458 8.15 -11.60 33.13
N TYR D 459 7.87 -10.32 32.91
CA TYR D 459 6.86 -9.92 31.95
C TYR D 459 7.23 -10.38 30.53
N ALA D 460 8.53 -10.56 30.28
CA ALA D 460 8.99 -10.99 28.96
C ALA D 460 9.01 -12.51 28.90
N GLY D 461 8.53 -13.16 29.95
CA GLY D 461 8.45 -14.60 29.94
C GLY D 461 9.50 -15.38 30.71
N HIS D 462 10.37 -14.71 31.42
CA HIS D 462 11.39 -15.41 32.17
C HIS D 462 10.94 -15.82 33.56
N GLN D 463 11.68 -16.76 34.14
CA GLN D 463 11.41 -17.23 35.48
C GLN D 463 12.73 -17.20 36.22
N ALA D 464 12.67 -17.03 37.54
CA ALA D 464 13.89 -16.99 38.35
C ALA D 464 14.40 -18.39 38.55
N PRO D 465 15.72 -18.56 38.73
CA PRO D 465 16.26 -19.90 38.93
C PRO D 465 16.02 -20.33 40.38
N GLU D 466 15.75 -21.60 40.60
CA GLU D 466 15.49 -22.08 41.95
C GLU D 466 16.69 -22.77 42.57
N GLY D 467 16.72 -22.88 43.82
#